data_4A8S
#
_entry.id   4A8S
#
_cell.length_a   107.510
_cell.length_b   91.710
_cell.length_c   142.080
_cell.angle_alpha   90.00
_cell.angle_beta   102.05
_cell.angle_gamma   90.00
#
_symmetry.space_group_name_H-M   'P 1 21 1'
#
loop_
_entity.id
_entity.type
_entity.pdbx_description
1 polymer 'RNA-DIRECTED RNA POLYMERASE'
2 polymer "5'-D(*TP*TP*TP*TP*CP*GP*CP*GP*TP*AP*GP*CP*GP)-3'"
3 non-polymer 'MAGNESIUM ION'
4 non-polymer "ADENOSINE-5'-TRIPHOSPHATE"
5 water water
#
loop_
_entity_poly.entity_id
_entity_poly.type
_entity_poly.pdbx_seq_one_letter_code
_entity_poly.pdbx_strand_id
1 'polypeptide(L)'
;MPRRAPAFPLSDIKAQMLFANNIKAQQASKRSFKEGAIETYEGLLSVDPRFLSFKNELSRYLTDHFPANVDEYGRVYGNG
VRTNFFGMRHMNGFPMIPATWPLASNLKKRADADLADGPVSERDNLLFRAAVRLMFSDLEPVPLKIRKGSSTCIPYFSND
MGTKIEIAERALEKAEEAGNLMLQGKFDDAYQLHQMGGAYYVVYRAQSTDAITLDPKTGKFVSKDRMVADFEYAVTGGEQ
GSLFAASKDASRLKEQYGIDVPDGFFCERRRTAMGGPFALNAPIMAVAQPVRNKIYSKYAYTFHHTTRLNKEEKVKEWSL
CVATDVSDHDTFWPGWLRDLICDELLNMGYAPWWVKLFETSLKLPVYVGAPAPEQGHTLLGDPSNPDLEVGLSSGQGATD
LMGTLLMSITYLVMQLDHTAPHLNSRIKDMPSACRFLDSYWQGHEEIRQISKSDDAMLGWTKGRALVGGHRLFEMLKEGK
VNPSPYMKISYEHGGAFLGDILLYDSRREPGSAIFVGNINSMLNNQFSPEYGVQSGVRDRSKRKRPFPGLAWASMKDTYG
ACPIYSDVLEAIERCWWNAFGESYRAYREDMLKRDTLELSRYVASMARQAGLAELTPIDLEVLADPNKLQYKWTQADVSA
NIHEVLMHGVSVEKTERFLRSVMPR
;
A,B,C
2 'polydeoxyribonucleotide' (DT)(DT)(DT)(DT)(DC)(DG)(DC)(DG)(DT)(DA)(DG)(DC)(DG) F,G,H
#
# COMPACT_ATOMS: atom_id res chain seq x y z
N PRO A 2 28.19 11.37 11.64
CA PRO A 2 27.29 11.24 12.80
C PRO A 2 26.92 9.79 13.12
N ARG A 3 27.97 8.94 13.27
CA ARG A 3 28.02 7.51 13.59
C ARG A 3 27.53 6.55 12.50
N ARG A 4 28.46 5.87 11.81
CA ARG A 4 28.04 4.84 10.86
C ARG A 4 27.76 3.58 11.68
N ALA A 5 26.75 2.83 11.27
CA ALA A 5 26.38 1.61 11.96
C ALA A 5 27.43 0.56 11.67
N PRO A 6 27.81 -0.30 12.66
CA PRO A 6 28.77 -1.38 12.34
C PRO A 6 28.10 -2.42 11.44
N ALA A 7 28.86 -3.01 10.54
CA ALA A 7 28.34 -4.02 9.63
C ALA A 7 29.27 -5.23 9.68
N PHE A 8 28.67 -6.44 9.70
CA PHE A 8 29.41 -7.70 9.80
C PHE A 8 29.03 -8.63 8.67
N PRO A 9 30.02 -9.20 7.93
CA PRO A 9 29.67 -10.16 6.87
C PRO A 9 29.14 -11.46 7.50
N LEU A 10 28.46 -12.30 6.71
CA LEU A 10 27.94 -13.58 7.21
C LEU A 10 29.01 -14.43 7.89
N SER A 11 30.25 -14.43 7.32
CA SER A 11 31.39 -15.18 7.87
C SER A 11 31.77 -14.78 9.31
N ASP A 12 31.44 -13.54 9.74
CA ASP A 12 31.75 -13.05 11.09
C ASP A 12 30.97 -13.82 12.14
N ILE A 13 31.61 -14.06 13.28
CA ILE A 13 30.99 -14.78 14.40
C ILE A 13 29.67 -14.16 14.85
N LYS A 14 29.58 -12.82 14.84
CA LYS A 14 28.36 -12.09 15.23
C LYS A 14 27.18 -12.43 14.35
N ALA A 15 27.42 -12.66 13.03
CA ALA A 15 26.38 -13.05 12.08
C ALA A 15 26.11 -14.55 12.17
N GLN A 16 27.16 -15.37 12.34
CA GLN A 16 27.04 -16.82 12.46
C GLN A 16 26.15 -17.24 13.63
N MET A 17 26.24 -16.50 14.76
CA MET A 17 25.48 -16.74 15.98
C MET A 17 23.98 -16.52 15.79
N LEU A 18 23.55 -15.87 14.69
CA LEU A 18 22.13 -15.61 14.39
C LEU A 18 21.43 -16.82 13.78
N PHE A 19 22.19 -17.82 13.35
CA PHE A 19 21.65 -18.98 12.66
C PHE A 19 22.03 -20.25 13.35
N ALA A 20 21.03 -20.95 13.87
CA ALA A 20 21.22 -22.20 14.58
C ALA A 20 21.80 -23.32 13.69
N ASN A 21 22.38 -24.36 14.32
CA ASN A 21 22.98 -25.48 13.62
C ASN A 21 21.94 -26.47 13.09
N ASN A 22 21.15 -26.01 12.10
CA ASN A 22 20.13 -26.78 11.38
C ASN A 22 20.06 -26.29 9.95
N ILE A 23 19.63 -27.15 9.04
CA ILE A 23 19.54 -26.90 7.59
C ILE A 23 18.72 -25.66 7.24
N LYS A 24 17.53 -25.52 7.83
CA LYS A 24 16.65 -24.38 7.56
C LYS A 24 17.32 -23.04 7.91
N ALA A 25 17.92 -22.93 9.11
CA ALA A 25 18.56 -21.69 9.57
C ALA A 25 19.78 -21.38 8.70
N GLN A 26 20.59 -22.42 8.40
CA GLN A 26 21.78 -22.26 7.56
C GLN A 26 21.42 -21.85 6.15
N GLN A 27 20.35 -22.44 5.56
CA GLN A 27 19.85 -22.06 4.24
C GLN A 27 19.37 -20.61 4.24
N ALA A 28 18.72 -20.15 5.32
CA ALA A 28 18.21 -18.79 5.41
C ALA A 28 19.34 -17.78 5.41
N SER A 29 20.44 -18.10 6.13
CA SER A 29 21.62 -17.23 6.22
C SER A 29 22.24 -16.99 4.85
N LYS A 30 22.38 -18.09 4.06
CA LYS A 30 23.05 -18.16 2.76
C LYS A 30 22.20 -17.90 1.53
N ARG A 31 20.86 -18.03 1.63
CA ARG A 31 19.97 -17.89 0.46
C ARG A 31 20.36 -16.72 -0.45
N SER A 32 20.68 -17.03 -1.70
CA SER A 32 21.06 -16.00 -2.67
C SER A 32 19.81 -15.38 -3.31
N PHE A 33 19.97 -14.32 -4.12
CA PHE A 33 18.85 -13.67 -4.80
C PHE A 33 18.14 -14.70 -5.67
N LYS A 34 16.81 -14.79 -5.51
CA LYS A 34 15.93 -15.72 -6.20
C LYS A 34 14.72 -14.96 -6.80
N GLU A 35 14.30 -15.37 -7.98
CA GLU A 35 13.15 -14.82 -8.69
C GLU A 35 12.55 -15.88 -9.61
N GLY A 36 11.27 -15.73 -9.93
CA GLY A 36 10.55 -16.67 -10.79
C GLY A 36 9.08 -16.35 -10.88
N ALA A 37 8.42 -16.79 -11.98
CA ALA A 37 7.00 -16.53 -12.20
C ALA A 37 6.19 -17.18 -11.09
N ILE A 38 5.17 -16.50 -10.60
CA ILE A 38 4.33 -17.08 -9.56
C ILE A 38 3.25 -17.92 -10.23
N GLU A 39 2.79 -18.96 -9.53
CA GLU A 39 1.70 -19.77 -10.03
C GLU A 39 0.48 -19.02 -9.56
N THR A 40 0.00 -18.07 -10.40
CA THR A 40 -1.14 -17.18 -10.13
C THR A 40 -2.34 -17.97 -9.60
N TYR A 41 -2.68 -19.06 -10.33
CA TYR A 41 -3.71 -20.04 -10.00
C TYR A 41 -3.14 -21.39 -10.39
N GLU A 42 -3.73 -22.49 -9.88
CA GLU A 42 -3.28 -23.86 -10.18
C GLU A 42 -3.13 -24.02 -11.70
N GLY A 43 -1.92 -24.35 -12.15
CA GLY A 43 -1.63 -24.54 -13.56
C GLY A 43 -1.61 -23.31 -14.44
N LEU A 44 -1.48 -22.09 -13.85
CA LEU A 44 -1.37 -20.85 -14.60
C LEU A 44 -0.25 -19.97 -14.06
N LEU A 45 0.77 -19.68 -14.88
CA LEU A 45 1.88 -18.81 -14.47
C LEU A 45 1.57 -17.34 -14.78
N SER A 46 2.10 -16.42 -13.95
CA SER A 46 1.90 -14.99 -14.11
C SER A 46 2.43 -14.46 -15.45
N VAL A 47 3.35 -15.22 -16.08
CA VAL A 47 3.96 -14.83 -17.35
C VAL A 47 3.41 -15.59 -18.57
N ASP A 48 2.36 -16.40 -18.35
CA ASP A 48 1.70 -17.14 -19.44
C ASP A 48 1.30 -16.14 -20.55
N PRO A 49 1.67 -16.39 -21.83
CA PRO A 49 1.34 -15.44 -22.91
C PRO A 49 -0.13 -15.05 -23.03
N ARG A 50 -1.06 -16.01 -22.80
CA ARG A 50 -2.50 -15.73 -22.85
C ARG A 50 -2.88 -14.77 -21.73
N PHE A 51 -2.30 -14.97 -20.52
CA PHE A 51 -2.57 -14.14 -19.33
C PHE A 51 -2.06 -12.72 -19.51
N LEU A 52 -0.85 -12.55 -20.08
CA LEU A 52 -0.29 -11.22 -20.35
C LEU A 52 -1.08 -10.49 -21.45
N SER A 53 -1.59 -11.25 -22.47
CA SER A 53 -2.41 -10.70 -23.55
C SER A 53 -3.72 -10.16 -22.96
N PHE A 54 -4.30 -10.94 -22.01
CA PHE A 54 -5.52 -10.61 -21.27
C PHE A 54 -5.32 -9.32 -20.49
N LYS A 55 -4.22 -9.25 -19.71
CA LYS A 55 -3.86 -8.07 -18.91
C LYS A 55 -3.67 -6.85 -19.78
N ASN A 56 -3.01 -7.01 -20.95
CA ASN A 56 -2.82 -5.89 -21.87
C ASN A 56 -4.16 -5.36 -22.36
N GLU A 57 -5.03 -6.23 -22.89
CA GLU A 57 -6.35 -5.83 -23.39
C GLU A 57 -7.22 -5.20 -22.29
N LEU A 58 -7.35 -5.88 -21.13
CA LEU A 58 -8.18 -5.42 -20.03
C LEU A 58 -7.74 -4.09 -19.41
N SER A 59 -6.42 -3.95 -19.10
CA SER A 59 -5.92 -2.70 -18.53
C SER A 59 -6.16 -1.50 -19.45
N ARG A 60 -5.94 -1.69 -20.78
CA ARG A 60 -6.13 -0.65 -21.80
C ARG A 60 -7.60 -0.26 -21.93
N TYR A 61 -8.49 -1.28 -22.01
CA TYR A 61 -9.93 -1.09 -22.13
C TYR A 61 -10.53 -0.33 -20.95
N LEU A 62 -10.26 -0.81 -19.73
CA LEU A 62 -10.81 -0.21 -18.52
C LEU A 62 -10.33 1.22 -18.33
N THR A 63 -9.04 1.51 -18.57
CA THR A 63 -8.51 2.88 -18.43
C THR A 63 -9.22 3.82 -19.43
N ASP A 64 -9.38 3.34 -20.67
CA ASP A 64 -10.01 4.08 -21.75
C ASP A 64 -11.46 4.45 -21.41
N HIS A 65 -12.27 3.46 -21.05
CA HIS A 65 -13.70 3.60 -20.76
C HIS A 65 -14.03 4.15 -19.39
N PHE A 66 -13.14 3.96 -18.41
CA PHE A 66 -13.40 4.42 -17.05
C PHE A 66 -12.26 5.28 -16.50
N PRO A 67 -12.14 6.53 -17.02
CA PRO A 67 -11.08 7.43 -16.50
C PRO A 67 -11.40 7.83 -15.06
N ALA A 68 -10.36 8.13 -14.27
CA ALA A 68 -10.50 8.49 -12.87
C ALA A 68 -11.48 9.67 -12.66
N ASN A 69 -12.30 9.58 -11.60
CA ASN A 69 -13.26 10.62 -11.20
C ASN A 69 -12.87 11.08 -9.81
N VAL A 70 -11.82 11.92 -9.73
CA VAL A 70 -11.29 12.47 -8.47
C VAL A 70 -11.21 13.99 -8.62
N ASP A 71 -11.87 14.74 -7.73
CA ASP A 71 -11.85 16.20 -7.83
C ASP A 71 -10.53 16.85 -7.35
N GLU A 72 -10.49 18.21 -7.40
CA GLU A 72 -9.38 19.10 -7.03
C GLU A 72 -8.97 18.92 -5.55
N TYR A 73 -9.89 18.43 -4.71
CA TYR A 73 -9.70 18.17 -3.27
C TYR A 73 -9.45 16.67 -2.97
N GLY A 74 -9.23 15.87 -4.01
CA GLY A 74 -8.98 14.44 -3.88
C GLY A 74 -10.20 13.64 -3.49
N ARG A 75 -11.40 14.18 -3.71
CA ARG A 75 -12.61 13.43 -3.38
C ARG A 75 -13.03 12.60 -4.59
N VAL A 76 -13.32 11.31 -4.36
CA VAL A 76 -13.78 10.43 -5.44
C VAL A 76 -15.28 10.62 -5.62
N TYR A 77 -15.74 10.68 -6.87
CA TYR A 77 -17.15 10.83 -7.26
C TYR A 77 -17.43 9.90 -8.45
N GLY A 78 -18.62 10.01 -9.03
CA GLY A 78 -19.05 9.28 -10.22
C GLY A 78 -18.79 7.79 -10.27
N ASN A 79 -17.90 7.36 -11.19
CA ASN A 79 -17.56 5.94 -11.40
C ASN A 79 -16.80 5.20 -10.27
N GLY A 80 -16.32 5.96 -9.27
CA GLY A 80 -15.57 5.44 -8.13
C GLY A 80 -14.16 4.98 -8.45
N VAL A 81 -13.60 5.45 -9.59
CA VAL A 81 -12.26 5.12 -10.11
C VAL A 81 -11.29 6.24 -9.71
N ARG A 82 -10.13 5.88 -9.11
CA ARG A 82 -9.11 6.86 -8.71
C ARG A 82 -7.86 6.99 -9.56
N THR A 83 -7.55 5.94 -10.37
CA THR A 83 -6.42 5.94 -11.31
C THR A 83 -6.71 5.03 -12.47
N ASN A 84 -5.72 4.93 -13.37
CA ASN A 84 -5.74 4.03 -14.51
C ASN A 84 -5.72 2.58 -14.00
N PHE A 85 -5.85 1.63 -14.92
CA PHE A 85 -5.87 0.20 -14.58
C PHE A 85 -4.57 -0.50 -15.00
N PHE A 86 -3.52 0.28 -15.30
CA PHE A 86 -2.21 -0.21 -15.74
C PHE A 86 -1.37 -0.86 -14.64
N GLY A 87 -1.79 -0.73 -13.38
CA GLY A 87 -1.11 -1.32 -12.24
C GLY A 87 -0.96 -2.83 -12.31
N MET A 88 -1.84 -3.51 -13.07
CA MET A 88 -1.80 -4.97 -13.28
C MET A 88 -0.68 -5.42 -14.22
N ARG A 89 -0.07 -4.49 -14.97
CA ARG A 89 0.96 -4.78 -15.96
C ARG A 89 2.36 -5.12 -15.41
N HIS A 90 2.46 -6.10 -14.48
CA HIS A 90 3.76 -6.51 -13.93
C HIS A 90 3.99 -8.01 -14.17
N MET A 91 5.27 -8.40 -14.27
CA MET A 91 5.70 -9.80 -14.45
C MET A 91 5.83 -10.31 -13.03
N ASN A 92 4.70 -10.69 -12.43
CA ASN A 92 4.64 -11.13 -11.03
C ASN A 92 5.59 -12.25 -10.68
N GLY A 93 6.41 -12.00 -9.67
CA GLY A 93 7.43 -12.92 -9.19
C GLY A 93 8.83 -12.46 -9.56
N PHE A 94 8.92 -11.45 -10.45
CA PHE A 94 10.20 -10.87 -10.89
C PHE A 94 10.32 -9.47 -10.31
N PRO A 95 11.23 -9.28 -9.32
CA PRO A 95 11.32 -7.99 -8.65
C PRO A 95 12.16 -6.95 -9.36
N MET A 96 11.96 -5.68 -8.97
CA MET A 96 12.79 -4.58 -9.40
C MET A 96 14.19 -4.87 -8.82
N ILE A 97 15.24 -4.39 -9.50
CA ILE A 97 16.61 -4.60 -9.02
C ILE A 97 17.35 -3.25 -8.91
N PRO A 98 18.00 -2.95 -7.78
CA PRO A 98 18.06 -3.75 -6.54
C PRO A 98 16.92 -3.36 -5.60
N ALA A 99 16.74 -4.10 -4.51
CA ALA A 99 15.80 -3.71 -3.48
C ALA A 99 16.63 -2.81 -2.54
N THR A 100 15.98 -2.02 -1.69
CA THR A 100 16.72 -1.11 -0.80
C THR A 100 17.46 -1.83 0.33
N TRP A 101 18.54 -1.20 0.78
CA TRP A 101 19.26 -1.63 1.96
C TRP A 101 18.52 -0.85 3.07
N PRO A 102 18.07 -1.50 4.15
CA PRO A 102 17.34 -0.75 5.18
C PRO A 102 18.24 0.23 5.92
N LEU A 103 17.73 1.48 6.11
CA LEU A 103 18.43 2.55 6.81
C LEU A 103 18.63 2.17 8.25
N ALA A 104 19.90 2.21 8.70
CA ALA A 104 20.25 1.86 10.08
C ALA A 104 19.80 2.91 11.07
N SER A 105 19.72 4.19 10.62
CA SER A 105 19.30 5.33 11.44
C SER A 105 18.42 6.28 10.63
N ASN A 106 17.26 6.64 11.17
CA ASN A 106 16.37 7.57 10.49
C ASN A 106 16.45 8.99 11.11
N LEU A 107 17.42 9.24 12.00
CA LEU A 107 17.51 10.54 12.66
C LEU A 107 17.72 11.68 11.70
N LYS A 108 18.70 11.55 10.76
CA LYS A 108 18.98 12.57 9.74
C LYS A 108 17.80 12.70 8.78
N LYS A 109 17.18 11.55 8.40
CA LYS A 109 16.02 11.53 7.50
C LYS A 109 14.91 12.44 8.05
N ARG A 110 14.58 12.28 9.37
CA ARG A 110 13.57 13.07 10.07
C ARG A 110 13.97 14.56 10.16
N ALA A 111 15.23 14.85 10.59
CA ALA A 111 15.76 16.21 10.73
C ALA A 111 15.74 16.94 9.40
N ASP A 112 16.18 16.29 8.32
CA ASP A 112 16.19 16.89 6.99
C ASP A 112 14.78 17.14 6.45
N ALA A 113 13.79 16.37 6.91
CA ALA A 113 12.41 16.53 6.49
C ALA A 113 11.70 17.54 7.40
N ASP A 114 12.47 18.19 8.32
CA ASP A 114 11.99 19.18 9.29
C ASP A 114 10.96 18.63 10.29
N LEU A 115 11.18 17.39 10.72
CA LEU A 115 10.31 16.71 11.68
C LEU A 115 10.98 16.73 13.05
N ALA A 116 10.16 16.86 14.11
CA ALA A 116 10.60 17.00 15.51
C ALA A 116 11.34 15.82 16.09
N ASP A 117 12.28 16.10 17.00
CA ASP A 117 13.09 15.08 17.70
C ASP A 117 12.54 14.73 19.10
N GLY A 118 11.31 15.15 19.34
CA GLY A 118 10.59 14.89 20.57
C GLY A 118 9.28 15.66 20.56
N PRO A 119 8.40 15.48 21.59
CA PRO A 119 7.16 16.27 21.64
C PRO A 119 7.49 17.76 21.64
N VAL A 120 6.79 18.55 20.82
CA VAL A 120 7.05 19.99 20.64
C VAL A 120 6.68 20.80 21.88
N SER A 121 5.52 20.50 22.48
CA SER A 121 4.96 21.19 23.63
C SER A 121 4.60 20.20 24.75
N GLU A 122 4.34 20.73 25.96
CA GLU A 122 3.93 19.89 27.08
C GLU A 122 2.59 19.23 26.83
N ARG A 123 1.67 19.93 26.13
CA ARG A 123 0.36 19.39 25.77
C ARG A 123 0.54 18.10 24.97
N ASP A 124 1.38 18.15 23.91
CA ASP A 124 1.70 17.00 23.06
C ASP A 124 2.31 15.87 23.86
N ASN A 125 3.25 16.19 24.74
CA ASN A 125 3.88 15.21 25.63
C ASN A 125 2.81 14.51 26.52
N LEU A 126 1.84 15.28 27.06
CA LEU A 126 0.78 14.72 27.88
C LEU A 126 -0.13 13.81 27.06
N LEU A 127 -0.41 14.18 25.81
CA LEU A 127 -1.30 13.43 24.93
C LEU A 127 -0.69 12.09 24.51
N PHE A 128 0.62 12.07 24.17
CA PHE A 128 1.30 10.84 23.82
C PHE A 128 1.32 9.91 25.04
N ARG A 129 1.60 10.47 26.23
CA ARG A 129 1.62 9.71 27.49
C ARG A 129 0.22 9.24 27.91
N ALA A 130 -0.84 10.04 27.61
CA ALA A 130 -2.23 9.68 27.89
C ALA A 130 -2.64 8.50 27.03
N ALA A 131 -2.17 8.46 25.76
CA ALA A 131 -2.42 7.36 24.82
C ALA A 131 -1.87 6.06 25.40
N VAL A 132 -0.65 6.08 26.00
CA VAL A 132 -0.01 4.92 26.64
C VAL A 132 -0.86 4.45 27.85
N ARG A 133 -1.30 5.40 28.70
CA ARG A 133 -2.12 5.11 29.87
C ARG A 133 -3.46 4.51 29.50
N LEU A 134 -4.11 5.05 28.45
CA LEU A 134 -5.40 4.52 27.99
C LEU A 134 -5.30 3.17 27.29
N MET A 135 -4.24 2.97 26.49
CA MET A 135 -4.03 1.72 25.75
C MET A 135 -3.55 0.55 26.59
N PHE A 136 -2.65 0.80 27.56
CA PHE A 136 -2.01 -0.26 28.36
C PHE A 136 -2.52 -0.47 29.78
N SER A 137 -3.64 0.17 30.18
CA SER A 137 -4.10 0.06 31.57
C SER A 137 -4.77 -1.22 32.10
N ASP A 138 -6.12 -1.37 31.93
CA ASP A 138 -6.86 -2.48 32.49
C ASP A 138 -7.09 -3.60 31.48
N LEU A 139 -5.99 -4.30 31.16
CA LEU A 139 -5.94 -5.37 30.17
C LEU A 139 -6.38 -6.70 30.73
N GLU A 140 -7.03 -7.52 29.87
CA GLU A 140 -7.48 -8.87 30.21
C GLU A 140 -6.63 -9.90 29.46
N PRO A 141 -6.14 -10.96 30.16
CA PRO A 141 -5.33 -11.97 29.47
C PRO A 141 -6.14 -12.84 28.51
N VAL A 142 -5.53 -13.16 27.38
CA VAL A 142 -6.10 -13.97 26.30
C VAL A 142 -5.05 -15.01 25.82
N PRO A 143 -5.42 -16.11 25.12
CA PRO A 143 -4.37 -17.02 24.62
C PRO A 143 -3.47 -16.30 23.60
N LEU A 144 -2.18 -16.65 23.56
CA LEU A 144 -1.21 -16.08 22.63
C LEU A 144 -1.44 -16.81 21.32
N LYS A 145 -2.03 -16.14 20.33
CA LYS A 145 -2.30 -16.75 19.03
C LYS A 145 -1.10 -16.60 18.09
N ILE A 146 -0.75 -17.71 17.41
CA ILE A 146 0.38 -17.83 16.46
C ILE A 146 -0.12 -18.25 15.07
N ARG A 147 0.33 -17.58 14.00
CA ARG A 147 -0.07 -17.92 12.64
C ARG A 147 0.52 -19.26 12.24
N LYS A 148 -0.31 -20.16 11.72
CA LYS A 148 0.15 -21.48 11.28
C LYS A 148 1.11 -21.32 10.08
N GLY A 149 2.21 -22.06 10.12
CA GLY A 149 3.20 -22.00 9.05
C GLY A 149 4.16 -20.84 9.05
N SER A 150 3.97 -19.86 9.96
CA SER A 150 4.86 -18.68 10.14
C SER A 150 6.22 -19.17 10.66
N SER A 151 7.31 -18.44 10.34
CA SER A 151 8.66 -18.80 10.80
C SER A 151 8.97 -18.24 12.19
N THR A 152 9.86 -18.91 12.94
CA THR A 152 10.30 -18.41 14.25
C THR A 152 11.48 -17.47 14.01
N CYS A 153 11.97 -17.43 12.75
CA CYS A 153 13.13 -16.63 12.32
C CYS A 153 14.35 -16.83 13.21
N ILE A 154 15.11 -15.78 13.53
CA ILE A 154 16.33 -15.93 14.31
C ILE A 154 16.14 -16.53 15.75
N PRO A 155 16.88 -17.61 16.10
CA PRO A 155 17.89 -18.32 15.32
C PRO A 155 17.47 -19.63 14.62
N TYR A 156 16.32 -20.20 15.00
CA TYR A 156 15.87 -21.52 14.56
C TYR A 156 15.24 -21.68 13.20
N PHE A 157 14.50 -20.66 12.72
CA PHE A 157 13.83 -20.69 11.41
C PHE A 157 12.90 -21.89 11.29
N SER A 158 12.19 -22.23 12.37
CA SER A 158 11.23 -23.33 12.42
C SER A 158 9.85 -22.86 11.93
N ASN A 159 9.15 -23.74 11.20
CA ASN A 159 7.79 -23.49 10.69
C ASN A 159 6.81 -24.47 11.34
N ASP A 160 7.29 -25.28 12.29
CA ASP A 160 6.52 -26.31 13.00
C ASP A 160 5.76 -25.76 14.17
N MET A 161 4.43 -25.99 14.18
CA MET A 161 3.56 -25.49 15.25
C MET A 161 3.91 -25.97 16.65
N GLY A 162 4.26 -27.24 16.79
CA GLY A 162 4.63 -27.80 18.08
C GLY A 162 5.85 -27.12 18.66
N THR A 163 6.90 -26.92 17.80
CA THR A 163 8.17 -26.26 18.14
C THR A 163 7.89 -24.80 18.52
N LYS A 164 7.02 -24.12 17.72
CA LYS A 164 6.63 -22.72 17.92
C LYS A 164 5.93 -22.53 19.26
N ILE A 165 5.03 -23.45 19.63
CA ILE A 165 4.33 -23.41 20.93
C ILE A 165 5.35 -23.58 22.08
N GLU A 166 6.29 -24.54 21.96
CA GLU A 166 7.35 -24.79 22.95
C GLU A 166 8.20 -23.53 23.14
N ILE A 167 8.66 -22.92 22.02
CA ILE A 167 9.49 -21.70 22.03
C ILE A 167 8.74 -20.57 22.75
N ALA A 168 7.44 -20.38 22.41
CA ALA A 168 6.58 -19.34 22.99
C ALA A 168 6.35 -19.53 24.48
N GLU A 169 6.10 -20.78 24.93
CA GLU A 169 5.87 -21.09 26.34
C GLU A 169 7.14 -20.88 27.15
N ARG A 170 8.28 -21.33 26.59
CA ARG A 170 9.59 -21.18 27.22
C ARG A 170 9.92 -19.69 27.36
N ALA A 171 9.62 -18.89 26.30
CA ALA A 171 9.85 -17.44 26.26
C ALA A 171 9.06 -16.76 27.36
N LEU A 172 7.79 -17.12 27.56
CA LEU A 172 6.96 -16.56 28.62
C LEU A 172 7.50 -16.94 30.02
N GLU A 173 8.13 -18.10 30.15
CA GLU A 173 8.72 -18.56 31.40
C GLU A 173 10.02 -17.82 31.71
N LYS A 174 10.84 -17.57 30.68
CA LYS A 174 12.17 -16.97 30.84
C LYS A 174 12.32 -15.48 30.49
N ALA A 175 11.22 -14.79 30.09
CA ALA A 175 11.25 -13.38 29.71
C ALA A 175 11.78 -12.48 30.83
N GLU A 176 11.40 -12.76 32.10
CA GLU A 176 11.84 -12.01 33.27
C GLU A 176 13.34 -12.08 33.45
N GLU A 177 13.91 -13.29 33.37
CA GLU A 177 15.34 -13.54 33.50
C GLU A 177 16.11 -12.87 32.36
N ALA A 178 15.55 -12.91 31.11
CA ALA A 178 16.16 -12.29 29.92
C ALA A 178 16.13 -10.78 29.99
N GLY A 179 14.99 -10.21 30.38
CA GLY A 179 14.83 -8.77 30.53
C GLY A 179 15.77 -8.20 31.57
N ASN A 180 15.95 -8.92 32.70
CA ASN A 180 16.85 -8.53 33.78
C ASN A 180 18.30 -8.58 33.33
N LEU A 181 18.66 -9.53 32.46
CA LEU A 181 20.02 -9.60 31.90
C LEU A 181 20.28 -8.38 31.02
N MET A 182 19.27 -8.00 30.18
CA MET A 182 19.37 -6.83 29.30
C MET A 182 19.49 -5.55 30.13
N LEU A 183 18.78 -5.48 31.29
CA LEU A 183 18.85 -4.34 32.21
C LEU A 183 20.28 -4.17 32.76
N GLN A 184 21.06 -5.29 32.81
CA GLN A 184 22.46 -5.30 33.25
C GLN A 184 23.42 -5.07 32.07
N GLY A 185 22.86 -4.89 30.87
CA GLY A 185 23.64 -4.69 29.65
C GLY A 185 24.19 -6.00 29.09
N LYS A 186 23.69 -7.14 29.61
CA LYS A 186 24.12 -8.49 29.19
C LYS A 186 23.22 -9.03 28.07
N PHE A 187 23.22 -8.35 26.91
CA PHE A 187 22.42 -8.71 25.72
C PHE A 187 22.85 -10.03 25.12
N ASP A 188 24.17 -10.29 25.04
CA ASP A 188 24.70 -11.56 24.52
C ASP A 188 24.24 -12.72 25.36
N ASP A 189 24.24 -12.58 26.70
CA ASP A 189 23.76 -13.62 27.61
C ASP A 189 22.28 -13.89 27.43
N ALA A 190 21.45 -12.83 27.33
CA ALA A 190 20.00 -12.97 27.14
C ALA A 190 19.70 -13.69 25.83
N TYR A 191 20.47 -13.37 24.77
CA TYR A 191 20.30 -14.02 23.47
C TYR A 191 20.77 -15.46 23.51
N GLN A 192 21.98 -15.71 24.03
CA GLN A 192 22.54 -17.06 24.09
C GLN A 192 21.70 -18.01 24.92
N LEU A 193 21.21 -17.54 26.07
CA LEU A 193 20.41 -18.39 26.95
C LEU A 193 18.97 -18.51 26.51
N HIS A 194 18.34 -17.39 26.09
CA HIS A 194 16.91 -17.39 25.82
C HIS A 194 16.46 -17.00 24.42
N GLN A 195 17.42 -16.81 23.48
CA GLN A 195 17.20 -16.46 22.06
C GLN A 195 16.42 -15.15 21.90
N MET A 196 16.51 -14.26 22.92
CA MET A 196 15.88 -12.93 22.96
C MET A 196 16.93 -11.88 22.66
N GLY A 197 16.90 -11.45 21.40
CA GLY A 197 17.85 -10.50 20.86
C GLY A 197 18.28 -10.94 19.49
N GLY A 198 19.53 -10.66 19.15
CA GLY A 198 20.11 -11.02 17.86
C GLY A 198 19.79 -9.99 16.80
N ALA A 199 18.83 -10.28 15.90
CA ALA A 199 18.45 -9.35 14.83
C ALA A 199 17.13 -9.69 14.20
N TYR A 200 16.61 -8.76 13.38
CA TYR A 200 15.46 -8.96 12.51
C TYR A 200 16.05 -9.57 11.26
N TYR A 201 15.30 -10.48 10.59
CA TYR A 201 15.74 -11.10 9.35
C TYR A 201 15.01 -10.44 8.20
N VAL A 202 15.75 -9.77 7.32
CA VAL A 202 15.16 -9.02 6.21
C VAL A 202 14.67 -9.90 5.08
N VAL A 203 13.34 -9.87 4.89
CA VAL A 203 12.62 -10.54 3.82
C VAL A 203 12.09 -9.45 2.85
N TYR A 204 12.27 -9.61 1.55
CA TYR A 204 11.73 -8.62 0.64
C TYR A 204 10.39 -9.12 0.06
N ARG A 205 9.31 -8.38 0.28
CA ARG A 205 7.96 -8.74 -0.21
C ARG A 205 7.55 -7.95 -1.45
N ALA A 206 6.79 -8.58 -2.33
CA ALA A 206 6.29 -7.93 -3.53
C ALA A 206 5.12 -7.03 -3.21
N GLN A 207 5.09 -5.87 -3.86
CA GLN A 207 3.94 -4.97 -3.90
C GLN A 207 3.60 -5.17 -5.40
N SER A 208 2.73 -6.16 -5.65
CA SER A 208 2.38 -6.71 -6.96
C SER A 208 1.89 -5.75 -8.02
N THR A 209 1.28 -4.67 -7.58
CA THR A 209 0.77 -3.61 -8.44
C THR A 209 1.35 -2.30 -7.93
N ASP A 210 1.81 -1.47 -8.84
CA ASP A 210 2.37 -0.17 -8.53
C ASP A 210 2.02 0.67 -9.73
N ALA A 211 2.13 2.01 -9.57
CA ALA A 211 1.77 2.96 -10.61
C ALA A 211 2.53 2.81 -11.91
N ILE A 212 1.78 2.83 -13.01
CA ILE A 212 2.24 2.80 -14.40
C ILE A 212 1.37 3.81 -15.14
N THR A 213 1.98 4.63 -16.00
CA THR A 213 1.25 5.61 -16.81
C THR A 213 1.54 5.36 -18.28
N LEU A 214 0.63 5.79 -19.15
CA LEU A 214 0.83 5.70 -20.59
C LEU A 214 1.10 7.11 -21.09
N ASP A 215 2.32 7.34 -21.63
CA ASP A 215 2.71 8.65 -22.16
C ASP A 215 1.98 8.86 -23.51
N PRO A 216 1.02 9.83 -23.61
CA PRO A 216 0.31 10.02 -24.88
C PRO A 216 1.19 10.47 -26.04
N LYS A 217 2.25 11.24 -25.74
CA LYS A 217 3.22 11.76 -26.72
C LYS A 217 3.91 10.59 -27.46
N THR A 218 4.41 9.60 -26.70
CA THR A 218 5.12 8.45 -27.26
C THR A 218 4.30 7.15 -27.45
N GLY A 219 3.21 7.00 -26.70
CA GLY A 219 2.39 5.78 -26.74
C GLY A 219 3.06 4.64 -25.97
N LYS A 220 4.12 4.97 -25.20
CA LYS A 220 4.91 4.04 -24.40
C LYS A 220 4.55 4.16 -22.92
N PHE A 221 4.61 3.03 -22.19
CA PHE A 221 4.30 2.99 -20.77
C PHE A 221 5.50 3.39 -19.93
N VAL A 222 5.26 4.05 -18.79
CA VAL A 222 6.28 4.50 -17.84
C VAL A 222 5.94 4.00 -16.42
N SER A 223 6.85 3.24 -15.79
CA SER A 223 6.64 2.73 -14.44
C SER A 223 7.06 3.78 -13.40
N LYS A 224 6.38 3.81 -12.24
CA LYS A 224 6.73 4.73 -11.15
C LYS A 224 8.11 4.38 -10.59
N ASP A 225 9.04 5.35 -10.56
CA ASP A 225 10.38 5.13 -10.02
C ASP A 225 10.30 4.98 -8.51
N ARG A 226 10.95 3.94 -7.99
CA ARG A 226 11.00 3.65 -6.56
C ARG A 226 12.43 3.80 -6.09
N MET A 227 12.68 4.77 -5.21
CA MET A 227 14.01 5.12 -4.71
C MET A 227 14.52 4.09 -3.75
N VAL A 228 15.79 3.68 -3.93
CA VAL A 228 16.43 2.68 -3.08
C VAL A 228 17.79 3.21 -2.57
N ALA A 229 18.18 2.78 -1.36
CA ALA A 229 19.44 3.17 -0.74
C ALA A 229 20.45 2.08 -0.94
N ASP A 230 21.70 2.45 -1.29
CA ASP A 230 22.77 1.48 -1.41
C ASP A 230 23.31 1.21 -0.01
N PHE A 231 24.20 0.22 0.17
CA PHE A 231 24.76 -0.12 1.48
C PHE A 231 25.32 1.10 2.23
N GLU A 232 26.15 1.92 1.55
CA GLU A 232 26.79 3.10 2.14
C GLU A 232 25.77 4.07 2.68
N TYR A 233 24.71 4.33 1.91
CA TYR A 233 23.66 5.24 2.34
C TYR A 233 22.96 4.72 3.61
N ALA A 234 22.62 3.42 3.64
CA ALA A 234 21.93 2.76 4.74
C ALA A 234 22.69 2.81 6.07
N VAL A 235 24.00 2.48 6.04
CA VAL A 235 24.85 2.48 7.25
C VAL A 235 25.15 3.86 7.80
N THR A 236 25.21 4.89 6.92
CA THR A 236 25.51 6.28 7.29
C THR A 236 24.24 7.12 7.52
N GLY A 237 23.05 6.50 7.45
CA GLY A 237 21.78 7.21 7.60
C GLY A 237 21.56 8.28 6.54
N GLY A 238 22.21 8.12 5.40
CA GLY A 238 22.10 9.06 4.29
C GLY A 238 23.23 10.07 4.18
N GLU A 239 24.16 10.10 5.16
CA GLU A 239 25.31 11.04 5.18
C GLU A 239 26.21 10.83 3.97
N GLN A 240 26.43 9.55 3.59
CA GLN A 240 27.24 9.14 2.46
C GLN A 240 26.42 8.19 1.56
N GLY A 241 27.03 7.67 0.51
CA GLY A 241 26.35 6.76 -0.42
C GLY A 241 25.28 7.43 -1.26
N SER A 242 24.45 6.62 -1.94
CA SER A 242 23.41 7.16 -2.79
C SER A 242 22.01 6.56 -2.68
N LEU A 243 21.03 7.40 -2.99
CA LEU A 243 19.61 7.09 -3.05
C LEU A 243 19.28 7.23 -4.55
N PHE A 244 18.87 6.13 -5.20
CA PHE A 244 18.64 6.09 -6.64
C PHE A 244 17.41 5.25 -7.01
N ALA A 245 16.89 5.40 -8.26
CA ALA A 245 15.71 4.65 -8.72
C ALA A 245 16.09 3.20 -9.04
N ALA A 246 15.33 2.24 -8.50
CA ALA A 246 15.55 0.82 -8.79
C ALA A 246 15.06 0.54 -10.23
N SER A 247 15.63 -0.47 -10.89
CA SER A 247 15.24 -0.81 -12.26
C SER A 247 14.09 -1.81 -12.33
N LYS A 248 12.96 -1.35 -12.88
CA LYS A 248 11.75 -2.14 -13.08
C LYS A 248 11.68 -2.68 -14.52
N ASP A 249 12.73 -2.41 -15.34
CA ASP A 249 12.83 -2.87 -16.73
C ASP A 249 12.84 -4.40 -16.76
N ALA A 250 11.84 -4.99 -17.45
CA ALA A 250 11.65 -6.44 -17.56
C ALA A 250 12.26 -7.09 -18.79
N SER A 251 12.91 -6.29 -19.69
CA SER A 251 13.57 -6.75 -20.93
C SER A 251 14.51 -7.91 -20.66
N ARG A 252 15.22 -7.86 -19.50
CA ARG A 252 16.17 -8.85 -19.02
C ARG A 252 15.65 -10.27 -18.96
N LEU A 253 14.32 -10.45 -18.73
CA LEU A 253 13.65 -11.75 -18.62
C LEU A 253 13.72 -12.59 -19.91
N LYS A 254 13.76 -11.92 -21.07
CA LYS A 254 13.88 -12.61 -22.36
C LYS A 254 15.27 -13.26 -22.45
N GLU A 255 16.32 -12.46 -22.21
CA GLU A 255 17.72 -12.88 -22.25
C GLU A 255 18.04 -13.95 -21.18
N GLN A 256 17.67 -13.69 -19.91
CA GLN A 256 17.95 -14.59 -18.79
C GLN A 256 17.13 -15.85 -18.75
N TYR A 257 15.83 -15.76 -19.06
CA TYR A 257 14.93 -16.90 -18.87
C TYR A 257 14.18 -17.40 -20.07
N GLY A 258 14.30 -16.69 -21.20
CA GLY A 258 13.58 -17.03 -22.41
C GLY A 258 12.10 -16.68 -22.37
N ILE A 259 11.72 -15.76 -21.46
CA ILE A 259 10.34 -15.31 -21.27
C ILE A 259 10.03 -14.15 -22.20
N ASP A 260 8.95 -14.26 -22.99
CA ASP A 260 8.55 -13.17 -23.86
C ASP A 260 7.93 -12.08 -22.99
N VAL A 261 8.45 -10.86 -23.13
CA VAL A 261 8.01 -9.70 -22.36
C VAL A 261 7.22 -8.77 -23.30
N PRO A 262 5.87 -8.70 -23.17
CA PRO A 262 5.12 -7.77 -24.02
C PRO A 262 5.45 -6.33 -23.63
N ASP A 263 5.20 -5.38 -24.55
CA ASP A 263 5.44 -3.96 -24.32
C ASP A 263 4.64 -3.47 -23.11
N GLY A 264 5.28 -2.64 -22.29
CA GLY A 264 4.66 -2.02 -21.13
C GLY A 264 4.37 -2.94 -19.96
N PHE A 265 5.20 -3.98 -19.78
CA PHE A 265 5.15 -4.91 -18.64
C PHE A 265 6.45 -4.74 -17.85
N PHE A 266 6.34 -4.61 -16.52
CA PHE A 266 7.48 -4.30 -15.67
C PHE A 266 7.71 -5.27 -14.54
N CYS A 267 8.89 -5.17 -13.93
CA CYS A 267 9.25 -5.93 -12.74
C CYS A 267 8.54 -5.28 -11.56
N GLU A 268 8.22 -6.08 -10.55
CA GLU A 268 7.46 -5.62 -9.39
C GLU A 268 8.26 -4.80 -8.39
N ARG A 269 7.55 -3.89 -7.73
CA ARG A 269 8.09 -3.14 -6.61
C ARG A 269 8.36 -4.16 -5.49
N ARG A 270 9.48 -3.98 -4.80
CA ARG A 270 9.84 -4.81 -3.67
C ARG A 270 10.02 -3.97 -2.46
N ARG A 271 9.38 -4.39 -1.37
CA ARG A 271 9.40 -3.67 -0.10
C ARG A 271 10.16 -4.47 0.94
N THR A 272 10.91 -3.78 1.82
CA THR A 272 11.56 -4.51 2.90
C THR A 272 10.49 -4.90 3.91
N ALA A 273 10.62 -6.08 4.47
CA ALA A 273 9.76 -6.59 5.51
C ALA A 273 10.74 -7.28 6.44
N MET A 274 10.42 -7.37 7.72
CA MET A 274 11.36 -7.99 8.65
C MET A 274 10.70 -9.00 9.52
N GLY A 275 11.37 -10.12 9.78
CA GLY A 275 10.85 -11.15 10.66
C GLY A 275 11.61 -11.08 11.96
N GLY A 276 10.87 -10.98 13.05
CA GLY A 276 11.47 -10.87 14.37
C GLY A 276 11.92 -12.17 14.99
N PRO A 277 12.90 -12.10 15.94
CA PRO A 277 13.29 -13.33 16.65
C PRO A 277 12.12 -13.72 17.57
N PHE A 278 11.46 -14.84 17.24
CA PHE A 278 10.25 -15.28 17.94
C PHE A 278 10.26 -15.31 19.47
N ALA A 279 11.39 -15.72 20.09
CA ALA A 279 11.48 -15.76 21.56
C ALA A 279 11.33 -14.37 22.15
N LEU A 280 11.80 -13.32 21.42
CA LEU A 280 11.64 -11.92 21.86
C LEU A 280 10.20 -11.43 21.58
N ASN A 281 9.62 -11.82 20.45
CA ASN A 281 8.27 -11.41 20.10
C ASN A 281 7.17 -12.00 20.96
N ALA A 282 7.27 -13.28 21.35
CA ALA A 282 6.26 -13.96 22.17
C ALA A 282 5.86 -13.14 23.44
N PRO A 283 6.81 -12.70 24.33
CA PRO A 283 6.39 -11.86 25.48
C PRO A 283 5.78 -10.51 25.13
N ILE A 284 6.09 -9.97 23.94
CA ILE A 284 5.51 -8.70 23.47
C ILE A 284 4.08 -8.92 22.96
N MET A 285 3.88 -9.98 22.18
CA MET A 285 2.57 -10.37 21.64
C MET A 285 1.55 -10.65 22.76
N ALA A 286 2.02 -11.27 23.87
CA ALA A 286 1.21 -11.60 25.04
C ALA A 286 0.59 -10.35 25.70
N VAL A 287 1.18 -9.17 25.47
CA VAL A 287 0.68 -7.88 25.97
C VAL A 287 -0.05 -7.15 24.83
N ALA A 288 0.50 -7.19 23.58
CA ALA A 288 -0.09 -6.53 22.41
C ALA A 288 -1.53 -6.98 22.09
N GLN A 289 -1.81 -8.32 22.13
CA GLN A 289 -3.18 -8.78 21.87
C GLN A 289 -4.18 -8.23 22.89
N PRO A 290 -3.96 -8.33 24.24
CA PRO A 290 -4.89 -7.68 25.19
C PRO A 290 -5.12 -6.17 24.90
N VAL A 291 -4.05 -5.43 24.46
CA VAL A 291 -4.13 -3.99 24.12
C VAL A 291 -5.09 -3.77 22.95
N ARG A 292 -4.98 -4.59 21.88
CA ARG A 292 -5.87 -4.51 20.71
C ARG A 292 -7.30 -4.75 21.15
N ASN A 293 -7.54 -5.78 22.00
CA ASN A 293 -8.88 -6.09 22.50
C ASN A 293 -9.48 -4.90 23.25
N LYS A 294 -8.67 -4.15 24.03
CA LYS A 294 -9.10 -2.96 24.76
C LYS A 294 -9.47 -1.82 23.81
N ILE A 295 -8.54 -1.42 22.93
CA ILE A 295 -8.79 -0.33 21.98
C ILE A 295 -9.91 -0.62 20.97
N TYR A 296 -10.09 -1.90 20.57
CA TYR A 296 -11.16 -2.25 19.62
C TYR A 296 -12.53 -2.37 20.29
N SER A 297 -12.56 -2.43 21.64
CA SER A 297 -13.80 -2.48 22.41
C SER A 297 -14.13 -1.10 23.01
N LYS A 298 -13.34 -0.62 24.01
CA LYS A 298 -13.58 0.67 24.65
C LYS A 298 -13.50 1.84 23.66
N TYR A 299 -12.53 1.79 22.74
CA TYR A 299 -12.35 2.87 21.77
C TYR A 299 -12.68 2.46 20.35
N ALA A 300 -13.70 1.60 20.22
CA ALA A 300 -14.17 1.06 18.93
C ALA A 300 -14.50 2.14 17.92
N TYR A 301 -14.99 3.32 18.38
CA TYR A 301 -15.34 4.40 17.48
C TYR A 301 -14.16 4.77 16.59
N THR A 302 -13.02 5.06 17.21
CA THR A 302 -11.80 5.49 16.51
C THR A 302 -11.06 4.33 15.86
N PHE A 303 -10.99 3.18 16.55
CA PHE A 303 -10.15 2.06 16.18
C PHE A 303 -10.71 0.77 15.55
N HIS A 304 -11.99 0.44 15.80
CA HIS A 304 -12.57 -0.79 15.29
C HIS A 304 -13.42 -0.59 14.02
N HIS A 305 -12.86 -1.01 12.88
CA HIS A 305 -13.44 -0.85 11.55
C HIS A 305 -13.68 -2.20 10.87
N THR A 306 -14.93 -2.46 10.50
CA THR A 306 -15.37 -3.72 9.89
C THR A 306 -15.86 -3.54 8.45
N THR A 307 -17.16 -3.25 8.30
CA THR A 307 -17.81 -3.12 7.00
C THR A 307 -17.82 -1.70 6.49
N ARG A 308 -18.13 -1.53 5.19
CA ARG A 308 -18.27 -0.24 4.55
C ARG A 308 -19.38 0.59 5.21
N LEU A 309 -20.45 -0.08 5.70
CA LEU A 309 -21.58 0.56 6.37
C LEU A 309 -21.25 0.97 7.80
N ASN A 310 -20.42 0.17 8.50
CA ASN A 310 -19.92 0.46 9.84
C ASN A 310 -19.13 1.80 9.83
N LYS A 311 -18.31 2.01 8.78
CA LYS A 311 -17.52 3.23 8.56
C LYS A 311 -18.44 4.38 8.19
N GLU A 312 -19.38 4.12 7.26
CA GLU A 312 -20.35 5.08 6.75
C GLU A 312 -21.20 5.74 7.82
N GLU A 313 -21.69 4.96 8.80
CA GLU A 313 -22.52 5.45 9.92
C GLU A 313 -21.83 6.56 10.72
N LYS A 314 -20.50 6.43 10.93
CA LYS A 314 -19.70 7.43 11.66
C LYS A 314 -19.50 8.69 10.82
N VAL A 315 -18.96 8.49 9.59
CA VAL A 315 -18.65 9.55 8.63
C VAL A 315 -19.86 10.40 8.22
N LYS A 316 -21.05 9.79 8.04
CA LYS A 316 -22.30 10.48 7.65
C LYS A 316 -22.72 11.59 8.63
N GLU A 317 -22.39 11.43 9.93
CA GLU A 317 -22.68 12.39 11.00
C GLU A 317 -21.75 13.62 10.98
N TRP A 318 -20.69 13.59 10.17
CA TRP A 318 -19.71 14.66 10.11
C TRP A 318 -20.11 15.75 9.13
N SER A 319 -19.67 16.99 9.41
CA SER A 319 -19.90 18.12 8.53
C SER A 319 -18.76 18.21 7.52
N LEU A 320 -17.57 17.73 7.94
CA LEU A 320 -16.35 17.68 7.12
C LEU A 320 -15.59 16.40 7.38
N CYS A 321 -15.08 15.79 6.31
CA CYS A 321 -14.27 14.58 6.36
C CYS A 321 -12.98 14.81 5.58
N VAL A 322 -11.84 14.70 6.26
CA VAL A 322 -10.54 14.92 5.60
C VAL A 322 -9.77 13.55 5.57
N ALA A 323 -9.52 13.00 4.35
CA ALA A 323 -8.79 11.74 4.16
C ALA A 323 -7.30 12.06 4.00
N THR A 324 -6.52 11.70 5.02
CA THR A 324 -5.08 12.00 5.08
C THR A 324 -4.21 10.90 4.50
N ASP A 325 -2.97 11.27 4.15
CA ASP A 325 -1.92 10.44 3.62
C ASP A 325 -0.65 10.76 4.41
N VAL A 326 0.12 9.72 4.78
CA VAL A 326 1.39 9.83 5.50
C VAL A 326 2.45 9.26 4.57
N SER A 327 3.51 10.05 4.36
CA SER A 327 4.63 9.63 3.56
C SER A 327 5.52 8.67 4.35
N ASP A 328 5.75 7.45 3.80
CA ASP A 328 6.69 6.45 4.31
C ASP A 328 6.65 6.30 5.85
N HIS A 329 5.49 5.94 6.39
CA HIS A 329 5.27 5.86 7.83
C HIS A 329 6.35 5.10 8.63
N ASP A 330 6.60 3.84 8.25
CA ASP A 330 7.51 2.96 9.00
C ASP A 330 8.94 3.46 9.11
N THR A 331 9.48 4.02 8.03
CA THR A 331 10.85 4.52 8.00
C THR A 331 11.00 5.87 8.76
N PHE A 332 9.92 6.68 8.80
CA PHE A 332 9.90 7.95 9.53
C PHE A 332 9.48 7.82 10.99
N TRP A 333 8.95 6.64 11.42
CA TRP A 333 8.49 6.42 12.80
C TRP A 333 9.59 6.76 13.79
N PRO A 334 9.33 7.67 14.77
CA PRO A 334 10.40 8.14 15.66
C PRO A 334 10.77 7.30 16.87
N GLY A 335 12.08 7.08 17.02
CA GLY A 335 12.62 6.37 18.17
C GLY A 335 12.32 7.07 19.48
N TRP A 336 12.16 8.41 19.46
CA TRP A 336 11.82 9.13 20.69
C TRP A 336 10.46 8.69 21.21
N LEU A 337 9.56 8.22 20.31
CA LEU A 337 8.25 7.73 20.75
C LEU A 337 8.40 6.39 21.48
N ARG A 338 9.29 5.50 20.99
CA ARG A 338 9.60 4.23 21.65
C ARG A 338 10.05 4.57 23.09
N ASP A 339 10.95 5.55 23.24
CA ASP A 339 11.50 5.95 24.54
C ASP A 339 10.47 6.59 25.47
N LEU A 340 9.55 7.39 24.89
CA LEU A 340 8.47 8.02 25.65
C LEU A 340 7.51 6.92 26.14
N ILE A 341 7.17 5.94 25.24
CA ILE A 341 6.26 4.84 25.59
C ILE A 341 6.83 4.03 26.73
N CYS A 342 8.11 3.69 26.62
CA CYS A 342 8.81 2.90 27.63
C CYS A 342 8.84 3.61 28.98
N ASP A 343 9.14 4.92 28.96
CA ASP A 343 9.19 5.75 30.17
C ASP A 343 7.82 5.78 30.84
N GLU A 344 6.75 5.96 30.05
CA GLU A 344 5.39 6.00 30.60
C GLU A 344 4.93 4.67 31.17
N LEU A 345 5.31 3.54 30.52
CA LEU A 345 4.97 2.20 31.03
C LEU A 345 5.63 1.99 32.38
N LEU A 346 6.90 2.45 32.53
CA LEU A 346 7.61 2.35 33.80
C LEU A 346 6.88 3.16 34.88
N ASN A 347 6.39 4.39 34.54
CA ASN A 347 5.62 5.28 35.44
C ASN A 347 4.29 4.65 35.87
N MET A 348 3.67 3.84 34.99
CA MET A 348 2.42 3.14 35.26
C MET A 348 2.60 1.95 36.22
N GLY A 349 3.84 1.47 36.34
CA GLY A 349 4.17 0.33 37.18
C GLY A 349 4.40 -0.98 36.46
N TYR A 350 4.65 -0.93 35.13
CA TYR A 350 4.94 -2.13 34.34
C TYR A 350 6.30 -2.67 34.76
N ALA A 351 6.45 -4.02 34.73
CA ALA A 351 7.70 -4.72 35.07
C ALA A 351 8.87 -4.14 34.26
N PRO A 352 9.93 -3.62 34.93
CA PRO A 352 11.08 -3.03 34.18
C PRO A 352 11.73 -3.98 33.17
N TRP A 353 11.78 -5.27 33.51
CA TRP A 353 12.33 -6.31 32.64
C TRP A 353 11.52 -6.43 31.34
N TRP A 354 10.17 -6.33 31.41
CA TRP A 354 9.32 -6.41 30.23
C TRP A 354 9.49 -5.18 29.36
N VAL A 355 9.55 -3.99 29.99
CA VAL A 355 9.74 -2.73 29.28
C VAL A 355 11.09 -2.79 28.53
N LYS A 356 12.13 -3.36 29.17
CA LYS A 356 13.45 -3.49 28.53
C LYS A 356 13.40 -4.37 27.28
N LEU A 357 12.62 -5.48 27.33
CA LEU A 357 12.45 -6.39 26.19
C LEU A 357 11.80 -5.61 25.04
N PHE A 358 10.73 -4.86 25.38
CA PHE A 358 9.96 -4.04 24.44
C PHE A 358 10.83 -2.97 23.79
N GLU A 359 11.62 -2.23 24.62
CA GLU A 359 12.55 -1.22 24.14
C GLU A 359 13.54 -1.85 23.17
N THR A 360 14.16 -2.98 23.57
CA THR A 360 15.18 -3.70 22.78
C THR A 360 14.65 -4.15 21.42
N SER A 361 13.39 -4.60 21.36
CA SER A 361 12.74 -5.04 20.12
C SER A 361 12.66 -3.91 19.07
N LEU A 362 12.73 -2.65 19.52
CA LEU A 362 12.65 -1.50 18.63
C LEU A 362 14.01 -0.79 18.40
N LYS A 363 15.12 -1.46 18.77
CA LYS A 363 16.51 -0.97 18.59
C LYS A 363 17.40 -2.05 17.99
N LEU A 364 16.81 -3.19 17.67
CA LEU A 364 17.53 -4.35 17.23
C LEU A 364 18.26 -4.24 15.88
N PRO A 365 19.48 -4.88 15.78
CA PRO A 365 20.15 -5.00 14.47
C PRO A 365 19.29 -5.69 13.41
N VAL A 366 19.73 -5.64 12.12
CA VAL A 366 19.00 -6.24 10.99
C VAL A 366 19.93 -7.04 10.10
N TYR A 367 19.54 -8.28 9.76
CA TYR A 367 20.32 -9.13 8.87
C TYR A 367 19.74 -9.03 7.46
N VAL A 368 20.55 -8.50 6.53
CA VAL A 368 20.15 -8.30 5.14
C VAL A 368 20.48 -9.52 4.31
N GLY A 369 19.44 -10.15 3.77
CA GLY A 369 19.58 -11.34 2.95
C GLY A 369 20.11 -11.07 1.56
N ALA A 370 19.21 -10.96 0.58
CA ALA A 370 19.65 -10.75 -0.79
C ALA A 370 18.83 -9.69 -1.54
N PRO A 371 19.24 -8.40 -1.45
CA PRO A 371 18.51 -7.33 -2.16
C PRO A 371 18.63 -7.40 -3.68
N ALA A 372 19.71 -8.04 -4.17
CA ALA A 372 20.02 -8.16 -5.60
C ALA A 372 21.05 -9.29 -5.82
N PRO A 373 21.28 -9.78 -7.07
CA PRO A 373 22.33 -10.78 -7.29
C PRO A 373 23.71 -10.24 -6.87
N GLU A 374 24.56 -11.10 -6.25
CA GLU A 374 25.90 -10.72 -5.77
C GLU A 374 25.90 -9.62 -4.65
N GLN A 375 24.79 -9.48 -3.89
CA GLN A 375 24.65 -8.50 -2.80
C GLN A 375 23.97 -9.09 -1.59
N GLY A 376 24.25 -8.52 -0.42
CA GLY A 376 23.61 -8.89 0.83
C GLY A 376 24.48 -9.69 1.76
N HIS A 377 23.83 -10.58 2.53
CA HIS A 377 24.46 -11.47 3.53
C HIS A 377 25.31 -10.67 4.51
N THR A 378 24.70 -9.60 5.06
CA THR A 378 25.36 -8.68 5.96
C THR A 378 24.45 -8.34 7.14
N LEU A 379 25.03 -8.35 8.34
CA LEU A 379 24.34 -7.94 9.57
C LEU A 379 24.67 -6.47 9.79
N LEU A 380 23.64 -5.62 9.97
CA LEU A 380 23.78 -4.19 10.26
C LEU A 380 23.49 -3.99 11.74
N GLY A 381 24.42 -3.38 12.45
CA GLY A 381 24.29 -3.16 13.88
C GLY A 381 24.91 -4.28 14.70
N ASP A 382 25.26 -3.99 15.94
CA ASP A 382 25.90 -4.96 16.82
C ASP A 382 24.89 -5.54 17.81
N PRO A 383 24.61 -6.87 17.78
CA PRO A 383 23.65 -7.45 18.72
C PRO A 383 24.03 -7.38 20.19
N SER A 384 25.33 -7.14 20.50
CA SER A 384 25.81 -7.03 21.87
C SER A 384 25.27 -5.78 22.55
N ASN A 385 24.96 -4.74 21.76
CA ASN A 385 24.40 -3.49 22.27
C ASN A 385 23.39 -2.91 21.25
N PRO A 386 22.12 -3.41 21.23
CA PRO A 386 21.13 -2.90 20.27
C PRO A 386 20.97 -1.38 20.31
N ASP A 387 21.27 -0.70 19.19
CA ASP A 387 21.22 0.77 19.13
C ASP A 387 20.75 1.33 17.77
N LEU A 388 20.06 0.51 16.95
CA LEU A 388 19.58 0.97 15.65
C LEU A 388 18.36 1.89 15.78
N GLU A 389 18.15 2.73 14.76
CA GLU A 389 17.03 3.66 14.65
C GLU A 389 16.39 3.46 13.28
N VAL A 390 15.92 2.23 13.00
CA VAL A 390 15.32 1.89 11.70
C VAL A 390 13.94 2.51 11.45
N GLY A 391 13.32 3.00 12.50
CA GLY A 391 11.95 3.47 12.48
C GLY A 391 11.15 2.35 13.11
N LEU A 392 10.10 1.89 12.43
CA LEU A 392 9.25 0.83 12.96
C LEU A 392 9.55 -0.46 12.19
N SER A 393 10.02 -1.53 12.90
CA SER A 393 10.30 -2.83 12.29
C SER A 393 9.00 -3.56 12.04
N SER A 394 8.72 -4.00 10.79
CA SER A 394 7.47 -4.67 10.45
C SER A 394 7.12 -5.96 11.22
N GLY A 395 8.12 -6.71 11.64
CA GLY A 395 7.90 -7.97 12.35
C GLY A 395 7.89 -7.91 13.86
N GLN A 396 7.91 -6.70 14.41
CA GLN A 396 7.87 -6.49 15.85
C GLN A 396 6.44 -6.87 16.33
N GLY A 397 6.35 -7.46 17.51
CA GLY A 397 5.09 -7.94 18.04
C GLY A 397 3.94 -6.94 18.22
N ALA A 398 4.21 -5.61 18.13
CA ALA A 398 3.21 -4.57 18.35
C ALA A 398 3.27 -3.43 17.31
N THR A 399 3.79 -3.68 16.10
CA THR A 399 3.90 -2.61 15.09
C THR A 399 2.63 -1.85 14.76
N ASP A 400 1.49 -2.54 14.69
CA ASP A 400 0.22 -1.90 14.38
C ASP A 400 -0.13 -0.88 15.48
N LEU A 401 0.07 -1.26 16.75
CA LEU A 401 -0.20 -0.40 17.90
C LEU A 401 0.75 0.79 17.93
N MET A 402 2.04 0.60 17.56
CA MET A 402 3.03 1.68 17.50
C MET A 402 2.69 2.75 16.47
N GLY A 403 2.24 2.33 15.29
CA GLY A 403 1.79 3.23 14.24
C GLY A 403 0.49 3.92 14.60
N THR A 404 -0.45 3.18 15.22
CA THR A 404 -1.75 3.70 15.65
C THR A 404 -1.57 4.78 16.76
N LEU A 405 -0.73 4.50 17.78
CA LEU A 405 -0.44 5.42 18.89
C LEU A 405 0.16 6.72 18.31
N LEU A 406 1.24 6.64 17.52
CA LEU A 406 1.86 7.82 16.90
C LEU A 406 0.86 8.62 16.10
N MET A 407 0.21 7.95 15.11
CA MET A 407 -0.71 8.64 14.21
C MET A 407 -1.99 9.20 14.84
N SER A 408 -2.65 8.44 15.75
CA SER A 408 -3.85 8.96 16.39
C SER A 408 -3.61 10.30 17.09
N ILE A 409 -2.48 10.40 17.83
CA ILE A 409 -2.09 11.64 18.53
C ILE A 409 -1.63 12.70 17.53
N THR A 410 -0.85 12.32 16.49
CA THR A 410 -0.42 13.24 15.44
C THR A 410 -1.63 13.96 14.80
N TYR A 411 -2.70 13.20 14.45
CA TYR A 411 -3.92 13.77 13.85
C TYR A 411 -4.68 14.64 14.83
N LEU A 412 -4.78 14.23 16.12
CA LEU A 412 -5.46 15.00 17.14
C LEU A 412 -4.76 16.35 17.34
N VAL A 413 -3.41 16.34 17.41
CA VAL A 413 -2.58 17.54 17.55
C VAL A 413 -2.81 18.50 16.36
N MET A 414 -2.89 17.95 15.14
CA MET A 414 -3.18 18.69 13.91
C MET A 414 -4.54 19.39 14.04
N GLN A 415 -5.56 18.68 14.57
CA GLN A 415 -6.90 19.23 14.76
C GLN A 415 -6.89 20.33 15.82
N LEU A 416 -6.10 20.13 16.92
CA LEU A 416 -5.96 21.11 17.99
C LEU A 416 -5.27 22.39 17.51
N ASP A 417 -4.10 22.24 16.88
CA ASP A 417 -3.30 23.33 16.34
C ASP A 417 -4.02 24.17 15.32
N HIS A 418 -4.64 23.56 14.33
CA HIS A 418 -5.25 24.27 13.22
C HIS A 418 -6.73 24.57 13.30
N THR A 419 -7.48 23.91 14.20
CA THR A 419 -8.93 24.06 14.24
C THR A 419 -9.55 24.26 15.61
N ALA A 420 -8.97 23.67 16.68
CA ALA A 420 -9.61 23.75 17.99
C ALA A 420 -8.78 24.26 19.18
N PRO A 421 -8.24 25.50 19.12
CA PRO A 421 -7.46 26.02 20.26
C PRO A 421 -8.25 26.19 21.56
N HIS A 422 -9.58 26.27 21.44
CA HIS A 422 -10.50 26.37 22.56
C HIS A 422 -10.54 25.10 23.40
N LEU A 423 -10.02 23.99 22.87
CA LEU A 423 -9.99 22.73 23.61
C LEU A 423 -8.68 22.56 24.40
N ASN A 424 -7.65 23.39 24.11
CA ASN A 424 -6.36 23.32 24.79
C ASN A 424 -6.44 23.41 26.32
N SER A 425 -7.39 24.22 26.84
CA SER A 425 -7.63 24.40 28.27
C SER A 425 -8.09 23.10 28.96
N ARG A 426 -8.62 22.13 28.19
CA ARG A 426 -9.05 20.83 28.74
C ARG A 426 -7.86 19.86 28.97
N ILE A 427 -6.65 20.23 28.51
CA ILE A 427 -5.45 19.39 28.62
C ILE A 427 -4.41 20.15 29.44
N LYS A 428 -4.53 20.06 30.78
CA LYS A 428 -3.71 20.80 31.74
C LYS A 428 -2.65 19.95 32.43
N ASP A 429 -2.98 18.67 32.66
CA ASP A 429 -2.14 17.71 33.36
C ASP A 429 -2.46 16.28 32.86
N MET A 430 -1.86 15.24 33.47
CA MET A 430 -2.13 13.87 33.08
C MET A 430 -3.59 13.44 33.28
N PRO A 431 -4.23 13.66 34.48
CA PRO A 431 -5.65 13.26 34.62
C PRO A 431 -6.58 13.90 33.62
N SER A 432 -6.41 15.20 33.32
CA SER A 432 -7.23 15.90 32.33
C SER A 432 -6.90 15.49 30.89
N ALA A 433 -5.61 15.20 30.59
CA ALA A 433 -5.21 14.71 29.26
C ALA A 433 -5.89 13.34 28.98
N CYS A 434 -5.89 12.43 30.00
CA CYS A 434 -6.53 11.12 29.93
C CYS A 434 -8.05 11.24 29.73
N ARG A 435 -8.74 12.13 30.52
CA ARG A 435 -10.19 12.35 30.43
C ARG A 435 -10.56 12.86 29.05
N PHE A 436 -9.80 13.84 28.52
CA PHE A 436 -10.04 14.42 27.19
C PHE A 436 -9.86 13.36 26.08
N LEU A 437 -8.74 12.63 26.13
CA LEU A 437 -8.43 11.62 25.11
C LEU A 437 -9.45 10.50 25.10
N ASP A 438 -9.88 10.06 26.31
CA ASP A 438 -10.90 9.02 26.50
C ASP A 438 -12.20 9.44 25.81
N SER A 439 -12.60 10.72 25.98
CA SER A 439 -13.78 11.28 25.36
C SER A 439 -13.62 11.38 23.83
N TYR A 440 -12.48 11.90 23.36
CA TYR A 440 -12.16 12.09 21.94
C TYR A 440 -12.18 10.75 21.18
N TRP A 441 -11.52 9.72 21.76
CA TRP A 441 -11.42 8.39 21.18
C TRP A 441 -12.76 7.65 21.09
N GLN A 442 -13.75 8.02 21.93
CA GLN A 442 -15.10 7.45 21.93
C GLN A 442 -16.03 8.20 20.94
N GLY A 443 -15.49 9.22 20.26
CA GLY A 443 -16.23 10.04 19.30
C GLY A 443 -17.18 11.02 19.96
N HIS A 444 -16.87 11.44 21.20
CA HIS A 444 -17.71 12.38 21.96
C HIS A 444 -17.38 13.86 21.80
N GLU A 445 -16.34 14.21 21.04
CA GLU A 445 -15.96 15.61 20.84
C GLU A 445 -16.39 16.10 19.47
N GLU A 446 -16.32 17.43 19.22
CA GLU A 446 -16.71 18.01 17.93
C GLU A 446 -15.67 17.75 16.86
N ILE A 447 -14.46 17.37 17.28
CA ILE A 447 -13.36 16.91 16.45
C ILE A 447 -13.29 15.39 16.65
N ARG A 448 -13.27 14.65 15.53
CA ARG A 448 -13.29 13.19 15.54
C ARG A 448 -12.31 12.60 14.54
N GLN A 449 -12.10 11.27 14.63
CA GLN A 449 -11.24 10.54 13.71
C GLN A 449 -11.55 9.05 13.72
N ILE A 450 -11.27 8.41 12.60
CA ILE A 450 -11.33 6.98 12.45
C ILE A 450 -9.95 6.65 11.88
N SER A 451 -9.19 5.78 12.56
CA SER A 451 -7.83 5.52 12.08
C SER A 451 -7.36 4.10 12.32
N LYS A 452 -6.30 3.74 11.58
CA LYS A 452 -5.55 2.50 11.71
C LYS A 452 -4.18 2.79 11.12
N SER A 453 -3.13 2.83 11.98
CA SER A 453 -1.75 3.15 11.59
C SER A 453 -1.70 4.46 10.74
N ASP A 454 -1.24 4.35 9.48
CA ASP A 454 -1.11 5.48 8.56
C ASP A 454 -2.33 5.78 7.70
N ASP A 455 -3.47 5.08 7.94
CA ASP A 455 -4.72 5.36 7.21
C ASP A 455 -5.70 5.99 8.19
N ALA A 456 -6.30 7.12 7.78
CA ALA A 456 -7.25 7.83 8.63
C ALA A 456 -8.16 8.76 7.86
N MET A 457 -9.27 9.10 8.53
CA MET A 457 -10.24 10.08 8.10
C MET A 457 -10.56 10.94 9.31
N LEU A 458 -10.34 12.25 9.17
CA LEU A 458 -10.51 13.24 10.24
C LEU A 458 -11.84 13.95 10.07
N GLY A 459 -12.59 14.04 11.16
CA GLY A 459 -13.90 14.67 11.13
C GLY A 459 -14.16 15.84 12.05
N TRP A 460 -15.08 16.70 11.61
CA TRP A 460 -15.56 17.89 12.29
C TRP A 460 -17.09 17.86 12.25
N THR A 461 -17.73 18.03 13.40
CA THR A 461 -19.17 18.17 13.45
C THR A 461 -19.42 19.71 13.42
N LYS A 462 -20.66 20.15 13.64
CA LYS A 462 -20.97 21.58 13.71
C LYS A 462 -20.34 22.09 15.00
N GLY A 463 -19.87 23.32 14.97
CA GLY A 463 -19.24 23.94 16.13
C GLY A 463 -18.14 24.90 15.79
N ARG A 464 -17.41 25.33 16.82
CA ARG A 464 -16.34 26.30 16.71
C ARG A 464 -15.13 25.85 15.88
N ALA A 465 -14.82 24.53 15.91
CA ALA A 465 -13.69 23.97 15.18
C ALA A 465 -13.91 23.82 13.67
N LEU A 466 -15.20 23.73 13.23
CA LEU A 466 -15.57 23.53 11.83
C LEU A 466 -14.94 24.48 10.82
N VAL A 467 -14.91 25.77 11.12
CA VAL A 467 -14.29 26.77 10.23
C VAL A 467 -12.78 26.49 10.03
N GLY A 468 -12.11 26.12 11.13
CA GLY A 468 -10.70 25.77 11.14
C GLY A 468 -10.44 24.50 10.34
N GLY A 469 -11.37 23.55 10.47
CA GLY A 469 -11.33 22.30 9.74
C GLY A 469 -11.22 22.54 8.25
N HIS A 470 -12.03 23.51 7.70
CA HIS A 470 -12.04 23.89 6.28
C HIS A 470 -10.72 24.56 5.85
N ARG A 471 -10.11 25.38 6.73
CA ARG A 471 -8.82 26.04 6.47
C ARG A 471 -7.70 25.00 6.38
N LEU A 472 -7.71 24.02 7.30
CA LEU A 472 -6.73 22.92 7.31
C LEU A 472 -6.83 22.11 6.00
N PHE A 473 -8.04 21.78 5.55
CA PHE A 473 -8.28 21.06 4.30
C PHE A 473 -7.70 21.87 3.14
N GLU A 474 -7.94 23.20 3.14
CA GLU A 474 -7.41 24.09 2.11
C GLU A 474 -5.87 24.10 2.13
N MET A 475 -5.25 24.14 3.34
CA MET A 475 -3.80 24.10 3.51
C MET A 475 -3.23 22.80 2.90
N LEU A 476 -3.93 21.66 3.12
CA LEU A 476 -3.54 20.36 2.57
C LEU A 476 -3.60 20.39 1.05
N LYS A 477 -4.73 20.90 0.47
CA LYS A 477 -4.89 21.04 -0.99
C LYS A 477 -3.74 21.88 -1.61
N GLU A 478 -3.42 23.03 -0.99
CA GLU A 478 -2.35 23.92 -1.44
C GLU A 478 -0.97 23.23 -1.43
N GLY A 479 -0.78 22.35 -0.44
CA GLY A 479 0.43 21.55 -0.26
C GLY A 479 1.75 22.31 -0.15
N LYS A 480 1.72 23.47 0.51
CA LYS A 480 2.93 24.28 0.66
C LYS A 480 3.53 24.20 2.05
N VAL A 481 2.69 23.89 3.04
CA VAL A 481 3.12 23.81 4.43
C VAL A 481 2.66 22.47 5.04
N ASN A 482 3.58 21.76 5.70
CA ASN A 482 3.24 20.50 6.39
C ASN A 482 2.46 20.89 7.67
N PRO A 483 1.22 20.37 7.86
CA PRO A 483 0.44 20.73 9.04
C PRO A 483 0.90 20.08 10.36
N SER A 484 1.86 19.15 10.30
CA SER A 484 2.34 18.45 11.48
C SER A 484 3.84 18.63 11.73
N PRO A 485 4.29 18.76 13.01
CA PRO A 485 5.72 18.76 13.26
C PRO A 485 6.30 17.32 13.35
N TYR A 486 5.44 16.30 13.41
CA TYR A 486 5.81 14.90 13.65
C TYR A 486 6.03 14.00 12.46
N MET A 487 5.14 14.08 11.45
CA MET A 487 5.21 13.25 10.24
C MET A 487 4.87 14.10 9.00
N LYS A 488 5.17 13.60 7.79
CA LYS A 488 4.86 14.30 6.54
C LYS A 488 3.43 13.96 6.15
N ILE A 489 2.50 14.92 6.36
CA ILE A 489 1.06 14.76 6.10
C ILE A 489 0.61 15.55 4.87
N SER A 490 -0.26 14.91 4.08
CA SER A 490 -0.89 15.46 2.90
C SER A 490 -2.32 14.89 2.84
N TYR A 491 -3.09 15.23 1.80
CA TYR A 491 -4.42 14.67 1.65
C TYR A 491 -4.27 13.52 0.66
N GLU A 492 -5.11 12.48 0.78
CA GLU A 492 -5.09 11.34 -0.13
C GLU A 492 -5.72 11.75 -1.47
N HIS A 493 -5.07 11.39 -2.60
CA HIS A 493 -5.60 11.61 -3.95
C HIS A 493 -6.60 10.47 -4.21
N GLY A 494 -7.85 10.74 -3.90
CA GLY A 494 -8.90 9.74 -4.03
C GLY A 494 -9.08 9.11 -2.68
N GLY A 495 -9.68 9.86 -1.77
CA GLY A 495 -9.92 9.48 -0.38
C GLY A 495 -10.52 8.10 -0.19
N ALA A 496 -9.85 7.26 0.63
CA ALA A 496 -10.29 5.93 0.98
C ALA A 496 -9.89 5.61 2.40
N PHE A 497 -10.64 4.71 3.05
CA PHE A 497 -10.31 4.28 4.39
C PHE A 497 -10.43 2.79 4.49
N LEU A 498 -9.28 2.13 4.77
CA LEU A 498 -9.17 0.70 4.95
C LEU A 498 -9.82 -0.09 3.80
N GLY A 499 -9.40 0.25 2.56
CA GLY A 499 -9.84 -0.40 1.33
C GLY A 499 -11.10 0.13 0.69
N ASP A 500 -11.95 0.87 1.45
CA ASP A 500 -13.22 1.41 0.97
C ASP A 500 -13.10 2.86 0.56
N ILE A 501 -13.47 3.14 -0.70
CA ILE A 501 -13.44 4.48 -1.24
C ILE A 501 -14.65 5.28 -0.74
N LEU A 502 -14.44 6.53 -0.28
CA LEU A 502 -15.55 7.39 0.13
C LEU A 502 -16.06 8.08 -1.13
N LEU A 503 -17.22 7.60 -1.64
CA LEU A 503 -17.83 8.09 -2.88
C LEU A 503 -18.77 9.24 -2.59
N TYR A 504 -18.37 10.45 -3.01
CA TYR A 504 -19.18 11.65 -2.83
C TYR A 504 -20.13 11.85 -4.02
N ASP A 505 -21.21 12.63 -3.81
CA ASP A 505 -22.09 12.99 -4.90
C ASP A 505 -21.82 14.47 -5.29
N SER A 506 -22.76 15.14 -6.00
CA SER A 506 -22.63 16.54 -6.46
C SER A 506 -22.41 17.54 -5.31
N ARG A 507 -22.99 17.24 -4.13
CA ARG A 507 -22.90 18.09 -2.94
C ARG A 507 -21.51 18.12 -2.31
N ARG A 508 -20.71 17.04 -2.49
CA ARG A 508 -19.35 16.90 -1.92
C ARG A 508 -19.36 17.12 -0.39
N GLU A 509 -20.31 16.45 0.29
CA GLU A 509 -20.52 16.52 1.73
C GLU A 509 -20.58 15.12 2.30
N PRO A 510 -20.00 14.89 3.52
CA PRO A 510 -20.02 13.52 4.11
C PRO A 510 -21.40 12.92 4.34
N GLY A 511 -22.41 13.77 4.61
CA GLY A 511 -23.77 13.35 4.87
C GLY A 511 -24.40 12.55 3.74
N SER A 512 -24.06 12.90 2.48
CA SER A 512 -24.59 12.22 1.30
C SER A 512 -23.54 11.35 0.58
N ALA A 513 -22.36 11.13 1.21
CA ALA A 513 -21.29 10.32 0.63
C ALA A 513 -21.46 8.89 1.11
N ILE A 514 -21.01 7.91 0.30
CA ILE A 514 -21.12 6.49 0.67
C ILE A 514 -19.78 5.78 0.55
N PHE A 515 -19.54 4.76 1.40
CA PHE A 515 -18.32 3.97 1.28
C PHE A 515 -18.58 2.82 0.31
N VAL A 516 -17.71 2.67 -0.71
CA VAL A 516 -17.83 1.58 -1.70
C VAL A 516 -16.51 0.81 -1.79
N GLY A 517 -16.58 -0.46 -2.19
CA GLY A 517 -15.39 -1.26 -2.41
C GLY A 517 -14.57 -0.67 -3.55
N ASN A 518 -13.23 -0.84 -3.49
CA ASN A 518 -12.33 -0.34 -4.54
C ASN A 518 -12.22 -1.41 -5.63
N ILE A 519 -12.78 -1.13 -6.84
CA ILE A 519 -12.76 -2.09 -7.96
C ILE A 519 -11.35 -2.43 -8.41
N ASN A 520 -10.42 -1.48 -8.27
CA ASN A 520 -9.02 -1.71 -8.62
C ASN A 520 -8.41 -2.76 -7.68
N SER A 521 -8.82 -2.79 -6.39
CA SER A 521 -8.35 -3.79 -5.42
C SER A 521 -8.86 -5.19 -5.81
N MET A 522 -10.07 -5.29 -6.40
CA MET A 522 -10.61 -6.57 -6.87
C MET A 522 -9.69 -7.11 -7.95
N LEU A 523 -9.32 -6.24 -8.90
CA LEU A 523 -8.44 -6.59 -10.01
C LEU A 523 -7.03 -6.96 -9.53
N ASN A 524 -6.50 -6.21 -8.53
CA ASN A 524 -5.21 -6.48 -7.91
C ASN A 524 -5.23 -7.88 -7.30
N ASN A 525 -6.25 -8.18 -6.50
CA ASN A 525 -6.37 -9.46 -5.82
C ASN A 525 -6.58 -10.62 -6.76
N GLN A 526 -7.40 -10.47 -7.83
CA GLN A 526 -7.69 -11.58 -8.74
C GLN A 526 -6.61 -11.82 -9.77
N PHE A 527 -5.99 -10.77 -10.30
CA PHE A 527 -4.99 -10.97 -11.35
C PHE A 527 -3.52 -10.70 -10.99
N SER A 528 -3.26 -10.03 -9.86
CA SER A 528 -1.90 -9.77 -9.41
C SER A 528 -1.72 -10.17 -7.93
N PRO A 529 -1.94 -11.44 -7.54
CA PRO A 529 -1.73 -11.81 -6.13
C PRO A 529 -0.26 -11.65 -5.75
N GLU A 530 0.02 -11.39 -4.47
CA GLU A 530 1.38 -11.21 -3.99
C GLU A 530 2.15 -12.53 -4.02
N TYR A 531 1.46 -13.63 -3.73
CA TYR A 531 2.06 -14.96 -3.68
C TYR A 531 1.44 -15.92 -4.70
N GLY A 532 2.17 -16.98 -5.01
CA GLY A 532 1.67 -18.07 -5.83
C GLY A 532 0.74 -18.95 -5.01
N VAL A 533 0.11 -19.95 -5.66
CA VAL A 533 -0.84 -20.83 -4.96
C VAL A 533 -0.22 -21.82 -3.96
N GLN A 534 1.12 -21.98 -4.03
CA GLN A 534 1.94 -22.90 -3.20
C GLN A 534 1.34 -24.29 -3.24
N SER A 535 1.06 -24.81 -4.47
CA SER A 535 0.43 -26.12 -4.65
C SER A 535 1.20 -27.31 -4.04
N GLY A 536 2.48 -27.09 -3.76
CA GLY A 536 3.36 -28.08 -3.13
C GLY A 536 3.26 -28.14 -1.61
N VAL A 537 2.60 -27.14 -0.98
CA VAL A 537 2.43 -27.08 0.47
C VAL A 537 1.13 -27.84 0.75
N ARG A 538 1.22 -29.08 1.28
CA ARG A 538 0.04 -29.95 1.51
C ARG A 538 -0.96 -29.37 2.46
N ASP A 539 -0.48 -28.80 3.59
CA ASP A 539 -1.36 -28.18 4.57
C ASP A 539 -1.74 -26.79 4.07
N ARG A 540 -2.95 -26.65 3.55
CA ARG A 540 -3.45 -25.40 2.99
C ARG A 540 -3.51 -24.25 3.97
N SER A 541 -3.76 -24.53 5.26
CA SER A 541 -3.81 -23.51 6.31
C SER A 541 -2.44 -22.80 6.49
N LYS A 542 -1.33 -23.45 6.07
CA LYS A 542 0.03 -22.89 6.13
C LYS A 542 0.40 -22.01 4.92
N ARG A 543 -0.38 -22.09 3.83
CA ARG A 543 -0.15 -21.31 2.61
C ARG A 543 -0.48 -19.83 2.84
N LYS A 544 0.12 -18.96 2.02
CA LYS A 544 -0.16 -17.53 2.03
C LYS A 544 -1.55 -17.26 1.45
N ARG A 545 -2.03 -18.16 0.56
CA ARG A 545 -3.37 -18.08 -0.06
C ARG A 545 -4.04 -19.46 0.12
N PRO A 546 -4.55 -19.77 1.34
CA PRO A 546 -5.09 -21.11 1.58
C PRO A 546 -6.18 -21.62 0.65
N PHE A 547 -7.22 -20.79 0.38
CA PHE A 547 -8.36 -21.18 -0.44
C PHE A 547 -8.71 -20.04 -1.40
N PRO A 548 -7.90 -19.85 -2.47
CA PRO A 548 -8.17 -18.73 -3.41
C PRO A 548 -9.54 -18.71 -4.07
N GLY A 549 -10.13 -19.88 -4.33
CA GLY A 549 -11.43 -20.01 -4.97
C GLY A 549 -12.57 -19.33 -4.24
N LEU A 550 -12.49 -19.31 -2.88
CA LEU A 550 -13.50 -18.73 -1.97
C LEU A 550 -13.82 -17.26 -2.18
N ALA A 551 -12.84 -16.46 -2.62
CA ALA A 551 -12.99 -15.03 -2.89
C ALA A 551 -14.09 -14.72 -3.92
N TRP A 552 -14.44 -15.69 -4.80
CA TRP A 552 -15.51 -15.51 -5.79
C TRP A 552 -16.86 -15.38 -5.08
N ALA A 553 -17.06 -16.14 -3.99
CA ALA A 553 -18.29 -16.14 -3.20
C ALA A 553 -18.54 -14.84 -2.41
N SER A 554 -17.45 -14.09 -2.08
CA SER A 554 -17.55 -12.84 -1.32
C SER A 554 -17.41 -11.59 -2.19
N MET A 555 -17.06 -11.77 -3.48
CA MET A 555 -16.87 -10.69 -4.46
C MET A 555 -18.02 -9.67 -4.54
N LYS A 556 -19.26 -10.13 -4.70
CA LYS A 556 -20.45 -9.27 -4.82
C LYS A 556 -20.62 -8.47 -3.53
N ASP A 557 -20.46 -9.12 -2.38
CA ASP A 557 -20.58 -8.40 -1.12
C ASP A 557 -19.48 -7.30 -0.96
N THR A 558 -18.24 -7.65 -1.30
CA THR A 558 -17.08 -6.76 -1.20
C THR A 558 -17.09 -5.62 -2.21
N TYR A 559 -17.33 -5.94 -3.48
CA TYR A 559 -17.25 -4.97 -4.58
C TYR A 559 -18.52 -4.56 -5.30
N GLY A 560 -19.63 -5.22 -5.00
CA GLY A 560 -20.93 -4.95 -5.62
C GLY A 560 -21.42 -3.52 -5.62
N ALA A 561 -21.01 -2.73 -4.58
CA ALA A 561 -21.36 -1.32 -4.43
C ALA A 561 -20.55 -0.38 -5.32
N CYS A 562 -19.49 -0.87 -5.99
CA CYS A 562 -18.74 0.00 -6.89
C CYS A 562 -19.61 0.33 -8.09
N PRO A 563 -19.74 1.65 -8.48
CA PRO A 563 -20.58 2.00 -9.64
C PRO A 563 -20.36 1.18 -10.92
N ILE A 564 -19.11 0.80 -11.20
CA ILE A 564 -18.72 0.05 -12.40
C ILE A 564 -18.49 -1.45 -12.21
N TYR A 565 -18.98 -2.03 -11.11
CA TYR A 565 -18.83 -3.45 -10.81
C TYR A 565 -19.19 -4.37 -11.99
N SER A 566 -20.44 -4.25 -12.51
CA SER A 566 -20.98 -5.07 -13.62
C SER A 566 -20.17 -4.91 -14.89
N ASP A 567 -19.77 -3.65 -15.20
CA ASP A 567 -18.98 -3.28 -16.37
C ASP A 567 -17.64 -4.00 -16.38
N VAL A 568 -17.00 -4.06 -15.19
CA VAL A 568 -15.70 -4.70 -15.02
C VAL A 568 -15.80 -6.21 -15.21
N LEU A 569 -16.82 -6.84 -14.59
CA LEU A 569 -17.02 -8.28 -14.74
C LEU A 569 -17.27 -8.70 -16.19
N GLU A 570 -18.02 -7.88 -16.95
CA GLU A 570 -18.28 -8.13 -18.37
C GLU A 570 -17.01 -7.96 -19.18
N ALA A 571 -16.20 -6.90 -18.86
CA ALA A 571 -14.93 -6.64 -19.54
C ALA A 571 -13.96 -7.79 -19.30
N ILE A 572 -13.93 -8.34 -18.07
CA ILE A 572 -13.09 -9.50 -17.72
C ILE A 572 -13.50 -10.69 -18.59
N GLU A 573 -14.81 -11.02 -18.62
CA GLU A 573 -15.36 -12.15 -19.38
C GLU A 573 -15.01 -12.08 -20.85
N ARG A 574 -15.23 -10.91 -21.46
CA ARG A 574 -14.93 -10.65 -22.86
C ARG A 574 -13.43 -10.83 -23.14
N CYS A 575 -12.55 -10.18 -22.34
CA CYS A 575 -11.10 -10.28 -22.50
C CYS A 575 -10.55 -11.69 -22.26
N TRP A 576 -11.11 -12.40 -21.26
CA TRP A 576 -10.66 -13.78 -20.94
C TRP A 576 -11.04 -14.73 -22.06
N TRP A 577 -12.24 -14.53 -22.67
CA TRP A 577 -12.69 -15.29 -23.85
C TRP A 577 -11.70 -15.07 -24.99
N ASN A 578 -11.30 -13.81 -25.25
CA ASN A 578 -10.36 -13.45 -26.31
C ASN A 578 -8.99 -14.12 -26.11
N ALA A 579 -8.51 -14.13 -24.86
CA ALA A 579 -7.20 -14.68 -24.50
C ALA A 579 -7.11 -16.20 -24.34
N PHE A 580 -8.12 -16.83 -23.69
CA PHE A 580 -8.08 -18.26 -23.39
C PHE A 580 -9.10 -19.13 -24.13
N GLY A 581 -10.11 -18.49 -24.71
CA GLY A 581 -11.20 -19.18 -25.37
C GLY A 581 -12.00 -19.96 -24.34
N GLU A 582 -12.18 -19.37 -23.14
CA GLU A 582 -12.90 -19.97 -22.01
C GLU A 582 -13.69 -18.92 -21.26
N SER A 583 -14.70 -19.36 -20.49
CA SER A 583 -15.48 -18.47 -19.63
C SER A 583 -14.75 -18.27 -18.29
N TYR A 584 -14.41 -17.01 -17.95
CA TYR A 584 -13.75 -16.72 -16.68
C TYR A 584 -14.68 -17.07 -15.52
N ARG A 585 -15.97 -16.68 -15.62
CA ARG A 585 -16.99 -16.95 -14.61
C ARG A 585 -17.06 -18.45 -14.33
N ALA A 586 -17.11 -19.31 -15.37
CA ALA A 586 -17.16 -20.77 -15.19
C ALA A 586 -15.89 -21.30 -14.52
N TYR A 587 -14.73 -20.76 -14.93
CA TYR A 587 -13.41 -21.09 -14.38
C TYR A 587 -13.38 -20.81 -12.87
N ARG A 588 -13.91 -19.64 -12.44
CA ARG A 588 -13.95 -19.27 -11.04
C ARG A 588 -14.99 -20.05 -10.26
N GLU A 589 -16.12 -20.43 -10.92
CA GLU A 589 -17.16 -21.24 -10.28
C GLU A 589 -16.59 -22.61 -9.97
N ASP A 590 -15.78 -23.19 -10.88
CA ASP A 590 -15.15 -24.50 -10.66
C ASP A 590 -14.18 -24.43 -9.48
N MET A 591 -13.32 -23.37 -9.44
CA MET A 591 -12.33 -23.15 -8.37
C MET A 591 -13.05 -22.98 -7.04
N LEU A 592 -14.18 -22.25 -7.03
CA LEU A 592 -15.00 -22.04 -5.83
C LEU A 592 -15.53 -23.38 -5.30
N LYS A 593 -16.05 -24.25 -6.20
CA LYS A 593 -16.57 -25.58 -5.85
C LYS A 593 -15.48 -26.44 -5.22
N ARG A 594 -14.30 -26.51 -5.87
CA ARG A 594 -13.16 -27.30 -5.39
C ARG A 594 -12.67 -26.84 -4.02
N ASP A 595 -12.50 -25.52 -3.85
CA ASP A 595 -12.03 -24.94 -2.58
C ASP A 595 -13.03 -25.05 -1.45
N THR A 596 -14.35 -25.01 -1.75
CA THR A 596 -15.42 -25.18 -0.76
C THR A 596 -15.35 -26.60 -0.19
N LEU A 597 -15.14 -27.61 -1.07
CA LEU A 597 -15.01 -29.01 -0.69
C LEU A 597 -13.76 -29.25 0.15
N GLU A 598 -12.65 -28.65 -0.26
CA GLU A 598 -11.38 -28.76 0.42
C GLU A 598 -11.44 -28.12 1.82
N LEU A 599 -12.18 -26.99 1.96
CA LEU A 599 -12.34 -26.28 3.22
C LEU A 599 -12.91 -27.15 4.36
N SER A 600 -13.91 -28.00 4.06
CA SER A 600 -14.54 -28.84 5.08
C SER A 600 -13.55 -29.76 5.79
N ARG A 601 -12.41 -30.11 5.12
CA ARG A 601 -11.35 -30.95 5.67
C ARG A 601 -10.65 -30.22 6.84
N TYR A 602 -10.68 -28.90 6.83
CA TYR A 602 -9.98 -28.04 7.77
C TYR A 602 -10.85 -27.52 8.91
N VAL A 603 -12.17 -27.55 8.75
CA VAL A 603 -13.14 -27.02 9.72
C VAL A 603 -13.87 -28.19 10.39
N ALA A 604 -13.63 -28.39 11.70
CA ALA A 604 -14.23 -29.47 12.49
C ALA A 604 -15.78 -29.51 12.44
N SER A 605 -16.41 -28.32 12.47
CA SER A 605 -17.86 -28.12 12.43
C SER A 605 -18.46 -28.45 11.04
N MET A 606 -17.63 -28.42 9.99
CA MET A 606 -18.03 -28.68 8.61
C MET A 606 -17.95 -30.13 8.22
N ALA A 607 -19.12 -30.68 7.86
CA ALA A 607 -19.30 -32.03 7.36
C ALA A 607 -18.69 -32.12 5.96
N ARG A 608 -18.33 -33.35 5.55
CA ARG A 608 -17.72 -33.74 4.26
C ARG A 608 -18.03 -32.87 3.01
N GLN A 609 -19.25 -32.28 2.94
CA GLN A 609 -19.70 -31.37 1.88
C GLN A 609 -20.67 -30.31 2.47
N ALA A 610 -20.26 -29.64 3.54
CA ALA A 610 -21.10 -28.69 4.25
C ALA A 610 -21.56 -27.45 3.47
N GLY A 611 -20.66 -26.84 2.71
CA GLY A 611 -20.95 -25.61 1.97
C GLY A 611 -20.61 -24.37 2.78
N LEU A 612 -20.68 -23.19 2.17
CA LEU A 612 -20.29 -21.92 2.82
C LEU A 612 -21.41 -21.17 3.58
N ALA A 613 -22.57 -21.82 3.81
CA ALA A 613 -23.74 -21.22 4.46
C ALA A 613 -23.47 -20.47 5.77
N GLU A 614 -22.65 -21.03 6.67
CA GLU A 614 -22.39 -20.37 7.96
C GLU A 614 -21.34 -19.25 7.93
N LEU A 615 -20.60 -19.13 6.81
CA LEU A 615 -19.50 -18.17 6.65
C LEU A 615 -19.86 -16.80 6.13
N THR A 616 -19.23 -15.78 6.68
CA THR A 616 -19.43 -14.39 6.31
C THR A 616 -18.52 -13.98 5.14
N PRO A 617 -18.79 -12.85 4.46
CA PRO A 617 -17.87 -12.37 3.42
C PRO A 617 -16.45 -12.14 3.94
N ILE A 618 -16.29 -11.63 5.20
CA ILE A 618 -14.99 -11.42 5.85
C ILE A 618 -14.25 -12.75 5.97
N ASP A 619 -14.96 -13.83 6.43
CA ASP A 619 -14.41 -15.19 6.54
C ASP A 619 -13.84 -15.67 5.24
N LEU A 620 -14.57 -15.45 4.14
CA LEU A 620 -14.16 -15.86 2.79
C LEU A 620 -12.97 -15.10 2.25
N GLU A 621 -12.95 -13.75 2.42
CA GLU A 621 -11.84 -12.88 1.99
C GLU A 621 -10.54 -13.23 2.71
N VAL A 622 -10.65 -13.58 4.02
CA VAL A 622 -9.55 -13.95 4.91
C VAL A 622 -9.03 -15.36 4.56
N LEU A 623 -9.91 -16.31 4.22
CA LEU A 623 -9.44 -17.64 3.84
C LEU A 623 -8.70 -17.63 2.48
N ALA A 624 -9.07 -16.70 1.60
CA ALA A 624 -8.43 -16.53 0.30
C ALA A 624 -7.14 -15.70 0.46
N ASP A 625 -7.13 -14.75 1.45
CA ASP A 625 -5.99 -13.88 1.72
C ASP A 625 -5.85 -13.55 3.23
N PRO A 626 -5.15 -14.39 4.05
CA PRO A 626 -5.03 -14.09 5.50
C PRO A 626 -4.25 -12.82 5.85
N ASN A 627 -3.57 -12.25 4.85
CA ASN A 627 -2.82 -11.00 4.98
C ASN A 627 -3.77 -9.88 5.33
N LYS A 628 -5.08 -10.03 4.99
CA LYS A 628 -6.15 -9.07 5.32
C LYS A 628 -6.37 -9.00 6.84
N LEU A 629 -5.96 -10.07 7.56
CA LEU A 629 -6.06 -10.21 9.01
C LEU A 629 -4.90 -9.46 9.72
N GLN A 630 -3.93 -8.96 8.94
CA GLN A 630 -2.74 -8.28 9.42
C GLN A 630 -2.71 -6.79 9.08
N TYR A 631 -3.71 -6.31 8.33
CA TYR A 631 -3.75 -4.90 7.95
C TYR A 631 -5.18 -4.33 7.84
N LYS A 632 -6.18 -5.19 7.59
CA LYS A 632 -7.55 -4.76 7.38
C LYS A 632 -8.49 -5.10 8.55
N TRP A 633 -8.52 -6.37 8.96
CA TRP A 633 -9.41 -6.85 10.01
C TRP A 633 -8.65 -7.40 11.20
N THR A 634 -9.39 -7.87 12.21
CA THR A 634 -8.82 -8.46 13.42
C THR A 634 -9.58 -9.76 13.75
N GLN A 635 -9.06 -10.54 14.72
CA GLN A 635 -9.60 -11.82 15.21
C GLN A 635 -11.12 -11.82 15.44
N ALA A 636 -11.64 -10.76 16.12
CA ALA A 636 -13.06 -10.64 16.45
C ALA A 636 -13.99 -10.50 15.23
N ASP A 637 -13.43 -10.10 14.06
CA ASP A 637 -14.17 -9.91 12.81
C ASP A 637 -14.40 -11.21 12.07
N VAL A 638 -13.65 -12.26 12.44
CA VAL A 638 -13.66 -13.58 11.83
C VAL A 638 -14.39 -14.58 12.72
N SER A 639 -15.24 -15.46 12.11
CA SER A 639 -15.94 -16.52 12.82
C SER A 639 -14.90 -17.37 13.55
N ALA A 640 -15.22 -17.79 14.78
CA ALA A 640 -14.32 -18.55 15.66
C ALA A 640 -13.77 -19.81 15.01
N ASN A 641 -14.64 -20.58 14.30
CA ASN A 641 -14.22 -21.82 13.64
C ASN A 641 -13.25 -21.58 12.45
N ILE A 642 -13.27 -20.37 11.87
CA ILE A 642 -12.40 -19.96 10.77
C ILE A 642 -11.05 -19.45 11.29
N HIS A 643 -11.06 -18.69 12.40
CA HIS A 643 -9.82 -18.20 13.02
C HIS A 643 -8.91 -19.37 13.42
N GLU A 644 -9.51 -20.47 13.93
CA GLU A 644 -8.83 -21.71 14.31
C GLU A 644 -8.12 -22.39 13.13
N VAL A 645 -8.60 -22.18 11.89
CA VAL A 645 -8.01 -22.74 10.67
C VAL A 645 -6.63 -22.13 10.46
N LEU A 646 -6.52 -20.83 10.70
CA LEU A 646 -5.30 -20.05 10.44
C LEU A 646 -4.34 -19.87 11.58
N MET A 647 -4.84 -19.93 12.81
CA MET A 647 -4.06 -19.67 14.02
C MET A 647 -4.16 -20.79 15.04
N HIS A 648 -3.13 -20.91 15.86
CA HIS A 648 -3.10 -21.81 17.00
C HIS A 648 -2.61 -21.02 18.19
N GLY A 649 -3.00 -21.41 19.38
CA GLY A 649 -2.61 -20.67 20.56
C GLY A 649 -1.95 -21.44 21.69
N VAL A 650 -1.27 -20.68 22.55
CA VAL A 650 -0.65 -21.09 23.80
C VAL A 650 -1.80 -20.90 24.81
N SER A 651 -1.98 -21.82 25.78
CA SER A 651 -3.09 -21.72 26.75
C SER A 651 -3.17 -20.39 27.52
N VAL A 652 -4.41 -19.94 27.83
CA VAL A 652 -4.65 -18.70 28.59
C VAL A 652 -4.12 -18.84 30.04
N GLU A 653 -3.91 -20.08 30.52
CA GLU A 653 -3.39 -20.38 31.85
C GLU A 653 -1.93 -19.90 31.94
N LYS A 654 -1.13 -20.19 30.90
CA LYS A 654 0.28 -19.80 30.80
C LYS A 654 0.41 -18.28 30.56
N THR A 655 -0.47 -17.70 29.72
CA THR A 655 -0.43 -16.26 29.42
C THR A 655 -0.92 -15.43 30.59
N GLU A 656 -1.94 -15.93 31.31
CA GLU A 656 -2.53 -15.27 32.49
C GLU A 656 -1.46 -15.09 33.57
N ARG A 657 -0.65 -16.13 33.82
CA ARG A 657 0.43 -16.12 34.80
C ARG A 657 1.54 -15.16 34.35
N PHE A 658 1.85 -15.16 33.04
CA PHE A 658 2.85 -14.26 32.47
C PHE A 658 2.41 -12.81 32.62
N LEU A 659 1.16 -12.50 32.21
CA LEU A 659 0.58 -11.16 32.25
C LEU A 659 0.52 -10.56 33.64
N ARG A 660 0.24 -11.39 34.67
CA ARG A 660 0.18 -10.99 36.08
C ARG A 660 1.54 -10.44 36.53
N SER A 661 2.64 -11.07 36.07
CA SER A 661 4.01 -10.68 36.39
C SER A 661 4.50 -9.40 35.70
N VAL A 662 3.86 -9.00 34.58
CA VAL A 662 4.23 -7.83 33.75
C VAL A 662 3.54 -6.57 34.24
N MET A 663 2.24 -6.67 34.35
CA MET A 663 1.33 -5.60 34.65
C MET A 663 1.40 -5.02 36.04
N PRO A 664 1.00 -3.73 36.21
CA PRO A 664 1.01 -3.13 37.56
C PRO A 664 0.01 -3.82 38.49
N ARG A 665 0.47 -4.08 39.74
CA ARG A 665 -0.23 -4.72 40.88
C ARG A 665 -1.62 -5.35 40.63
N PRO B 2 1.37 -42.91 -55.81
CA PRO B 2 0.08 -43.58 -55.93
C PRO B 2 -1.13 -42.73 -55.53
N ARG B 3 -1.06 -41.40 -55.82
CA ARG B 3 -2.10 -40.38 -55.59
C ARG B 3 -2.32 -39.92 -54.16
N ARG B 4 -1.93 -38.68 -53.92
CA ARG B 4 -2.10 -38.05 -52.63
C ARG B 4 -3.55 -37.60 -52.53
N ALA B 5 -4.12 -37.72 -51.33
CA ALA B 5 -5.49 -37.31 -51.09
C ALA B 5 -5.57 -35.78 -51.12
N PRO B 6 -6.63 -35.18 -51.71
CA PRO B 6 -6.70 -33.72 -51.70
C PRO B 6 -6.96 -33.23 -50.29
N ALA B 7 -6.39 -32.08 -49.94
CA ALA B 7 -6.58 -31.49 -48.63
C ALA B 7 -6.99 -30.04 -48.81
N PHE B 8 -7.95 -29.60 -47.99
CA PHE B 8 -8.47 -28.25 -48.06
C PHE B 8 -8.39 -27.55 -46.71
N PRO B 9 -7.84 -26.31 -46.65
CA PRO B 9 -7.81 -25.60 -45.36
C PRO B 9 -9.24 -25.18 -44.96
N LEU B 10 -9.45 -24.82 -43.68
CA LEU B 10 -10.78 -24.40 -43.20
C LEU B 10 -11.36 -23.26 -44.05
N SER B 11 -10.50 -22.32 -44.49
CA SER B 11 -10.88 -21.17 -45.32
C SER B 11 -11.49 -21.56 -46.67
N ASP B 12 -11.17 -22.76 -47.19
CA ASP B 12 -11.69 -23.23 -48.48
C ASP B 12 -13.17 -23.45 -48.42
N ILE B 13 -13.87 -23.15 -49.51
CA ILE B 13 -15.31 -23.35 -49.62
C ILE B 13 -15.75 -24.78 -49.29
N LYS B 14 -14.96 -25.80 -49.69
CA LYS B 14 -15.26 -27.21 -49.42
C LYS B 14 -15.30 -27.53 -47.94
N ALA B 15 -14.45 -26.86 -47.13
CA ALA B 15 -14.42 -27.04 -45.68
C ALA B 15 -15.52 -26.19 -45.02
N GLN B 16 -15.73 -24.97 -45.54
CA GLN B 16 -16.75 -24.05 -45.03
C GLN B 16 -18.17 -24.65 -45.07
N MET B 17 -18.47 -25.39 -46.14
CA MET B 17 -19.74 -26.06 -46.40
C MET B 17 -20.04 -27.15 -45.37
N LEU B 18 -19.05 -27.55 -44.56
CA LEU B 18 -19.24 -28.62 -43.57
C LEU B 18 -19.81 -28.12 -42.27
N PHE B 19 -19.80 -26.80 -42.08
CA PHE B 19 -20.23 -26.16 -40.84
C PHE B 19 -21.35 -25.18 -41.10
N ALA B 20 -22.52 -25.48 -40.52
CA ALA B 20 -23.72 -24.68 -40.66
C ALA B 20 -23.56 -23.26 -40.06
N ASN B 21 -24.44 -22.34 -40.47
CA ASN B 21 -24.45 -20.95 -40.03
C ASN B 21 -25.04 -20.79 -38.63
N ASN B 22 -24.35 -21.35 -37.63
CA ASN B 22 -24.69 -21.29 -36.20
C ASN B 22 -23.41 -21.32 -35.38
N ILE B 23 -23.44 -20.74 -34.18
CA ILE B 23 -22.31 -20.60 -33.27
C ILE B 23 -21.66 -21.94 -32.92
N LYS B 24 -22.46 -22.96 -32.57
CA LYS B 24 -21.92 -24.28 -32.22
C LYS B 24 -21.10 -24.91 -33.35
N ALA B 25 -21.66 -24.90 -34.58
CA ALA B 25 -21.08 -25.42 -35.82
C ALA B 25 -19.79 -24.70 -36.18
N GLN B 26 -19.80 -23.35 -36.06
CA GLN B 26 -18.65 -22.49 -36.34
C GLN B 26 -17.56 -22.67 -35.30
N GLN B 27 -17.94 -22.83 -34.01
CA GLN B 27 -17.01 -23.04 -32.88
C GLN B 27 -16.28 -24.37 -32.99
N ALA B 28 -16.96 -25.40 -33.59
CA ALA B 28 -16.38 -26.72 -33.80
C ALA B 28 -15.34 -26.70 -34.92
N SER B 29 -15.61 -25.93 -35.99
CA SER B 29 -14.68 -25.77 -37.11
C SER B 29 -13.35 -25.18 -36.67
N LYS B 30 -13.41 -24.15 -35.84
CA LYS B 30 -12.31 -23.34 -35.33
C LYS B 30 -11.62 -23.81 -34.05
N ARG B 31 -12.26 -24.68 -33.22
CA ARG B 31 -11.67 -25.15 -31.94
C ARG B 31 -10.17 -25.48 -32.06
N SER B 32 -9.33 -24.76 -31.29
CA SER B 32 -7.88 -24.93 -31.26
C SER B 32 -7.47 -26.04 -30.26
N PHE B 33 -6.16 -26.42 -30.23
CA PHE B 33 -5.63 -27.43 -29.30
C PHE B 33 -5.89 -26.97 -27.88
N LYS B 34 -6.46 -27.86 -27.05
CA LYS B 34 -6.78 -27.57 -25.65
C LYS B 34 -6.28 -28.68 -24.74
N GLU B 35 -5.78 -28.32 -23.53
CA GLU B 35 -5.30 -29.26 -22.52
C GLU B 35 -5.45 -28.69 -21.11
N GLY B 36 -5.64 -29.57 -20.13
CA GLY B 36 -5.81 -29.23 -18.73
C GLY B 36 -6.12 -30.43 -17.87
N ALA B 37 -5.79 -30.35 -16.56
CA ALA B 37 -6.02 -31.43 -15.60
C ALA B 37 -7.48 -31.77 -15.50
N ILE B 38 -7.81 -33.06 -15.46
CA ILE B 38 -9.23 -33.46 -15.34
C ILE B 38 -9.62 -33.46 -13.87
N GLU B 39 -10.89 -33.15 -13.59
CA GLU B 39 -11.38 -33.20 -12.22
C GLU B 39 -11.72 -34.67 -12.02
N THR B 40 -10.73 -35.45 -11.57
CA THR B 40 -10.83 -36.89 -11.35
C THR B 40 -12.10 -37.25 -10.58
N TYR B 41 -12.33 -36.54 -9.47
CA TYR B 41 -13.50 -36.60 -8.58
C TYR B 41 -13.77 -35.17 -8.14
N GLU B 42 -15.00 -34.91 -7.62
CA GLU B 42 -15.41 -33.61 -7.13
C GLU B 42 -14.31 -33.02 -6.23
N GLY B 43 -13.77 -31.88 -6.64
CA GLY B 43 -12.76 -31.16 -5.88
C GLY B 43 -11.37 -31.78 -5.84
N LEU B 44 -11.07 -32.73 -6.77
CA LEU B 44 -9.75 -33.36 -6.87
C LEU B 44 -9.25 -33.38 -8.31
N LEU B 45 -8.13 -32.71 -8.58
CA LEU B 45 -7.52 -32.69 -9.91
C LEU B 45 -6.54 -33.85 -10.10
N SER B 46 -6.43 -34.35 -11.33
CA SER B 46 -5.53 -35.46 -11.69
C SER B 46 -4.06 -35.16 -11.39
N VAL B 47 -3.71 -33.86 -11.29
CA VAL B 47 -2.34 -33.42 -11.04
C VAL B 47 -2.09 -32.96 -9.60
N ASP B 48 -3.08 -33.15 -8.71
CA ASP B 48 -2.96 -32.80 -7.29
C ASP B 48 -1.74 -33.54 -6.71
N PRO B 49 -0.81 -32.81 -6.02
CA PRO B 49 0.40 -33.46 -5.48
C PRO B 49 0.15 -34.67 -4.59
N ARG B 50 -0.93 -34.65 -3.76
CA ARG B 50 -1.28 -35.79 -2.88
C ARG B 50 -1.68 -36.98 -3.73
N PHE B 51 -2.44 -36.73 -4.81
CA PHE B 51 -2.89 -37.78 -5.73
C PHE B 51 -1.75 -38.42 -6.50
N LEU B 52 -0.80 -37.61 -7.00
CA LEU B 52 0.37 -38.13 -7.70
C LEU B 52 1.31 -38.88 -6.75
N SER B 53 1.42 -38.44 -5.47
CA SER B 53 2.22 -39.10 -4.42
C SER B 53 1.62 -40.50 -4.17
N PHE B 54 0.27 -40.56 -4.09
CA PHE B 54 -0.52 -41.77 -3.89
C PHE B 54 -0.26 -42.74 -5.03
N LYS B 55 -0.37 -42.25 -6.30
CA LYS B 55 -0.15 -43.05 -7.52
C LYS B 55 1.26 -43.57 -7.56
N ASN B 56 2.26 -42.75 -7.17
CA ASN B 56 3.67 -43.18 -7.13
C ASN B 56 3.84 -44.34 -6.15
N GLU B 57 3.40 -44.16 -4.89
CA GLU B 57 3.50 -45.20 -3.87
C GLU B 57 2.74 -46.48 -4.24
N LEU B 58 1.47 -46.36 -4.65
CA LEU B 58 0.62 -47.51 -5.00
C LEU B 58 1.11 -48.31 -6.21
N SER B 59 1.44 -47.65 -7.34
CA SER B 59 1.93 -48.33 -8.54
C SER B 59 3.24 -49.11 -8.23
N ARG B 60 4.16 -48.49 -7.47
CA ARG B 60 5.44 -49.09 -7.09
C ARG B 60 5.23 -50.30 -6.17
N TYR B 61 4.38 -50.15 -5.12
CA TYR B 61 4.07 -51.19 -4.15
C TYR B 61 3.44 -52.42 -4.81
N LEU B 62 2.36 -52.21 -5.57
CA LEU B 62 1.64 -53.29 -6.21
C LEU B 62 2.50 -54.05 -7.22
N THR B 63 3.32 -53.35 -8.03
CA THR B 63 4.21 -54.00 -9.00
C THR B 63 5.22 -54.88 -8.26
N ASP B 64 5.79 -54.33 -7.18
CA ASP B 64 6.78 -55.01 -6.36
C ASP B 64 6.24 -56.30 -5.75
N HIS B 65 5.09 -56.23 -5.06
CA HIS B 65 4.47 -57.33 -4.35
C HIS B 65 3.65 -58.28 -5.20
N PHE B 66 3.14 -57.81 -6.33
CA PHE B 66 2.32 -58.65 -7.20
C PHE B 66 2.86 -58.66 -8.64
N PRO B 67 4.02 -59.34 -8.87
CA PRO B 67 4.55 -59.42 -10.24
C PRO B 67 3.63 -60.27 -11.10
N ALA B 68 3.60 -59.97 -12.41
CA ALA B 68 2.75 -60.68 -13.36
C ALA B 68 2.93 -62.18 -13.30
N ASN B 69 1.81 -62.94 -13.38
CA ASN B 69 1.80 -64.40 -13.41
C ASN B 69 1.20 -64.83 -14.75
N VAL B 70 2.03 -64.73 -15.80
CA VAL B 70 1.68 -65.09 -17.17
C VAL B 70 2.75 -66.05 -17.70
N ASP B 71 2.33 -67.25 -18.13
CA ASP B 71 3.29 -68.23 -18.63
C ASP B 71 3.83 -67.93 -20.06
N GLU B 72 4.69 -68.84 -20.56
CA GLU B 72 5.34 -68.81 -21.87
C GLU B 72 4.34 -68.78 -23.03
N TYR B 73 3.08 -69.25 -22.77
CA TYR B 73 1.98 -69.32 -23.73
C TYR B 73 0.96 -68.18 -23.53
N GLY B 74 1.30 -67.20 -22.69
CA GLY B 74 0.44 -66.06 -22.39
C GLY B 74 -0.79 -66.42 -21.57
N ARG B 75 -0.78 -67.59 -20.91
CA ARG B 75 -1.89 -68.03 -20.07
C ARG B 75 -1.77 -67.34 -18.69
N VAL B 76 -2.90 -66.90 -18.10
CA VAL B 76 -2.82 -66.29 -16.78
C VAL B 76 -3.04 -67.32 -15.67
N TYR B 77 -2.17 -67.29 -14.65
CA TYR B 77 -2.27 -68.17 -13.49
C TYR B 77 -2.08 -67.35 -12.19
N GLY B 78 -2.04 -68.06 -11.06
CA GLY B 78 -1.78 -67.53 -9.73
C GLY B 78 -2.56 -66.29 -9.32
N ASN B 79 -1.85 -65.16 -9.13
CA ASN B 79 -2.39 -63.87 -8.69
C ASN B 79 -3.36 -63.14 -9.62
N GLY B 80 -3.43 -63.55 -10.88
CA GLY B 80 -4.31 -62.94 -11.89
C GLY B 80 -3.83 -61.58 -12.35
N VAL B 81 -2.52 -61.34 -12.25
CA VAL B 81 -1.86 -60.10 -12.66
C VAL B 81 -1.14 -60.37 -13.99
N ARG B 82 -1.38 -59.50 -15.01
CA ARG B 82 -0.74 -59.66 -16.31
C ARG B 82 0.42 -58.70 -16.65
N THR B 83 0.49 -57.53 -15.96
CA THR B 83 1.58 -56.56 -16.11
C THR B 83 1.77 -55.80 -14.83
N ASN B 84 2.71 -54.87 -14.87
CA ASN B 84 3.02 -53.94 -13.81
C ASN B 84 1.81 -53.02 -13.58
N PHE B 85 1.86 -52.21 -12.52
CA PHE B 85 0.79 -51.30 -12.17
C PHE B 85 1.15 -49.84 -12.50
N PHE B 86 2.22 -49.63 -13.30
CA PHE B 86 2.71 -48.33 -13.72
C PHE B 86 1.84 -47.57 -14.73
N GLY B 87 0.82 -48.24 -15.29
CA GLY B 87 -0.12 -47.65 -16.24
C GLY B 87 -0.88 -46.44 -15.70
N MET B 88 -1.04 -46.37 -14.36
CA MET B 88 -1.73 -45.25 -13.69
C MET B 88 -0.88 -43.97 -13.66
N ARG B 89 0.43 -44.07 -13.90
CA ARG B 89 1.37 -42.95 -13.84
C ARG B 89 1.30 -41.91 -14.99
N HIS B 90 0.14 -41.30 -15.16
CA HIS B 90 -0.02 -40.26 -16.17
C HIS B 90 -0.61 -38.96 -15.57
N MET B 91 -0.41 -37.86 -16.31
CA MET B 91 -0.92 -36.53 -15.94
C MET B 91 -2.19 -36.40 -16.76
N ASN B 92 -3.28 -37.05 -16.29
CA ASN B 92 -4.58 -37.10 -16.97
C ASN B 92 -5.14 -35.74 -17.36
N GLY B 93 -5.43 -35.58 -18.64
CA GLY B 93 -5.93 -34.34 -19.23
C GLY B 93 -4.90 -33.63 -20.07
N PHE B 94 -3.60 -34.07 -19.97
CA PHE B 94 -2.47 -33.54 -20.73
C PHE B 94 -2.05 -34.61 -21.74
N PRO B 95 -2.32 -34.36 -23.04
CA PRO B 95 -2.06 -35.39 -24.05
C PRO B 95 -0.65 -35.42 -24.56
N MET B 96 -0.28 -36.55 -25.20
CA MET B 96 0.99 -36.68 -25.89
C MET B 96 0.92 -35.69 -27.06
N ILE B 97 2.08 -35.16 -27.49
CA ILE B 97 2.11 -34.21 -28.58
C ILE B 97 3.08 -34.70 -29.66
N PRO B 98 2.65 -34.76 -30.94
CA PRO B 98 1.30 -34.46 -31.46
C PRO B 98 0.44 -35.72 -31.49
N ALA B 99 -0.85 -35.57 -31.79
CA ALA B 99 -1.72 -36.72 -31.99
C ALA B 99 -1.57 -37.07 -33.48
N THR B 100 -2.03 -38.25 -33.88
CA THR B 100 -1.87 -38.70 -35.26
C THR B 100 -2.73 -37.98 -36.27
N TRP B 101 -2.22 -37.77 -37.49
CA TRP B 101 -3.06 -37.26 -38.56
C TRP B 101 -3.65 -38.56 -39.13
N PRO B 102 -4.98 -38.70 -39.28
CA PRO B 102 -5.51 -39.96 -39.79
C PRO B 102 -5.12 -40.23 -41.24
N LEU B 103 -4.68 -41.48 -41.51
CA LEU B 103 -4.27 -41.95 -42.83
C LEU B 103 -5.46 -41.92 -43.77
N ALA B 104 -5.28 -41.23 -44.91
CA ALA B 104 -6.31 -41.08 -45.94
C ALA B 104 -6.51 -42.39 -46.70
N SER B 105 -5.45 -43.20 -46.86
CA SER B 105 -5.50 -44.49 -47.53
C SER B 105 -4.67 -45.54 -46.79
N ASN B 106 -5.30 -46.73 -46.52
CA ASN B 106 -4.68 -47.86 -45.83
C ASN B 106 -4.11 -48.91 -46.80
N LEU B 107 -4.22 -48.66 -48.12
CA LEU B 107 -3.81 -49.62 -49.14
C LEU B 107 -2.36 -50.05 -49.05
N LYS B 108 -1.42 -49.09 -49.04
CA LYS B 108 0.02 -49.34 -48.92
C LYS B 108 0.35 -49.97 -47.58
N LYS B 109 -0.27 -49.48 -46.49
CA LYS B 109 -0.09 -49.99 -45.13
C LYS B 109 -0.34 -51.52 -45.10
N ARG B 110 -1.48 -51.97 -45.69
CA ARG B 110 -1.89 -53.38 -45.79
C ARG B 110 -0.92 -54.18 -46.65
N ALA B 111 -0.60 -53.67 -47.87
CA ALA B 111 0.32 -54.29 -48.84
C ALA B 111 1.72 -54.48 -48.25
N ASP B 112 2.25 -53.45 -47.60
CA ASP B 112 3.57 -53.53 -46.98
C ASP B 112 3.60 -54.48 -45.79
N ALA B 113 2.45 -54.70 -45.13
CA ALA B 113 2.34 -55.61 -43.99
C ALA B 113 2.05 -57.03 -44.49
N ASP B 114 2.08 -57.22 -45.83
CA ASP B 114 1.83 -58.48 -46.52
C ASP B 114 0.41 -59.05 -46.28
N LEU B 115 -0.58 -58.14 -46.23
CA LEU B 115 -1.98 -58.50 -46.05
C LEU B 115 -2.71 -58.42 -47.41
N ALA B 116 -3.66 -59.36 -47.64
CA ALA B 116 -4.40 -59.51 -48.90
C ALA B 116 -5.26 -58.33 -49.33
N ASP B 117 -5.39 -58.13 -50.66
CA ASP B 117 -6.20 -57.06 -51.28
C ASP B 117 -7.61 -57.53 -51.69
N GLY B 118 -7.98 -58.71 -51.21
CA GLY B 118 -9.27 -59.34 -51.44
C GLY B 118 -9.26 -60.75 -50.89
N PRO B 119 -10.40 -61.48 -50.93
CA PRO B 119 -10.40 -62.87 -50.44
C PRO B 119 -9.37 -63.69 -51.23
N VAL B 120 -8.57 -64.50 -50.51
CA VAL B 120 -7.48 -65.27 -51.10
C VAL B 120 -7.99 -66.42 -51.98
N SER B 121 -9.00 -67.16 -51.48
CA SER B 121 -9.60 -68.31 -52.14
C SER B 121 -11.11 -68.14 -52.29
N GLU B 122 -11.72 -69.00 -53.12
CA GLU B 122 -13.17 -68.96 -53.29
C GLU B 122 -13.90 -69.33 -52.01
N ARG B 123 -13.31 -70.24 -51.20
CA ARG B 123 -13.88 -70.65 -49.93
C ARG B 123 -14.05 -69.43 -49.02
N ASP B 124 -12.98 -68.62 -48.89
CA ASP B 124 -12.97 -67.39 -48.09
C ASP B 124 -13.99 -66.40 -48.61
N ASN B 125 -14.07 -66.22 -49.93
CA ASN B 125 -15.07 -65.34 -50.56
C ASN B 125 -16.51 -65.78 -50.20
N LEU B 126 -16.79 -67.09 -50.23
CA LEU B 126 -18.12 -67.60 -49.87
C LEU B 126 -18.42 -67.41 -48.40
N LEU B 127 -17.40 -67.53 -47.51
CA LEU B 127 -17.57 -67.38 -46.07
C LEU B 127 -17.87 -65.93 -45.68
N PHE B 128 -17.15 -64.96 -46.27
CA PHE B 128 -17.42 -63.54 -46.03
C PHE B 128 -18.83 -63.19 -46.51
N ARG B 129 -19.23 -63.69 -47.70
CA ARG B 129 -20.56 -63.48 -48.25
C ARG B 129 -21.66 -64.19 -47.45
N ALA B 130 -21.35 -65.38 -46.87
CA ALA B 130 -22.28 -66.14 -46.01
C ALA B 130 -22.55 -65.36 -44.74
N ALA B 131 -21.51 -64.69 -44.18
CA ALA B 131 -21.62 -63.85 -42.99
C ALA B 131 -22.61 -62.72 -43.23
N VAL B 132 -22.57 -62.08 -44.42
CA VAL B 132 -23.48 -60.99 -44.84
C VAL B 132 -24.91 -61.53 -44.89
N ARG B 133 -25.10 -62.70 -45.54
CA ARG B 133 -26.41 -63.34 -45.68
C ARG B 133 -27.00 -63.72 -44.33
N LEU B 134 -26.18 -64.26 -43.40
CA LEU B 134 -26.66 -64.63 -42.08
C LEU B 134 -26.92 -63.45 -41.17
N MET B 135 -26.10 -62.39 -41.26
CA MET B 135 -26.25 -61.20 -40.42
C MET B 135 -27.38 -60.26 -40.84
N PHE B 136 -27.58 -60.08 -42.16
CA PHE B 136 -28.55 -59.13 -42.71
C PHE B 136 -29.88 -59.67 -43.21
N SER B 137 -30.19 -60.95 -42.97
CA SER B 137 -31.40 -61.55 -43.51
C SER B 137 -32.78 -61.20 -42.91
N ASP B 138 -33.25 -61.99 -41.94
CA ASP B 138 -34.62 -61.83 -41.42
C ASP B 138 -34.67 -60.94 -40.18
N LEU B 139 -34.45 -59.64 -40.40
CA LEU B 139 -34.38 -58.61 -39.37
C LEU B 139 -35.74 -58.08 -38.94
N GLU B 140 -35.85 -57.71 -37.65
CA GLU B 140 -37.06 -57.16 -37.05
C GLU B 140 -36.85 -55.68 -36.70
N PRO B 141 -37.80 -54.79 -37.07
CA PRO B 141 -37.64 -53.36 -36.76
C PRO B 141 -37.77 -53.02 -35.28
N VAL B 142 -36.93 -52.08 -34.81
CA VAL B 142 -36.87 -51.61 -33.43
C VAL B 142 -36.78 -50.05 -33.39
N PRO B 143 -37.05 -49.34 -32.26
CA PRO B 143 -36.88 -47.87 -32.27
C PRO B 143 -35.40 -47.49 -32.43
N LEU B 144 -35.14 -46.34 -33.10
CA LEU B 144 -33.79 -45.82 -33.32
C LEU B 144 -33.35 -45.08 -32.05
N LYS B 145 -32.53 -45.71 -31.18
CA LYS B 145 -32.06 -45.09 -29.91
C LYS B 145 -30.88 -44.13 -30.09
N ILE B 146 -30.98 -42.94 -29.47
CA ILE B 146 -30.00 -41.85 -29.53
C ILE B 146 -29.49 -41.48 -28.12
N ARG B 147 -28.16 -41.38 -27.94
CA ARG B 147 -27.56 -41.03 -26.66
C ARG B 147 -27.85 -39.59 -26.30
N LYS B 148 -28.25 -39.36 -25.06
CA LYS B 148 -28.54 -38.01 -24.53
C LYS B 148 -27.25 -37.17 -24.46
N GLY B 149 -27.30 -35.94 -24.97
CA GLY B 149 -26.16 -35.05 -24.97
C GLY B 149 -25.16 -35.26 -26.09
N SER B 150 -25.32 -36.32 -26.94
CA SER B 150 -24.44 -36.62 -28.09
C SER B 150 -24.61 -35.56 -29.19
N SER B 151 -23.56 -35.31 -30.01
CA SER B 151 -23.62 -34.33 -31.11
C SER B 151 -24.15 -34.91 -32.43
N THR B 152 -24.75 -34.05 -33.29
CA THR B 152 -25.21 -34.46 -34.61
C THR B 152 -24.07 -34.27 -35.61
N CYS B 153 -22.98 -33.65 -35.13
CA CYS B 153 -21.79 -33.34 -35.91
C CYS B 153 -22.09 -32.64 -37.24
N ILE B 154 -21.37 -32.93 -38.31
CA ILE B 154 -21.56 -32.24 -39.59
C ILE B 154 -22.98 -32.31 -40.19
N PRO B 155 -23.62 -31.15 -40.50
CA PRO B 155 -23.12 -29.77 -40.38
C PRO B 155 -23.58 -28.94 -39.16
N TYR B 156 -24.64 -29.39 -38.45
CA TYR B 156 -25.33 -28.68 -37.37
C TYR B 156 -24.71 -28.63 -36.00
N PHE B 157 -24.02 -29.71 -35.58
CA PHE B 157 -23.37 -29.78 -34.27
C PHE B 157 -24.32 -29.52 -33.10
N SER B 158 -25.55 -30.04 -33.23
CA SER B 158 -26.60 -29.93 -32.21
C SER B 158 -26.46 -31.00 -31.12
N ASN B 159 -26.73 -30.64 -29.85
CA ASN B 159 -26.69 -31.52 -28.67
C ASN B 159 -28.10 -31.64 -28.05
N ASP B 160 -29.11 -31.03 -28.74
CA ASP B 160 -30.51 -31.02 -28.34
C ASP B 160 -31.27 -32.25 -28.83
N MET B 161 -31.92 -32.96 -27.89
CA MET B 161 -32.70 -34.18 -28.16
C MET B 161 -33.82 -33.99 -29.19
N GLY B 162 -34.56 -32.90 -29.06
CA GLY B 162 -35.66 -32.58 -29.96
C GLY B 162 -35.21 -32.41 -31.39
N THR B 163 -34.11 -31.65 -31.59
CA THR B 163 -33.47 -31.37 -32.89
C THR B 163 -32.94 -32.67 -33.48
N LYS B 164 -32.29 -33.50 -32.63
CA LYS B 164 -31.72 -34.80 -33.00
C LYS B 164 -32.80 -35.74 -33.52
N ILE B 165 -33.98 -35.79 -32.85
CA ILE B 165 -35.11 -36.63 -33.27
C ILE B 165 -35.64 -36.15 -34.63
N GLU B 166 -35.80 -34.82 -34.81
CA GLU B 166 -36.25 -34.20 -36.07
C GLU B 166 -35.31 -34.58 -37.22
N ILE B 167 -33.97 -34.40 -37.00
CA ILE B 167 -32.93 -34.71 -37.99
C ILE B 167 -33.01 -36.17 -38.42
N ALA B 168 -33.14 -37.09 -37.40
CA ALA B 168 -33.22 -38.55 -37.59
C ALA B 168 -34.47 -38.96 -38.37
N GLU B 169 -35.64 -38.38 -38.04
CA GLU B 169 -36.92 -38.67 -38.71
C GLU B 169 -36.89 -38.19 -40.17
N ARG B 170 -36.36 -36.97 -40.38
CA ARG B 170 -36.21 -36.39 -41.72
C ARG B 170 -35.29 -37.26 -42.58
N ALA B 171 -34.16 -37.73 -41.98
CA ALA B 171 -33.18 -38.61 -42.63
C ALA B 171 -33.82 -39.91 -43.10
N LEU B 172 -34.66 -40.53 -42.25
CA LEU B 172 -35.38 -41.75 -42.60
C LEU B 172 -36.39 -41.51 -43.73
N GLU B 173 -36.95 -40.30 -43.80
CA GLU B 173 -37.89 -39.90 -44.86
C GLU B 173 -37.19 -39.65 -46.19
N LYS B 174 -36.00 -39.02 -46.16
CA LYS B 174 -35.26 -38.61 -47.36
C LYS B 174 -34.06 -39.47 -47.78
N ALA B 175 -33.77 -40.57 -47.05
CA ALA B 175 -32.64 -41.46 -47.35
C ALA B 175 -32.68 -42.03 -48.78
N GLU B 176 -33.88 -42.43 -49.26
CA GLU B 176 -34.10 -42.96 -50.60
C GLU B 176 -33.69 -41.96 -51.68
N GLU B 177 -34.17 -40.72 -51.54
CA GLU B 177 -33.90 -39.63 -52.48
C GLU B 177 -32.41 -39.28 -52.52
N ALA B 178 -31.72 -39.25 -51.34
CA ALA B 178 -30.29 -38.97 -51.19
C ALA B 178 -29.49 -40.09 -51.82
N GLY B 179 -29.78 -41.34 -51.42
CA GLY B 179 -29.10 -42.52 -51.95
C GLY B 179 -29.13 -42.58 -53.45
N ASN B 180 -30.31 -42.25 -54.04
CA ASN B 180 -30.50 -42.23 -55.50
C ASN B 180 -29.67 -41.14 -56.16
N LEU B 181 -29.49 -39.99 -55.46
CA LEU B 181 -28.66 -38.90 -55.98
C LEU B 181 -27.20 -39.36 -56.01
N MET B 182 -26.74 -40.07 -54.95
CA MET B 182 -25.38 -40.60 -54.86
C MET B 182 -25.14 -41.64 -55.94
N LEU B 183 -26.17 -42.44 -56.26
CA LEU B 183 -26.12 -43.45 -57.33
C LEU B 183 -25.88 -42.79 -58.71
N GLN B 184 -26.32 -41.51 -58.84
CA GLN B 184 -26.14 -40.68 -60.04
C GLN B 184 -24.80 -39.93 -60.01
N GLY B 185 -24.07 -40.06 -58.90
CA GLY B 185 -22.79 -39.38 -58.67
C GLY B 185 -22.93 -37.95 -58.19
N LYS B 186 -24.14 -37.54 -57.78
CA LYS B 186 -24.40 -36.18 -57.34
C LYS B 186 -24.33 -36.04 -55.81
N PHE B 187 -23.16 -36.36 -55.25
CA PHE B 187 -22.85 -36.34 -53.82
C PHE B 187 -23.08 -34.98 -53.17
N ASP B 188 -22.69 -33.90 -53.89
CA ASP B 188 -22.89 -32.53 -53.45
C ASP B 188 -24.36 -32.24 -53.27
N ASP B 189 -25.22 -32.68 -54.22
CA ASP B 189 -26.68 -32.51 -54.15
C ASP B 189 -27.27 -33.24 -52.94
N ALA B 190 -26.85 -34.50 -52.71
CA ALA B 190 -27.33 -35.30 -51.58
C ALA B 190 -26.96 -34.65 -50.25
N TYR B 191 -25.74 -34.09 -50.16
CA TYR B 191 -25.30 -33.40 -48.96
C TYR B 191 -26.03 -32.09 -48.77
N GLN B 192 -26.09 -31.26 -49.82
CA GLN B 192 -26.74 -29.95 -49.74
C GLN B 192 -28.21 -30.06 -49.38
N LEU B 193 -28.93 -30.99 -50.01
CA LEU B 193 -30.36 -31.17 -49.75
C LEU B 193 -30.66 -31.91 -48.48
N HIS B 194 -29.92 -33.02 -48.20
CA HIS B 194 -30.24 -33.89 -47.08
C HIS B 194 -29.19 -34.08 -46.00
N GLN B 195 -28.07 -33.32 -46.08
CA GLN B 195 -26.95 -33.34 -45.12
C GLN B 195 -26.34 -34.72 -44.94
N MET B 196 -26.44 -35.57 -46.00
CA MET B 196 -25.92 -36.93 -46.08
C MET B 196 -24.69 -36.90 -46.98
N GLY B 197 -23.55 -36.88 -46.31
CA GLY B 197 -22.24 -36.79 -46.93
C GLY B 197 -21.38 -35.82 -46.14
N GLY B 198 -20.50 -35.11 -46.85
CA GLY B 198 -19.61 -34.13 -46.25
C GLY B 198 -18.35 -34.77 -45.71
N ALA B 199 -18.26 -34.96 -44.37
CA ALA B 199 -17.09 -35.59 -43.74
C ALA B 199 -17.37 -36.05 -42.32
N TYR B 200 -16.41 -36.81 -41.76
CA TYR B 200 -16.42 -37.22 -40.37
C TYR B 200 -15.66 -36.12 -39.66
N TYR B 201 -16.04 -35.81 -38.44
CA TYR B 201 -15.37 -34.77 -37.67
C TYR B 201 -14.43 -35.44 -36.66
N VAL B 202 -13.12 -35.21 -36.84
CA VAL B 202 -12.11 -35.82 -35.99
C VAL B 202 -12.03 -35.23 -34.59
N VAL B 203 -12.38 -36.08 -33.60
CA VAL B 203 -12.33 -35.82 -32.17
C VAL B 203 -11.20 -36.68 -31.59
N TYR B 204 -10.28 -36.05 -30.83
CA TYR B 204 -9.13 -36.74 -30.23
C TYR B 204 -9.36 -37.20 -28.79
N ARG B 205 -10.01 -38.36 -28.61
CA ARG B 205 -10.27 -39.02 -27.32
C ARG B 205 -8.95 -39.43 -26.65
N ALA B 206 -8.89 -39.55 -25.31
CA ALA B 206 -7.60 -39.91 -24.71
C ALA B 206 -7.54 -41.15 -23.82
N GLN B 207 -6.72 -42.15 -24.23
CA GLN B 207 -6.45 -43.40 -23.51
C GLN B 207 -5.66 -43.12 -22.19
N SER B 208 -6.43 -43.07 -21.09
CA SER B 208 -6.05 -42.76 -19.70
C SER B 208 -4.87 -43.53 -19.09
N THR B 209 -4.69 -44.78 -19.50
CA THR B 209 -3.60 -45.66 -19.04
C THR B 209 -2.97 -46.32 -20.24
N ASP B 210 -1.66 -46.30 -20.30
CA ASP B 210 -0.92 -46.95 -21.36
C ASP B 210 0.31 -47.57 -20.70
N ALA B 211 1.02 -48.44 -21.43
CA ALA B 211 2.19 -49.14 -20.90
C ALA B 211 3.32 -48.23 -20.48
N ILE B 212 3.87 -48.50 -19.30
CA ILE B 212 5.04 -47.84 -18.70
C ILE B 212 5.86 -48.97 -18.06
N THR B 213 7.17 -48.96 -18.25
CA THR B 213 8.07 -49.95 -17.66
C THR B 213 9.14 -49.25 -16.83
N LEU B 214 9.71 -49.95 -15.84
CA LEU B 214 10.79 -49.39 -15.03
C LEU B 214 12.07 -50.10 -15.45
N ASP B 215 13.02 -49.35 -16.02
CA ASP B 215 14.30 -49.90 -16.45
C ASP B 215 15.19 -50.14 -15.21
N PRO B 216 15.49 -51.41 -14.83
CA PRO B 216 16.30 -51.65 -13.62
C PRO B 216 17.74 -51.12 -13.71
N LYS B 217 18.31 -51.08 -14.94
CA LYS B 217 19.66 -50.58 -15.22
C LYS B 217 19.78 -49.11 -14.81
N THR B 218 18.81 -48.28 -15.26
CA THR B 218 18.81 -46.84 -14.97
C THR B 218 17.95 -46.38 -13.77
N GLY B 219 16.95 -47.17 -13.39
CA GLY B 219 16.02 -46.84 -12.32
C GLY B 219 15.00 -45.82 -12.77
N LYS B 220 14.96 -45.55 -14.10
CA LYS B 220 14.10 -44.58 -14.77
C LYS B 220 12.96 -45.27 -15.48
N PHE B 221 11.78 -44.62 -15.51
CA PHE B 221 10.58 -45.16 -16.16
C PHE B 221 10.53 -44.81 -17.63
N VAL B 222 10.07 -45.76 -18.45
CA VAL B 222 9.98 -45.60 -19.89
C VAL B 222 8.55 -45.80 -20.35
N SER B 223 7.97 -44.80 -21.03
CA SER B 223 6.61 -44.90 -21.57
C SER B 223 6.61 -45.62 -22.92
N LYS B 224 5.52 -46.35 -23.21
CA LYS B 224 5.36 -47.03 -24.50
C LYS B 224 5.27 -46.00 -25.62
N ASP B 225 6.17 -46.09 -26.61
CA ASP B 225 6.17 -45.18 -27.76
C ASP B 225 4.95 -45.43 -28.62
N ARG B 226 4.23 -44.36 -28.96
CA ARG B 226 3.04 -44.44 -29.79
C ARG B 226 3.35 -43.70 -31.07
N MET B 227 3.36 -44.42 -32.20
CA MET B 227 3.71 -43.90 -33.51
C MET B 227 2.62 -43.04 -34.07
N VAL B 228 3.00 -41.87 -34.59
CA VAL B 228 2.06 -40.89 -35.16
C VAL B 228 2.52 -40.49 -36.56
N ALA B 229 1.56 -40.19 -37.43
CA ALA B 229 1.83 -39.78 -38.79
C ALA B 229 1.68 -38.29 -38.89
N ASP B 230 2.61 -37.64 -39.59
CA ASP B 230 2.49 -36.20 -39.82
C ASP B 230 1.53 -35.99 -41.00
N PHE B 231 1.13 -34.75 -41.30
CA PHE B 231 0.21 -34.48 -42.40
C PHE B 231 0.61 -35.12 -43.72
N GLU B 232 1.89 -34.96 -44.12
CA GLU B 232 2.42 -35.51 -45.37
C GLU B 232 2.26 -37.00 -45.45
N TYR B 233 2.56 -37.71 -44.36
CA TYR B 233 2.44 -39.16 -44.31
C TYR B 233 0.97 -39.58 -44.50
N ALA B 234 0.03 -38.91 -43.80
CA ALA B 234 -1.39 -39.20 -43.83
C ALA B 234 -2.02 -39.06 -45.21
N VAL B 235 -1.74 -37.92 -45.92
CA VAL B 235 -2.26 -37.65 -47.27
C VAL B 235 -1.68 -38.57 -48.35
N THR B 236 -0.41 -38.98 -48.20
CA THR B 236 0.28 -39.84 -49.17
C THR B 236 0.15 -41.36 -48.86
N GLY B 237 -0.59 -41.70 -47.79
CA GLY B 237 -0.76 -43.09 -47.33
C GLY B 237 0.53 -43.75 -46.87
N GLY B 238 1.51 -42.92 -46.56
CA GLY B 238 2.83 -43.35 -46.11
C GLY B 238 3.94 -43.25 -47.13
N GLU B 239 3.60 -42.90 -48.40
CA GLU B 239 4.56 -42.78 -49.52
C GLU B 239 5.61 -41.71 -49.23
N GLN B 240 5.19 -40.60 -48.60
CA GLN B 240 6.04 -39.47 -48.20
C GLN B 240 5.80 -39.15 -46.72
N GLY B 241 6.44 -38.12 -46.20
CA GLY B 241 6.28 -37.72 -44.81
C GLY B 241 6.89 -38.68 -43.82
N SER B 242 6.58 -38.48 -42.53
CA SER B 242 7.17 -39.32 -41.48
C SER B 242 6.24 -39.91 -40.42
N LEU B 243 6.54 -41.16 -40.01
CA LEU B 243 5.87 -41.88 -38.94
C LEU B 243 6.89 -41.86 -37.81
N PHE B 244 6.53 -41.23 -36.68
CA PHE B 244 7.44 -41.02 -35.56
C PHE B 244 6.73 -41.21 -34.22
N ALA B 245 7.50 -41.36 -33.13
CA ALA B 245 6.95 -41.52 -31.78
C ALA B 245 6.46 -40.16 -31.26
N ALA B 246 5.22 -40.11 -30.75
CA ALA B 246 4.69 -38.88 -30.18
C ALA B 246 5.38 -38.66 -28.82
N SER B 247 5.52 -37.39 -28.39
CA SER B 247 6.16 -37.09 -27.12
C SER B 247 5.22 -37.13 -25.93
N LYS B 248 5.45 -38.12 -25.04
CA LYS B 248 4.71 -38.33 -23.81
C LYS B 248 5.43 -37.69 -22.63
N ASP B 249 6.58 -37.01 -22.91
CA ASP B 249 7.38 -36.32 -21.89
C ASP B 249 6.55 -35.21 -21.28
N ALA B 250 6.33 -35.30 -19.95
CA ALA B 250 5.51 -34.35 -19.20
C ALA B 250 6.29 -33.21 -18.54
N SER B 251 7.64 -33.16 -18.76
CA SER B 251 8.55 -32.13 -18.21
C SER B 251 8.05 -30.75 -18.56
N ARG B 252 7.45 -30.60 -19.77
CA ARG B 252 6.88 -29.37 -20.31
C ARG B 252 5.84 -28.70 -19.42
N LEU B 253 5.10 -29.48 -18.61
CA LEU B 253 4.06 -28.99 -17.72
C LEU B 253 4.59 -28.08 -16.59
N LYS B 254 5.84 -28.31 -16.16
CA LYS B 254 6.49 -27.46 -15.16
C LYS B 254 6.78 -26.07 -15.75
N GLU B 255 7.43 -26.04 -16.92
CA GLU B 255 7.76 -24.85 -17.67
C GLU B 255 6.52 -24.04 -18.12
N GLN B 256 5.55 -24.70 -18.77
CA GLN B 256 4.33 -24.07 -19.30
C GLN B 256 3.31 -23.68 -18.25
N TYR B 257 3.08 -24.53 -17.26
CA TYR B 257 1.98 -24.33 -16.32
C TYR B 257 2.36 -24.19 -14.86
N GLY B 258 3.63 -24.42 -14.53
CA GLY B 258 4.08 -24.39 -13.15
C GLY B 258 3.65 -25.61 -12.34
N ILE B 259 3.26 -26.72 -13.05
CA ILE B 259 2.79 -27.98 -12.46
C ILE B 259 3.99 -28.83 -12.12
N ASP B 260 4.09 -29.28 -10.85
CA ASP B 260 5.16 -30.17 -10.44
C ASP B 260 4.88 -31.54 -11.03
N VAL B 261 5.87 -32.06 -11.78
CA VAL B 261 5.81 -33.35 -12.45
C VAL B 261 6.73 -34.31 -11.70
N PRO B 262 6.17 -35.27 -10.90
CA PRO B 262 7.05 -36.23 -10.22
C PRO B 262 7.73 -37.13 -11.24
N ASP B 263 8.87 -37.75 -10.87
CA ASP B 263 9.58 -38.65 -11.77
C ASP B 263 8.70 -39.81 -12.19
N GLY B 264 8.79 -40.17 -13.48
CA GLY B 264 8.07 -41.28 -14.06
C GLY B 264 6.60 -41.08 -14.27
N PHE B 265 6.17 -39.82 -14.52
CA PHE B 265 4.78 -39.46 -14.84
C PHE B 265 4.77 -38.91 -16.27
N PHE B 266 3.82 -39.37 -17.10
CA PHE B 266 3.78 -39.03 -18.51
C PHE B 266 2.48 -38.46 -19.00
N CYS B 267 2.53 -37.86 -20.21
CA CYS B 267 1.36 -37.34 -20.91
C CYS B 267 0.59 -38.53 -21.47
N GLU B 268 -0.72 -38.40 -21.59
CA GLU B 268 -1.60 -39.48 -22.06
C GLU B 268 -1.56 -39.75 -23.54
N ARG B 269 -1.87 -41.00 -23.91
CA ARG B 269 -1.98 -41.45 -25.28
C ARG B 269 -3.23 -40.77 -25.84
N ARG B 270 -3.14 -40.20 -27.06
CA ARG B 270 -4.32 -39.57 -27.66
C ARG B 270 -4.79 -40.29 -28.92
N ARG B 271 -5.87 -41.05 -28.79
CA ARG B 271 -6.52 -41.84 -29.84
C ARG B 271 -7.43 -40.98 -30.74
N THR B 272 -7.39 -41.17 -32.07
CA THR B 272 -8.35 -40.46 -32.94
C THR B 272 -9.70 -41.18 -32.83
N ALA B 273 -10.78 -40.43 -32.90
CA ALA B 273 -12.15 -40.92 -32.90
C ALA B 273 -12.86 -40.05 -33.91
N MET B 274 -13.91 -40.54 -34.54
CA MET B 274 -14.56 -39.74 -35.58
C MET B 274 -16.03 -39.64 -35.38
N GLY B 275 -16.57 -38.45 -35.62
CA GLY B 275 -17.99 -38.13 -35.49
C GLY B 275 -18.70 -38.05 -36.83
N GLY B 276 -19.60 -39.00 -37.07
CA GLY B 276 -20.32 -39.07 -38.33
C GLY B 276 -21.38 -38.01 -38.55
N PRO B 277 -21.63 -37.63 -39.82
CA PRO B 277 -22.73 -36.69 -40.10
C PRO B 277 -24.03 -37.42 -39.77
N PHE B 278 -24.73 -36.99 -38.70
CA PHE B 278 -25.93 -37.67 -38.20
C PHE B 278 -27.03 -38.03 -39.19
N ALA B 279 -27.29 -37.17 -40.20
CA ALA B 279 -28.29 -37.43 -41.23
C ALA B 279 -27.94 -38.67 -42.04
N LEU B 280 -26.64 -38.89 -42.27
CA LEU B 280 -26.12 -40.07 -42.99
C LEU B 280 -26.11 -41.33 -42.07
N ASN B 281 -25.83 -41.17 -40.76
CA ASN B 281 -25.81 -42.26 -39.78
C ASN B 281 -27.17 -42.82 -39.40
N ALA B 282 -28.19 -41.94 -39.23
CA ALA B 282 -29.54 -42.36 -38.86
C ALA B 282 -30.06 -43.53 -39.75
N PRO B 283 -30.07 -43.45 -41.12
CA PRO B 283 -30.52 -44.61 -41.92
C PRO B 283 -29.69 -45.90 -41.77
N ILE B 284 -28.40 -45.76 -41.40
CA ILE B 284 -27.49 -46.90 -41.20
C ILE B 284 -27.80 -47.56 -39.86
N MET B 285 -27.96 -46.74 -38.78
CA MET B 285 -28.28 -47.20 -37.43
C MET B 285 -29.59 -47.99 -37.40
N ALA B 286 -30.59 -47.54 -38.20
CA ALA B 286 -31.91 -48.16 -38.34
C ALA B 286 -31.85 -49.61 -38.84
N VAL B 287 -30.74 -50.00 -39.50
CA VAL B 287 -30.50 -51.36 -40.00
C VAL B 287 -29.52 -52.06 -39.05
N ALA B 288 -28.52 -51.32 -38.56
CA ALA B 288 -27.46 -51.79 -37.64
C ALA B 288 -28.01 -52.39 -36.35
N GLN B 289 -28.97 -51.71 -35.69
CA GLN B 289 -29.55 -52.24 -34.45
C GLN B 289 -30.31 -53.56 -34.67
N PRO B 290 -31.25 -53.68 -35.64
CA PRO B 290 -31.87 -54.99 -35.91
C PRO B 290 -30.84 -56.12 -36.16
N VAL B 291 -29.69 -55.83 -36.84
CA VAL B 291 -28.62 -56.80 -37.12
C VAL B 291 -28.00 -57.30 -35.81
N ARG B 292 -27.70 -56.37 -34.86
CA ARG B 292 -27.16 -56.72 -33.54
C ARG B 292 -28.12 -57.63 -32.81
N ASN B 293 -29.44 -57.28 -32.82
CA ASN B 293 -30.49 -58.08 -32.18
C ASN B 293 -30.54 -59.50 -32.74
N LYS B 294 -30.32 -59.68 -34.06
CA LYS B 294 -30.27 -60.99 -34.72
C LYS B 294 -29.05 -61.79 -34.27
N ILE B 295 -27.85 -61.24 -34.43
CA ILE B 295 -26.60 -61.93 -34.06
C ILE B 295 -26.47 -62.20 -32.55
N TYR B 296 -26.99 -61.27 -31.70
CA TYR B 296 -26.94 -61.42 -30.24
C TYR B 296 -27.97 -62.40 -29.70
N SER B 297 -28.93 -62.86 -30.58
CA SER B 297 -29.97 -63.84 -30.28
C SER B 297 -29.72 -65.20 -30.98
N LYS B 298 -29.88 -65.26 -32.33
CA LYS B 298 -29.65 -66.49 -33.12
C LYS B 298 -28.22 -67.03 -32.95
N TYR B 299 -27.22 -66.14 -32.96
CA TYR B 299 -25.82 -66.53 -32.84
C TYR B 299 -25.20 -66.10 -31.52
N ALA B 300 -26.00 -66.15 -30.43
CA ALA B 300 -25.61 -65.75 -29.07
C ALA B 300 -24.36 -66.46 -28.59
N TYR B 301 -24.15 -67.73 -29.01
CA TYR B 301 -22.99 -68.49 -28.60
C TYR B 301 -21.69 -67.74 -28.90
N THR B 302 -21.53 -67.33 -30.18
CA THR B 302 -20.34 -66.64 -30.66
C THR B 302 -20.32 -65.15 -30.30
N PHE B 303 -21.48 -64.48 -30.37
CA PHE B 303 -21.60 -63.03 -30.23
C PHE B 303 -22.14 -62.37 -28.96
N HIS B 304 -23.07 -63.00 -28.25
CA HIS B 304 -23.66 -62.43 -27.03
C HIS B 304 -22.87 -62.75 -25.76
N HIS B 305 -22.23 -61.72 -25.16
CA HIS B 305 -21.42 -61.89 -23.95
C HIS B 305 -21.81 -60.92 -22.85
N THR B 306 -22.08 -61.47 -21.65
CA THR B 306 -22.57 -60.73 -20.49
C THR B 306 -21.65 -60.86 -19.27
N THR B 307 -21.87 -61.92 -18.45
CA THR B 307 -21.14 -62.17 -17.21
C THR B 307 -19.93 -63.04 -17.40
N ARG B 308 -19.03 -63.03 -16.39
CA ARG B 308 -17.82 -63.86 -16.36
C ARG B 308 -18.20 -65.36 -16.38
N LEU B 309 -19.36 -65.71 -15.78
CA LEU B 309 -19.86 -67.08 -15.73
C LEU B 309 -20.49 -67.53 -17.05
N ASN B 310 -21.16 -66.59 -17.77
CA ASN B 310 -21.75 -66.80 -19.10
C ASN B 310 -20.65 -67.23 -20.08
N LYS B 311 -19.47 -66.57 -20.01
CA LYS B 311 -18.28 -66.84 -20.82
C LYS B 311 -17.65 -68.18 -20.40
N GLU B 312 -17.49 -68.38 -19.08
CA GLU B 312 -16.90 -69.55 -18.44
C GLU B 312 -17.58 -70.87 -18.85
N GLU B 313 -18.93 -70.89 -18.92
CA GLU B 313 -19.73 -72.06 -19.29
C GLU B 313 -19.37 -72.62 -20.67
N LYS B 314 -19.18 -71.73 -21.67
CA LYS B 314 -18.82 -72.02 -23.07
C LYS B 314 -17.41 -72.65 -23.23
N VAL B 315 -16.41 -71.98 -22.60
CA VAL B 315 -14.98 -72.26 -22.60
C VAL B 315 -14.59 -73.54 -21.86
N LYS B 316 -15.20 -73.79 -20.68
CA LYS B 316 -14.93 -74.97 -19.86
C LYS B 316 -15.10 -76.28 -20.64
N GLU B 317 -16.03 -76.27 -21.62
CA GLU B 317 -16.35 -77.38 -22.53
C GLU B 317 -15.24 -77.61 -23.58
N TRP B 318 -14.31 -76.66 -23.73
CA TRP B 318 -13.23 -76.74 -24.71
C TRP B 318 -12.04 -77.53 -24.22
N SER B 319 -11.35 -78.20 -25.15
CA SER B 319 -10.12 -78.93 -24.85
C SER B 319 -8.92 -77.97 -24.96
N LEU B 320 -9.06 -76.93 -25.82
CA LEU B 320 -8.06 -75.89 -26.05
C LEU B 320 -8.74 -74.54 -26.23
N CYS B 321 -8.16 -73.50 -25.62
CA CYS B 321 -8.63 -72.12 -25.73
C CYS B 321 -7.44 -71.25 -26.10
N VAL B 322 -7.51 -70.56 -27.26
CA VAL B 322 -6.43 -69.71 -27.76
C VAL B 322 -6.93 -68.26 -27.83
N ALA B 323 -6.41 -67.38 -26.92
CA ALA B 323 -6.77 -65.96 -26.81
C ALA B 323 -5.91 -65.13 -27.79
N THR B 324 -6.56 -64.61 -28.84
CA THR B 324 -5.90 -63.86 -29.91
C THR B 324 -5.83 -62.33 -29.65
N ASP B 325 -4.85 -61.67 -30.35
CA ASP B 325 -4.58 -60.23 -30.34
C ASP B 325 -4.44 -59.74 -31.81
N VAL B 326 -5.16 -58.66 -32.20
CA VAL B 326 -5.09 -58.06 -33.55
C VAL B 326 -4.39 -56.72 -33.45
N SER B 327 -3.39 -56.51 -34.32
CA SER B 327 -2.65 -55.26 -34.38
C SER B 327 -3.47 -54.21 -35.13
N ASP B 328 -3.68 -53.02 -34.49
CA ASP B 328 -4.43 -51.85 -34.97
C ASP B 328 -5.54 -52.20 -35.95
N HIS B 329 -6.58 -52.83 -35.42
CA HIS B 329 -7.74 -53.31 -36.17
C HIS B 329 -8.37 -52.30 -37.13
N ASP B 330 -8.82 -51.18 -36.59
CA ASP B 330 -9.58 -50.16 -37.30
C ASP B 330 -8.89 -49.50 -38.47
N THR B 331 -7.55 -49.27 -38.38
CA THR B 331 -6.72 -48.68 -39.45
C THR B 331 -6.35 -49.72 -40.54
N PHE B 332 -6.26 -51.02 -40.15
CA PHE B 332 -5.98 -52.12 -41.07
C PHE B 332 -7.24 -52.71 -41.72
N TRP B 333 -8.44 -52.34 -41.23
CA TRP B 333 -9.71 -52.85 -41.76
C TRP B 333 -9.79 -52.60 -43.26
N PRO B 334 -10.03 -53.66 -44.08
CA PRO B 334 -9.97 -53.50 -45.54
C PRO B 334 -11.19 -52.96 -46.27
N GLY B 335 -10.95 -51.99 -47.15
CA GLY B 335 -11.97 -51.41 -48.01
C GLY B 335 -12.59 -52.44 -48.94
N TRP B 336 -11.84 -53.49 -49.32
CA TRP B 336 -12.40 -54.54 -50.17
C TRP B 336 -13.52 -55.28 -49.47
N LEU B 337 -13.51 -55.31 -48.11
CA LEU B 337 -14.59 -55.94 -47.36
C LEU B 337 -15.85 -55.10 -47.43
N ARG B 338 -15.72 -53.77 -47.36
CA ARG B 338 -16.85 -52.83 -47.52
C ARG B 338 -17.49 -53.13 -48.90
N ASP B 339 -16.68 -53.26 -49.95
CA ASP B 339 -17.15 -53.51 -51.31
C ASP B 339 -17.77 -54.89 -51.49
N LEU B 340 -17.23 -55.90 -50.81
CA LEU B 340 -17.77 -57.26 -50.83
C LEU B 340 -19.14 -57.25 -50.11
N ILE B 341 -19.24 -56.57 -48.95
CA ILE B 341 -20.48 -56.47 -48.16
C ILE B 341 -21.57 -55.81 -48.99
N CYS B 342 -21.22 -54.71 -49.64
CA CYS B 342 -22.13 -53.95 -50.49
C CYS B 342 -22.63 -54.76 -51.67
N ASP B 343 -21.73 -55.47 -52.35
CA ASP B 343 -22.07 -56.34 -53.47
C ASP B 343 -23.02 -57.44 -53.04
N GLU B 344 -22.75 -58.08 -51.89
CA GLU B 344 -23.61 -59.15 -51.37
C GLU B 344 -24.98 -58.66 -50.93
N LEU B 345 -25.04 -57.44 -50.34
CA LEU B 345 -26.28 -56.81 -49.91
C LEU B 345 -27.16 -56.55 -51.13
N LEU B 346 -26.57 -56.15 -52.26
CA LEU B 346 -27.28 -55.94 -53.52
C LEU B 346 -27.82 -57.27 -54.08
N ASN B 347 -27.01 -58.36 -54.00
CA ASN B 347 -27.38 -59.72 -54.42
C ASN B 347 -28.55 -60.28 -53.60
N MET B 348 -28.64 -59.90 -52.31
CA MET B 348 -29.71 -60.32 -51.41
C MET B 348 -31.05 -59.62 -51.72
N GLY B 349 -30.97 -58.48 -52.41
CA GLY B 349 -32.14 -57.68 -52.79
C GLY B 349 -32.35 -56.42 -51.96
N TYR B 350 -31.29 -55.95 -51.27
CA TYR B 350 -31.34 -54.72 -50.47
C TYR B 350 -31.47 -53.53 -51.42
N ALA B 351 -32.22 -52.49 -50.99
CA ALA B 351 -32.44 -51.26 -51.76
C ALA B 351 -31.10 -50.66 -52.22
N PRO B 352 -30.86 -50.52 -53.56
CA PRO B 352 -29.58 -49.97 -54.03
C PRO B 352 -29.19 -48.61 -53.44
N TRP B 353 -30.18 -47.73 -53.20
CA TRP B 353 -29.98 -46.44 -52.55
C TRP B 353 -29.37 -46.61 -51.15
N TRP B 354 -29.93 -47.52 -50.33
CA TRP B 354 -29.45 -47.75 -48.98
C TRP B 354 -28.04 -48.29 -49.01
N VAL B 355 -27.76 -49.24 -49.90
CA VAL B 355 -26.42 -49.81 -50.05
C VAL B 355 -25.42 -48.70 -50.41
N LYS B 356 -25.81 -47.78 -51.31
CA LYS B 356 -24.97 -46.65 -51.71
C LYS B 356 -24.65 -45.72 -50.54
N LEU B 357 -25.64 -45.47 -49.66
CA LEU B 357 -25.45 -44.65 -48.46
C LEU B 357 -24.42 -45.33 -47.56
N PHE B 358 -24.58 -46.65 -47.33
CA PHE B 358 -23.71 -47.49 -46.51
C PHE B 358 -22.29 -47.49 -47.06
N GLU B 359 -22.13 -47.70 -48.38
CA GLU B 359 -20.84 -47.66 -49.07
C GLU B 359 -20.17 -46.32 -48.83
N THR B 360 -20.89 -45.22 -49.09
CA THR B 360 -20.42 -43.83 -48.96
C THR B 360 -19.95 -43.51 -47.55
N SER B 361 -20.64 -44.02 -46.52
CA SER B 361 -20.28 -43.83 -45.10
C SER B 361 -18.89 -44.38 -44.77
N LEU B 362 -18.40 -45.35 -45.58
CA LEU B 362 -17.10 -45.98 -45.39
C LEU B 362 -16.02 -45.51 -46.39
N LYS B 363 -16.29 -44.39 -47.12
CA LYS B 363 -15.37 -43.77 -48.08
C LYS B 363 -15.25 -42.27 -47.85
N LEU B 364 -15.95 -41.78 -46.84
CA LEU B 364 -16.10 -40.37 -46.55
C LEU B 364 -14.83 -39.61 -46.15
N PRO B 365 -14.66 -38.34 -46.65
CA PRO B 365 -13.55 -37.48 -46.19
C PRO B 365 -13.56 -37.30 -44.67
N VAL B 366 -12.49 -36.70 -44.10
CA VAL B 366 -12.35 -36.46 -42.65
C VAL B 366 -11.84 -35.05 -42.36
N TYR B 367 -12.50 -34.35 -41.42
CA TYR B 367 -12.08 -33.00 -41.02
C TYR B 367 -11.26 -33.09 -39.76
N VAL B 368 -9.99 -32.69 -39.86
CA VAL B 368 -9.03 -32.75 -38.75
C VAL B 368 -9.06 -31.47 -37.94
N GLY B 369 -9.46 -31.62 -36.67
CA GLY B 369 -9.56 -30.53 -35.70
C GLY B 369 -8.24 -29.94 -35.28
N ALA B 370 -7.70 -30.39 -34.12
CA ALA B 370 -6.43 -29.90 -33.59
C ALA B 370 -5.58 -31.02 -32.94
N PRO B 371 -4.72 -31.67 -33.76
CA PRO B 371 -3.84 -32.73 -33.22
C PRO B 371 -2.75 -32.20 -32.27
N ALA B 372 -2.37 -30.92 -32.43
CA ALA B 372 -1.32 -30.27 -31.66
C ALA B 372 -1.47 -28.74 -31.78
N PRO B 373 -0.78 -27.92 -30.92
CA PRO B 373 -0.86 -26.46 -31.10
C PRO B 373 -0.33 -26.03 -32.48
N GLU B 374 -0.98 -25.03 -33.12
CA GLU B 374 -0.61 -24.53 -34.46
C GLU B 374 -0.74 -25.60 -35.59
N GLN B 375 -1.62 -26.60 -35.40
CA GLN B 375 -1.85 -27.68 -36.37
C GLN B 375 -3.33 -28.02 -36.48
N GLY B 376 -3.73 -28.52 -37.65
CA GLY B 376 -5.07 -28.98 -37.90
C GLY B 376 -5.88 -28.07 -38.79
N HIS B 377 -7.19 -28.05 -38.56
CA HIS B 377 -8.20 -27.27 -39.30
C HIS B 377 -8.08 -27.50 -40.79
N THR B 378 -8.04 -28.79 -41.16
CA THR B 378 -7.88 -29.24 -42.54
C THR B 378 -8.83 -30.39 -42.85
N LEU B 379 -9.48 -30.32 -44.01
CA LEU B 379 -10.37 -31.36 -44.53
C LEU B 379 -9.53 -32.23 -45.44
N LEU B 380 -9.53 -33.57 -45.20
CA LEU B 380 -8.81 -34.55 -46.03
C LEU B 380 -9.82 -35.26 -46.90
N GLY B 381 -9.58 -35.26 -48.21
CA GLY B 381 -10.49 -35.86 -49.18
C GLY B 381 -11.52 -34.86 -49.69
N ASP B 382 -12.08 -35.14 -50.87
CA ASP B 382 -13.05 -34.27 -51.52
C ASP B 382 -14.47 -34.79 -51.29
N PRO B 383 -15.36 -34.02 -50.62
CA PRO B 383 -16.73 -34.50 -50.40
C PRO B 383 -17.57 -34.66 -51.67
N SER B 384 -17.14 -34.09 -52.81
CA SER B 384 -17.85 -34.20 -54.08
C SER B 384 -17.78 -35.61 -54.63
N ASN B 385 -16.71 -36.35 -54.29
CA ASN B 385 -16.49 -37.71 -54.70
C ASN B 385 -15.80 -38.51 -53.57
N PRO B 386 -16.57 -39.01 -52.56
CA PRO B 386 -15.96 -39.78 -51.45
C PRO B 386 -15.15 -40.97 -51.94
N ASP B 387 -13.82 -40.97 -51.65
CA ASP B 387 -12.90 -42.00 -52.11
C ASP B 387 -11.80 -42.37 -51.11
N LEU B 388 -12.01 -42.08 -49.80
CA LEU B 388 -11.03 -42.36 -48.74
C LEU B 388 -11.05 -43.79 -48.24
N GLU B 389 -9.83 -44.34 -48.03
CA GLU B 389 -9.58 -45.69 -47.54
C GLU B 389 -8.99 -45.62 -46.15
N VAL B 390 -9.71 -44.99 -45.22
CA VAL B 390 -9.27 -44.82 -43.82
C VAL B 390 -9.31 -46.13 -43.00
N GLY B 391 -10.04 -47.11 -43.51
CA GLY B 391 -10.30 -48.37 -42.85
C GLY B 391 -11.69 -48.29 -42.26
N LEU B 392 -11.78 -48.25 -40.92
CA LEU B 392 -13.06 -48.08 -40.22
C LEU B 392 -13.09 -46.67 -39.63
N SER B 393 -14.23 -45.97 -39.78
CA SER B 393 -14.45 -44.64 -39.20
C SER B 393 -15.31 -44.86 -37.99
N SER B 394 -14.68 -44.80 -36.78
CA SER B 394 -15.28 -45.09 -35.47
C SER B 394 -16.73 -44.62 -35.21
N GLY B 395 -17.12 -43.50 -35.82
CA GLY B 395 -18.46 -42.96 -35.64
C GLY B 395 -19.51 -43.40 -36.64
N GLN B 396 -19.15 -44.33 -37.55
CA GLN B 396 -20.06 -44.89 -38.55
C GLN B 396 -21.11 -45.74 -37.79
N GLY B 397 -22.30 -45.85 -38.38
CA GLY B 397 -23.42 -46.55 -37.77
C GLY B 397 -23.20 -47.98 -37.28
N ALA B 398 -22.43 -48.77 -38.06
CA ALA B 398 -22.20 -50.19 -37.75
C ALA B 398 -20.72 -50.63 -37.75
N THR B 399 -19.83 -49.88 -37.05
CA THR B 399 -18.40 -50.23 -36.96
C THR B 399 -18.16 -51.50 -36.18
N ASP B 400 -18.95 -51.71 -35.10
CA ASP B 400 -18.85 -52.94 -34.30
C ASP B 400 -19.17 -54.16 -35.18
N LEU B 401 -20.21 -54.03 -36.02
CA LEU B 401 -20.61 -55.07 -36.96
C LEU B 401 -19.56 -55.32 -38.02
N MET B 402 -18.92 -54.24 -38.53
CA MET B 402 -17.84 -54.31 -39.53
C MET B 402 -16.61 -55.03 -39.02
N GLY B 403 -16.22 -54.76 -37.79
CA GLY B 403 -15.11 -55.44 -37.14
C GLY B 403 -15.42 -56.88 -36.80
N THR B 404 -16.65 -57.14 -36.31
CA THR B 404 -17.07 -58.52 -35.98
C THR B 404 -17.27 -59.45 -37.19
N LEU B 405 -17.74 -58.90 -38.35
CA LEU B 405 -17.89 -59.61 -39.62
C LEU B 405 -16.47 -59.99 -40.11
N LEU B 406 -15.55 -59.00 -40.26
CA LEU B 406 -14.17 -59.25 -40.69
C LEU B 406 -13.50 -60.28 -39.80
N MET B 407 -13.43 -60.00 -38.49
CA MET B 407 -12.73 -60.86 -37.54
C MET B 407 -13.31 -62.27 -37.34
N SER B 408 -14.64 -62.42 -37.23
CA SER B 408 -15.24 -63.75 -37.06
C SER B 408 -14.81 -64.69 -38.18
N ILE B 409 -14.87 -64.21 -39.44
CA ILE B 409 -14.45 -64.98 -40.62
C ILE B 409 -12.94 -65.17 -40.65
N THR B 410 -12.15 -64.12 -40.32
CA THR B 410 -10.68 -64.20 -40.25
C THR B 410 -10.24 -65.33 -39.32
N TYR B 411 -10.82 -65.42 -38.11
CA TYR B 411 -10.52 -66.49 -37.13
C TYR B 411 -10.98 -67.86 -37.60
N LEU B 412 -12.20 -67.95 -38.22
CA LEU B 412 -12.71 -69.22 -38.76
C LEU B 412 -11.77 -69.74 -39.85
N VAL B 413 -11.32 -68.85 -40.77
CA VAL B 413 -10.38 -69.18 -41.85
C VAL B 413 -9.04 -69.70 -41.28
N MET B 414 -8.51 -69.05 -40.23
CA MET B 414 -7.32 -69.40 -39.49
C MET B 414 -7.47 -70.77 -38.81
N GLN B 415 -8.71 -71.16 -38.37
CA GLN B 415 -9.00 -72.49 -37.80
C GLN B 415 -9.10 -73.54 -38.94
N LEU B 416 -9.70 -73.17 -40.10
CA LEU B 416 -9.80 -74.05 -41.27
C LEU B 416 -8.43 -74.34 -41.87
N ASP B 417 -7.64 -73.29 -42.15
CA ASP B 417 -6.30 -73.37 -42.71
C ASP B 417 -5.33 -74.18 -41.87
N HIS B 418 -5.25 -73.90 -40.57
CA HIS B 418 -4.27 -74.51 -39.70
C HIS B 418 -4.68 -75.75 -38.91
N THR B 419 -6.00 -76.00 -38.77
CA THR B 419 -6.47 -77.09 -37.92
C THR B 419 -7.53 -78.03 -38.53
N ALA B 420 -8.48 -77.49 -39.32
CA ALA B 420 -9.55 -78.32 -39.86
C ALA B 420 -9.76 -78.34 -41.40
N PRO B 421 -8.77 -78.84 -42.18
CA PRO B 421 -8.98 -78.92 -43.65
C PRO B 421 -10.06 -79.93 -44.07
N HIS B 422 -10.41 -80.86 -43.16
CA HIS B 422 -11.45 -81.87 -43.38
C HIS B 422 -12.85 -81.25 -43.44
N LEU B 423 -12.99 -79.98 -43.00
CA LEU B 423 -14.28 -79.29 -43.05
C LEU B 423 -14.46 -78.50 -44.35
N ASN B 424 -13.36 -78.29 -45.13
CA ASN B 424 -13.39 -77.56 -46.41
C ASN B 424 -14.42 -78.10 -47.40
N SER B 425 -14.64 -79.44 -47.42
CA SER B 425 -15.61 -80.14 -48.28
C SER B 425 -17.07 -79.71 -48.01
N ARG B 426 -17.34 -79.13 -46.80
CA ARG B 426 -18.68 -78.64 -46.40
C ARG B 426 -18.97 -77.25 -47.01
N ILE B 427 -17.95 -76.59 -47.60
CA ILE B 427 -18.06 -75.24 -48.18
C ILE B 427 -17.80 -75.33 -49.69
N LYS B 428 -18.85 -75.71 -50.45
CA LYS B 428 -18.83 -75.92 -51.90
C LYS B 428 -19.49 -74.81 -52.70
N ASP B 429 -20.55 -74.21 -52.14
CA ASP B 429 -21.31 -73.13 -52.76
C ASP B 429 -21.90 -72.20 -51.68
N MET B 430 -22.69 -71.18 -52.09
CA MET B 430 -23.32 -70.27 -51.14
C MET B 430 -24.29 -70.95 -50.15
N PRO B 431 -25.27 -71.80 -50.60
CA PRO B 431 -26.16 -72.44 -49.63
C PRO B 431 -25.44 -73.28 -48.58
N SER B 432 -24.43 -74.08 -48.97
CA SER B 432 -23.64 -74.90 -48.03
C SER B 432 -22.81 -74.02 -47.10
N ALA B 433 -22.12 -73.01 -47.65
CA ALA B 433 -21.31 -72.05 -46.89
C ALA B 433 -22.14 -71.43 -45.76
N CYS B 434 -23.40 -71.12 -46.06
CA CYS B 434 -24.35 -70.55 -45.12
C CYS B 434 -24.69 -71.58 -44.05
N ARG B 435 -25.14 -72.78 -44.45
CA ARG B 435 -25.45 -73.92 -43.58
C ARG B 435 -24.34 -74.13 -42.56
N PHE B 436 -23.11 -74.18 -43.07
CA PHE B 436 -21.90 -74.38 -42.32
C PHE B 436 -21.67 -73.31 -41.27
N LEU B 437 -21.69 -72.05 -41.69
CA LEU B 437 -21.46 -70.90 -40.83
C LEU B 437 -22.53 -70.77 -39.75
N ASP B 438 -23.80 -71.07 -40.09
CA ASP B 438 -24.94 -71.07 -39.17
C ASP B 438 -24.67 -72.05 -38.05
N SER B 439 -24.15 -73.24 -38.39
CA SER B 439 -23.81 -74.28 -37.42
C SER B 439 -22.63 -73.85 -36.53
N TYR B 440 -21.56 -73.32 -37.16
CA TYR B 440 -20.33 -72.87 -36.49
C TYR B 440 -20.63 -71.78 -35.48
N TRP B 441 -21.40 -70.75 -35.90
CA TRP B 441 -21.75 -69.60 -35.08
C TRP B 441 -22.63 -69.96 -33.88
N GLN B 442 -23.38 -71.10 -33.94
CA GLN B 442 -24.22 -71.60 -32.84
C GLN B 442 -23.44 -72.49 -31.86
N GLY B 443 -22.16 -72.70 -32.16
CA GLY B 443 -21.25 -73.52 -31.35
C GLY B 443 -21.48 -75.01 -31.53
N HIS B 444 -21.95 -75.41 -32.71
CA HIS B 444 -22.24 -76.80 -33.04
C HIS B 444 -21.10 -77.58 -33.72
N GLU B 445 -19.97 -76.93 -34.01
CA GLU B 445 -18.84 -77.60 -34.65
C GLU B 445 -17.71 -77.91 -33.65
N GLU B 446 -16.72 -78.73 -34.08
CA GLU B 446 -15.59 -79.11 -33.24
C GLU B 446 -14.58 -77.95 -33.04
N ILE B 447 -14.71 -76.93 -33.91
CA ILE B 447 -13.99 -75.65 -33.89
C ILE B 447 -15.04 -74.60 -33.50
N ARG B 448 -14.69 -73.78 -32.49
CA ARG B 448 -15.59 -72.79 -31.93
C ARG B 448 -14.89 -71.47 -31.67
N GLN B 449 -15.66 -70.40 -31.38
CA GLN B 449 -15.15 -69.08 -31.06
C GLN B 449 -16.16 -68.25 -30.32
N ILE B 450 -15.65 -67.32 -29.51
CA ILE B 450 -16.42 -66.31 -28.81
C ILE B 450 -15.73 -65.02 -29.20
N SER B 451 -16.45 -64.08 -29.82
CA SER B 451 -15.79 -62.86 -30.29
C SER B 451 -16.63 -61.63 -30.23
N LYS B 452 -15.95 -60.48 -30.29
CA LYS B 452 -16.50 -59.14 -30.39
C LYS B 452 -15.40 -58.29 -31.03
N SER B 453 -15.58 -57.87 -32.31
CA SER B 453 -14.60 -57.11 -33.09
C SER B 453 -13.20 -57.76 -33.03
N ASP B 454 -12.19 -57.06 -32.48
CA ASP B 454 -10.81 -57.52 -32.35
C ASP B 454 -10.49 -58.33 -31.07
N ASP B 455 -11.50 -58.64 -30.23
CA ASP B 455 -11.30 -59.47 -29.03
C ASP B 455 -11.97 -60.79 -29.26
N ALA B 456 -11.24 -61.89 -29.05
CA ALA B 456 -11.74 -63.25 -29.25
C ALA B 456 -10.97 -64.31 -28.51
N MET B 457 -11.63 -65.46 -28.36
CA MET B 457 -11.09 -66.69 -27.81
C MET B 457 -11.56 -67.81 -28.71
N LEU B 458 -10.60 -68.56 -29.26
CA LEU B 458 -10.81 -69.63 -30.22
C LEU B 458 -10.74 -70.98 -29.52
N GLY B 459 -11.74 -71.82 -29.78
CA GLY B 459 -11.83 -73.13 -29.15
C GLY B 459 -11.86 -74.34 -30.04
N TRP B 460 -11.37 -75.45 -29.47
CA TRP B 460 -11.30 -76.78 -30.06
C TRP B 460 -11.83 -77.78 -29.04
N THR B 461 -12.77 -78.62 -29.46
CA THR B 461 -13.27 -79.70 -28.62
C THR B 461 -12.42 -80.93 -29.02
N LYS B 462 -12.80 -82.13 -28.53
CA LYS B 462 -12.09 -83.36 -28.92
C LYS B 462 -12.45 -83.63 -30.39
N GLY B 463 -11.49 -84.17 -31.14
CA GLY B 463 -11.68 -84.45 -32.55
C GLY B 463 -10.43 -84.28 -33.39
N ARG B 464 -10.63 -84.34 -34.71
CA ARG B 464 -9.58 -84.27 -35.71
C ARG B 464 -8.81 -82.95 -35.76
N ALA B 465 -9.50 -81.83 -35.49
CA ALA B 465 -8.93 -80.49 -35.51
C ALA B 465 -8.06 -80.15 -34.28
N LEU B 466 -8.31 -80.83 -33.12
CA LEU B 466 -7.59 -80.59 -31.86
C LEU B 466 -6.06 -80.59 -31.95
N VAL B 467 -5.48 -81.57 -32.66
CA VAL B 467 -4.04 -81.66 -32.84
C VAL B 467 -3.50 -80.40 -33.60
N GLY B 468 -4.27 -79.97 -34.60
CA GLY B 468 -3.97 -78.80 -35.43
C GLY B 468 -3.97 -77.52 -34.63
N GLY B 469 -4.92 -77.43 -33.70
CA GLY B 469 -5.10 -76.31 -32.78
C GLY B 469 -3.88 -76.11 -31.91
N HIS B 470 -3.31 -77.22 -31.40
CA HIS B 470 -2.10 -77.14 -30.59
C HIS B 470 -0.92 -76.62 -31.41
N ARG B 471 -0.84 -77.00 -32.72
CA ARG B 471 0.20 -76.52 -33.64
C ARG B 471 0.07 -75.01 -33.90
N LEU B 472 -1.17 -74.53 -34.12
CA LEU B 472 -1.48 -73.13 -34.34
C LEU B 472 -1.08 -72.28 -33.11
N PHE B 473 -1.41 -72.80 -31.92
CA PHE B 473 -1.06 -72.19 -30.64
C PHE B 473 0.44 -72.09 -30.48
N GLU B 474 1.18 -73.12 -30.95
CA GLU B 474 2.64 -73.13 -30.91
C GLU B 474 3.19 -72.12 -31.91
N MET B 475 2.58 -72.01 -33.12
CA MET B 475 2.98 -71.06 -34.16
C MET B 475 2.94 -69.63 -33.64
N LEU B 476 1.86 -69.29 -32.89
CA LEU B 476 1.70 -67.99 -32.26
C LEU B 476 2.72 -67.85 -31.14
N LYS B 477 2.95 -68.93 -30.36
CA LYS B 477 3.94 -68.91 -29.27
C LYS B 477 5.35 -68.64 -29.83
N GLU B 478 5.66 -69.18 -31.03
CA GLU B 478 6.96 -68.97 -31.74
C GLU B 478 6.99 -67.60 -32.38
N GLY B 479 5.81 -67.01 -32.59
CA GLY B 479 5.56 -65.68 -33.13
C GLY B 479 6.42 -65.21 -34.29
N LYS B 480 6.74 -66.10 -35.24
CA LYS B 480 7.56 -65.74 -36.38
C LYS B 480 6.76 -65.64 -37.67
N VAL B 481 5.60 -66.32 -37.71
CA VAL B 481 4.75 -66.35 -38.91
C VAL B 481 3.32 -65.92 -38.59
N ASN B 482 2.78 -65.03 -39.43
CA ASN B 482 1.40 -64.54 -39.29
C ASN B 482 0.46 -65.65 -39.79
N PRO B 483 -0.46 -66.14 -38.92
CA PRO B 483 -1.38 -67.20 -39.32
C PRO B 483 -2.52 -66.77 -40.26
N SER B 484 -2.65 -65.47 -40.54
CA SER B 484 -3.72 -64.98 -41.39
C SER B 484 -3.23 -64.18 -42.59
N PRO B 485 -3.89 -64.30 -43.77
CA PRO B 485 -3.54 -63.40 -44.90
C PRO B 485 -4.25 -62.04 -44.80
N TYR B 486 -5.26 -61.90 -43.90
CA TYR B 486 -6.13 -60.75 -43.78
C TYR B 486 -5.76 -59.67 -42.78
N MET B 487 -5.33 -60.06 -41.57
CA MET B 487 -4.95 -59.14 -40.49
C MET B 487 -3.70 -59.65 -39.79
N LYS B 488 -3.04 -58.79 -38.98
CA LYS B 488 -1.83 -59.16 -38.23
C LYS B 488 -2.27 -59.76 -36.89
N ILE B 489 -2.20 -61.10 -36.78
CA ILE B 489 -2.65 -61.86 -35.61
C ILE B 489 -1.49 -62.43 -34.80
N SER B 490 -1.67 -62.42 -33.47
CA SER B 490 -0.74 -62.94 -32.46
C SER B 490 -1.55 -63.48 -31.29
N TYR B 491 -0.89 -63.98 -30.25
CA TYR B 491 -1.59 -64.44 -29.07
C TYR B 491 -1.55 -63.31 -28.06
N GLU B 492 -2.57 -63.20 -27.21
CA GLU B 492 -2.62 -62.16 -26.18
C GLU B 492 -1.65 -62.57 -25.05
N HIS B 493 -0.72 -61.67 -24.65
CA HIS B 493 0.19 -61.97 -23.54
C HIS B 493 -0.56 -61.65 -22.24
N GLY B 494 -1.30 -62.65 -21.77
CA GLY B 494 -2.18 -62.57 -20.62
C GLY B 494 -3.62 -62.60 -21.12
N GLY B 495 -4.03 -63.76 -21.60
CA GLY B 495 -5.36 -63.99 -22.17
C GLY B 495 -6.53 -63.46 -21.37
N ALA B 496 -7.38 -62.67 -22.04
CA ALA B 496 -8.60 -62.10 -21.48
C ALA B 496 -9.65 -61.93 -22.56
N PHE B 497 -10.93 -61.96 -22.16
CA PHE B 497 -12.01 -61.75 -23.10
C PHE B 497 -13.04 -60.82 -22.52
N LEU B 498 -13.20 -59.65 -23.19
CA LEU B 498 -14.15 -58.61 -22.83
C LEU B 498 -14.06 -58.20 -21.36
N GLY B 499 -12.84 -57.87 -20.93
CA GLY B 499 -12.53 -57.39 -19.59
C GLY B 499 -12.21 -58.44 -18.53
N ASP B 500 -12.59 -59.71 -18.78
CA ASP B 500 -12.39 -60.80 -17.85
C ASP B 500 -11.19 -61.67 -18.21
N ILE B 501 -10.26 -61.80 -17.27
CA ILE B 501 -9.05 -62.59 -17.44
C ILE B 501 -9.37 -64.09 -17.26
N LEU B 502 -8.76 -64.96 -18.10
CA LEU B 502 -8.93 -66.39 -17.95
C LEU B 502 -7.80 -66.95 -17.06
N LEU B 503 -8.18 -67.30 -15.79
CA LEU B 503 -7.26 -67.86 -14.78
C LEU B 503 -7.17 -69.39 -14.82
N TYR B 504 -6.13 -69.89 -15.48
CA TYR B 504 -5.83 -71.32 -15.57
C TYR B 504 -5.16 -71.75 -14.25
N ASP B 505 -5.26 -73.02 -13.90
CA ASP B 505 -4.59 -73.47 -12.69
C ASP B 505 -3.24 -74.20 -13.08
N SER B 506 -2.76 -75.17 -12.27
CA SER B 506 -1.54 -75.95 -12.53
C SER B 506 -1.65 -76.81 -13.81
N ARG B 507 -2.87 -77.28 -14.13
CA ARG B 507 -3.16 -78.12 -15.29
C ARG B 507 -3.05 -77.37 -16.62
N ARG B 508 -3.28 -76.04 -16.62
CA ARG B 508 -3.26 -75.17 -17.82
C ARG B 508 -4.22 -75.68 -18.90
N GLU B 509 -5.45 -76.02 -18.49
CA GLU B 509 -6.51 -76.54 -19.34
C GLU B 509 -7.77 -75.71 -19.17
N PRO B 510 -8.55 -75.45 -20.26
CA PRO B 510 -9.78 -74.64 -20.14
C PRO B 510 -10.84 -75.15 -19.16
N GLY B 511 -10.91 -76.47 -18.99
CA GLY B 511 -11.86 -77.12 -18.09
C GLY B 511 -11.74 -76.70 -16.64
N SER B 512 -10.50 -76.48 -16.18
CA SER B 512 -10.22 -76.06 -14.80
C SER B 512 -9.85 -74.58 -14.66
N ALA B 513 -10.10 -73.79 -15.70
CA ALA B 513 -9.85 -72.36 -15.71
C ALA B 513 -11.15 -71.61 -15.42
N ILE B 514 -11.04 -70.46 -14.75
CA ILE B 514 -12.16 -69.59 -14.38
C ILE B 514 -11.95 -68.15 -14.86
N PHE B 515 -13.04 -67.47 -15.29
CA PHE B 515 -12.99 -66.07 -15.71
C PHE B 515 -13.09 -65.18 -14.47
N VAL B 516 -12.12 -64.28 -14.28
CA VAL B 516 -12.08 -63.34 -13.14
C VAL B 516 -11.97 -61.91 -13.66
N GLY B 517 -12.43 -60.96 -12.85
CA GLY B 517 -12.30 -59.54 -13.17
C GLY B 517 -10.83 -59.14 -13.21
N ASN B 518 -10.50 -58.14 -14.05
CA ASN B 518 -9.14 -57.65 -14.17
C ASN B 518 -8.93 -56.56 -13.11
N ILE B 519 -8.09 -56.83 -12.09
CA ILE B 519 -7.81 -55.88 -11.01
C ILE B 519 -7.18 -54.59 -11.52
N ASN B 520 -6.38 -54.68 -12.59
CA ASN B 520 -5.77 -53.49 -13.19
C ASN B 520 -6.84 -52.58 -13.78
N SER B 521 -7.95 -53.14 -14.33
CA SER B 521 -9.07 -52.37 -14.86
C SER B 521 -9.78 -51.61 -13.75
N MET B 522 -9.83 -52.19 -12.52
CA MET B 522 -10.44 -51.52 -11.35
C MET B 522 -9.63 -50.26 -11.06
N LEU B 523 -8.31 -50.39 -11.03
CA LEU B 523 -7.38 -49.30 -10.78
C LEU B 523 -7.42 -48.22 -11.88
N ASN B 524 -7.55 -48.66 -13.15
CA ASN B 524 -7.70 -47.76 -14.30
C ASN B 524 -8.97 -46.93 -14.15
N ASN B 525 -10.08 -47.60 -13.88
CA ASN B 525 -11.37 -46.94 -13.74
C ASN B 525 -11.44 -46.01 -12.54
N GLN B 526 -10.85 -46.43 -11.40
CA GLN B 526 -10.88 -45.66 -10.16
C GLN B 526 -9.95 -44.48 -10.13
N PHE B 527 -8.72 -44.65 -10.59
CA PHE B 527 -7.73 -43.58 -10.50
C PHE B 527 -7.33 -42.89 -11.80
N SER B 528 -7.66 -43.47 -12.95
CA SER B 528 -7.36 -42.86 -14.24
C SER B 528 -8.62 -42.83 -15.16
N PRO B 529 -9.71 -42.14 -14.77
CA PRO B 529 -10.87 -42.08 -15.67
C PRO B 529 -10.52 -41.30 -16.95
N GLU B 530 -11.24 -41.57 -18.04
CA GLU B 530 -10.99 -40.90 -19.32
C GLU B 530 -11.47 -39.44 -19.27
N TYR B 531 -12.58 -39.19 -18.57
CA TYR B 531 -13.14 -37.85 -18.46
C TYR B 531 -13.18 -37.34 -17.02
N GLY B 532 -13.32 -36.02 -16.87
CA GLY B 532 -13.50 -35.37 -15.59
C GLY B 532 -14.93 -35.56 -15.11
N VAL B 533 -15.23 -35.12 -13.88
CA VAL B 533 -16.57 -35.28 -13.31
C VAL B 533 -17.70 -34.41 -13.92
N GLN B 534 -17.30 -33.39 -14.75
CA GLN B 534 -18.16 -32.41 -15.47
C GLN B 534 -19.17 -31.75 -14.54
N SER B 535 -18.71 -31.29 -13.34
CA SER B 535 -19.58 -30.70 -12.31
C SER B 535 -20.40 -29.49 -12.77
N GLY B 536 -19.97 -28.86 -13.87
CA GLY B 536 -20.63 -27.73 -14.51
C GLY B 536 -21.78 -28.09 -15.44
N VAL B 537 -21.91 -29.39 -15.81
CA VAL B 537 -23.00 -29.87 -16.67
C VAL B 537 -24.15 -30.22 -15.73
N ARG B 538 -25.19 -29.37 -15.74
CA ARG B 538 -26.37 -29.51 -14.87
C ARG B 538 -27.00 -30.90 -14.97
N ASP B 539 -27.39 -31.30 -16.20
CA ASP B 539 -28.03 -32.57 -16.49
C ASP B 539 -27.00 -33.69 -16.46
N ARG B 540 -27.02 -34.46 -15.38
CA ARG B 540 -26.11 -35.58 -15.15
C ARG B 540 -26.15 -36.66 -16.21
N SER B 541 -27.33 -36.88 -16.85
CA SER B 541 -27.48 -37.88 -17.90
C SER B 541 -26.71 -37.54 -19.19
N LYS B 542 -26.39 -36.24 -19.39
CA LYS B 542 -25.64 -35.76 -20.55
C LYS B 542 -24.10 -35.89 -20.32
N ARG B 543 -23.66 -36.08 -19.05
CA ARG B 543 -22.24 -36.24 -18.67
C ARG B 543 -21.68 -37.57 -19.14
N LYS B 544 -20.35 -37.61 -19.33
CA LYS B 544 -19.62 -38.81 -19.72
C LYS B 544 -19.54 -39.75 -18.54
N ARG B 545 -19.57 -39.21 -17.29
CA ARG B 545 -19.55 -39.97 -16.03
C ARG B 545 -20.75 -39.48 -15.18
N PRO B 546 -22.00 -39.90 -15.51
CA PRO B 546 -23.17 -39.37 -14.79
C PRO B 546 -23.17 -39.52 -13.26
N PHE B 547 -22.86 -40.72 -12.74
CA PHE B 547 -22.89 -41.00 -11.30
C PHE B 547 -21.67 -41.82 -10.89
N PRO B 548 -20.47 -41.18 -10.81
CA PRO B 548 -19.23 -41.92 -10.47
C PRO B 548 -19.22 -42.70 -9.16
N GLY B 549 -19.93 -42.20 -8.14
CA GLY B 549 -20.04 -42.83 -6.82
C GLY B 549 -20.56 -44.25 -6.84
N LEU B 550 -21.51 -44.54 -7.77
CA LEU B 550 -22.20 -45.84 -7.94
C LEU B 550 -21.31 -47.04 -8.19
N ALA B 551 -20.15 -46.85 -8.84
CA ALA B 551 -19.19 -47.90 -9.15
C ALA B 551 -18.67 -48.64 -7.92
N TRP B 552 -18.73 -48.00 -6.72
CA TRP B 552 -18.30 -48.61 -5.47
C TRP B 552 -19.24 -49.77 -5.10
N ALA B 553 -20.54 -49.63 -5.40
CA ALA B 553 -21.56 -50.63 -5.12
C ALA B 553 -21.45 -51.88 -5.98
N SER B 554 -20.84 -51.77 -7.18
CA SER B 554 -20.67 -52.90 -8.11
C SER B 554 -19.26 -53.49 -8.10
N MET B 555 -18.31 -52.82 -7.39
CA MET B 555 -16.90 -53.23 -7.29
C MET B 555 -16.68 -54.69 -6.84
N LYS B 556 -17.31 -55.12 -5.72
CA LYS B 556 -17.14 -56.46 -5.20
C LYS B 556 -17.66 -57.49 -6.22
N ASP B 557 -18.81 -57.21 -6.85
CA ASP B 557 -19.33 -58.12 -7.86
C ASP B 557 -18.35 -58.28 -9.05
N THR B 558 -17.87 -57.16 -9.57
CA THR B 558 -17.00 -57.09 -10.72
C THR B 558 -15.61 -57.69 -10.46
N TYR B 559 -14.95 -57.21 -9.38
CA TYR B 559 -13.57 -57.56 -9.06
C TYR B 559 -13.28 -58.54 -7.92
N GLY B 560 -14.29 -58.87 -7.11
CA GLY B 560 -14.20 -59.76 -5.95
C GLY B 560 -13.56 -61.11 -6.18
N ALA B 561 -13.69 -61.63 -7.42
CA ALA B 561 -13.14 -62.90 -7.89
C ALA B 561 -11.63 -62.84 -8.18
N CYS B 562 -11.03 -61.63 -8.29
CA CYS B 562 -9.59 -61.54 -8.52
C CYS B 562 -8.84 -62.07 -7.27
N PRO B 563 -7.84 -62.98 -7.45
CA PRO B 563 -7.10 -63.52 -6.29
C PRO B 563 -6.55 -62.49 -5.30
N ILE B 564 -6.11 -61.31 -5.78
CA ILE B 564 -5.51 -60.24 -4.99
C ILE B 564 -6.45 -59.06 -4.68
N TYR B 565 -7.77 -59.25 -4.84
CA TYR B 565 -8.77 -58.21 -4.58
C TYR B 565 -8.59 -57.50 -3.21
N SER B 566 -8.60 -58.28 -2.12
CA SER B 566 -8.46 -57.80 -0.74
C SER B 566 -7.15 -57.06 -0.50
N ASP B 567 -6.05 -57.62 -1.03
CA ASP B 567 -4.69 -57.08 -0.94
C ASP B 567 -4.60 -55.70 -1.56
N VAL B 568 -5.26 -55.51 -2.74
CA VAL B 568 -5.29 -54.24 -3.47
C VAL B 568 -6.07 -53.18 -2.69
N LEU B 569 -7.26 -53.55 -2.16
CA LEU B 569 -8.07 -52.62 -1.39
C LEU B 569 -7.35 -52.12 -0.12
N GLU B 570 -6.58 -53.02 0.55
CA GLU B 570 -5.80 -52.69 1.74
C GLU B 570 -4.65 -51.76 1.35
N ALA B 571 -3.95 -52.06 0.22
CA ALA B 571 -2.85 -51.23 -0.30
C ALA B 571 -3.34 -49.83 -0.66
N ILE B 572 -4.56 -49.72 -1.26
CA ILE B 572 -5.19 -48.45 -1.60
C ILE B 572 -5.41 -47.65 -0.32
N GLU B 573 -6.05 -48.28 0.70
CA GLU B 573 -6.37 -47.66 2.00
C GLU B 573 -5.13 -47.10 2.68
N ARG B 574 -4.07 -47.91 2.75
CA ARG B 574 -2.80 -47.55 3.34
C ARG B 574 -2.17 -46.35 2.61
N CYS B 575 -2.10 -46.37 1.25
CA CYS B 575 -1.53 -45.30 0.41
C CYS B 575 -2.35 -44.00 0.39
N TRP B 576 -3.69 -44.11 0.54
CA TRP B 576 -4.62 -42.99 0.58
C TRP B 576 -4.49 -42.27 1.92
N TRP B 577 -4.28 -43.05 3.02
CA TRP B 577 -4.04 -42.53 4.36
C TRP B 577 -2.71 -41.76 4.39
N ASN B 578 -1.65 -42.32 3.79
CA ASN B 578 -0.34 -41.69 3.69
C ASN B 578 -0.40 -40.37 2.91
N ALA B 579 -1.15 -40.36 1.78
CA ALA B 579 -1.27 -39.21 0.88
C ALA B 579 -2.27 -38.13 1.26
N PHE B 580 -3.46 -38.50 1.77
CA PHE B 580 -4.54 -37.56 2.11
C PHE B 580 -4.86 -37.45 3.59
N GLY B 581 -4.56 -38.51 4.36
CA GLY B 581 -4.90 -38.58 5.78
C GLY B 581 -6.36 -38.90 5.95
N GLU B 582 -6.93 -39.58 4.95
CA GLU B 582 -8.33 -39.98 4.85
C GLU B 582 -8.45 -41.47 4.74
N SER B 583 -9.67 -41.97 4.96
CA SER B 583 -9.99 -43.36 4.75
C SER B 583 -10.65 -43.41 3.36
N TYR B 584 -9.95 -43.95 2.35
CA TYR B 584 -10.48 -44.04 0.97
C TYR B 584 -11.84 -44.72 0.95
N ARG B 585 -12.00 -45.83 1.69
CA ARG B 585 -13.25 -46.57 1.81
C ARG B 585 -14.37 -45.64 2.26
N ALA B 586 -14.14 -44.84 3.33
CA ALA B 586 -15.14 -43.88 3.84
C ALA B 586 -15.48 -42.81 2.80
N TYR B 587 -14.45 -42.29 2.10
CA TYR B 587 -14.56 -41.30 1.03
C TYR B 587 -15.48 -41.83 -0.08
N ARG B 588 -15.30 -43.09 -0.50
CA ARG B 588 -16.10 -43.72 -1.54
C ARG B 588 -17.50 -44.07 -1.07
N GLU B 589 -17.66 -44.40 0.23
CA GLU B 589 -18.96 -44.71 0.81
C GLU B 589 -19.82 -43.42 0.81
N ASP B 590 -19.20 -42.27 1.12
CA ASP B 590 -19.91 -40.98 1.13
C ASP B 590 -20.34 -40.63 -0.29
N MET B 591 -19.43 -40.82 -1.28
CA MET B 591 -19.58 -40.58 -2.71
C MET B 591 -20.73 -41.43 -3.27
N LEU B 592 -20.85 -42.68 -2.79
CA LEU B 592 -21.90 -43.62 -3.17
C LEU B 592 -23.26 -43.15 -2.61
N LYS B 593 -23.31 -42.71 -1.34
CA LYS B 593 -24.53 -42.23 -0.69
C LYS B 593 -25.12 -41.02 -1.41
N ARG B 594 -24.27 -40.02 -1.72
CA ARG B 594 -24.66 -38.79 -2.42
C ARG B 594 -25.18 -39.07 -3.83
N ASP B 595 -24.45 -39.92 -4.61
CA ASP B 595 -24.84 -40.28 -5.97
C ASP B 595 -26.10 -41.14 -6.03
N THR B 596 -26.34 -42.00 -5.01
CA THR B 596 -27.55 -42.84 -4.90
C THR B 596 -28.78 -41.93 -4.76
N LEU B 597 -28.65 -40.87 -3.92
CA LEU B 597 -29.72 -39.90 -3.68
C LEU B 597 -29.99 -39.04 -4.92
N GLU B 598 -28.92 -38.64 -5.62
CA GLU B 598 -29.00 -37.85 -6.84
C GLU B 598 -29.65 -38.66 -7.98
N LEU B 599 -29.38 -39.99 -8.02
CA LEU B 599 -29.95 -40.91 -9.01
C LEU B 599 -31.48 -40.91 -9.02
N SER B 600 -32.16 -40.80 -7.84
CA SER B 600 -33.64 -40.77 -7.76
C SER B 600 -34.25 -39.56 -8.45
N ARG B 601 -33.43 -38.51 -8.69
CA ARG B 601 -33.86 -37.32 -9.40
C ARG B 601 -33.79 -37.53 -10.93
N TYR B 602 -33.52 -38.79 -11.37
CA TYR B 602 -33.42 -39.21 -12.79
C TYR B 602 -34.24 -40.45 -13.11
N VAL B 603 -34.55 -41.29 -12.09
CA VAL B 603 -35.31 -42.52 -12.25
C VAL B 603 -36.68 -42.37 -11.55
N ALA B 604 -37.75 -42.20 -12.35
CA ALA B 604 -39.12 -42.04 -11.87
C ALA B 604 -39.63 -43.23 -11.05
N SER B 605 -39.26 -44.46 -11.46
CA SER B 605 -39.67 -45.73 -10.86
C SER B 605 -39.14 -45.94 -9.44
N MET B 606 -37.94 -45.42 -9.17
CA MET B 606 -37.26 -45.46 -7.89
C MET B 606 -38.01 -44.51 -6.97
N ALA B 607 -38.37 -44.96 -5.73
CA ALA B 607 -39.04 -44.02 -4.80
C ALA B 607 -38.00 -42.95 -4.47
N ARG B 608 -38.44 -41.68 -4.51
CA ARG B 608 -37.62 -40.48 -4.33
C ARG B 608 -36.63 -40.56 -3.13
N GLN B 609 -36.81 -41.62 -2.31
CA GLN B 609 -36.01 -42.05 -1.17
C GLN B 609 -36.07 -43.62 -1.14
N ALA B 610 -35.28 -44.29 -2.03
CA ALA B 610 -35.28 -45.76 -2.06
C ALA B 610 -33.92 -46.48 -1.99
N GLY B 611 -33.00 -46.12 -2.87
CA GLY B 611 -31.71 -46.78 -2.95
C GLY B 611 -31.57 -47.62 -4.20
N LEU B 612 -30.45 -48.35 -4.30
CA LEU B 612 -30.04 -49.18 -5.45
C LEU B 612 -30.60 -50.61 -5.45
N ALA B 613 -31.54 -50.86 -4.52
CA ALA B 613 -32.23 -52.13 -4.22
C ALA B 613 -32.30 -53.14 -5.38
N GLU B 614 -32.95 -52.76 -6.49
CA GLU B 614 -33.17 -53.65 -7.63
C GLU B 614 -32.11 -53.62 -8.74
N LEU B 615 -31.32 -52.52 -8.85
CA LEU B 615 -30.28 -52.35 -9.87
C LEU B 615 -29.20 -53.41 -9.83
N THR B 616 -28.78 -53.86 -11.03
CA THR B 616 -27.77 -54.88 -11.24
C THR B 616 -26.35 -54.27 -11.23
N PRO B 617 -25.28 -55.09 -11.08
CA PRO B 617 -23.91 -54.53 -11.16
C PRO B 617 -23.65 -53.86 -12.51
N ILE B 618 -24.21 -54.43 -13.63
CA ILE B 618 -24.10 -53.88 -14.99
C ILE B 618 -24.69 -52.46 -15.01
N ASP B 619 -25.90 -52.28 -14.41
CA ASP B 619 -26.61 -50.99 -14.31
C ASP B 619 -25.75 -49.95 -13.64
N LEU B 620 -25.09 -50.33 -12.53
CA LEU B 620 -24.22 -49.45 -11.76
C LEU B 620 -22.94 -49.04 -12.49
N GLU B 621 -22.26 -50.01 -13.14
CA GLU B 621 -21.03 -49.80 -13.93
C GLU B 621 -21.30 -48.84 -15.10
N VAL B 622 -22.49 -49.00 -15.75
CA VAL B 622 -22.95 -48.21 -16.88
C VAL B 622 -23.35 -46.79 -16.43
N LEU B 623 -23.97 -46.62 -15.24
CA LEU B 623 -24.32 -45.27 -14.74
C LEU B 623 -23.06 -44.45 -14.37
N ALA B 624 -22.00 -45.14 -13.93
CA ALA B 624 -20.74 -44.52 -13.58
C ALA B 624 -19.88 -44.30 -14.86
N ASP B 625 -20.03 -45.19 -15.87
CA ASP B 625 -19.30 -45.15 -17.15
C ASP B 625 -20.18 -45.64 -18.35
N PRO B 626 -21.00 -44.77 -19.00
CA PRO B 626 -21.83 -45.24 -20.14
C PRO B 626 -21.07 -45.68 -21.40
N ASN B 627 -19.74 -45.47 -21.41
CA ASN B 627 -18.86 -45.90 -22.50
C ASN B 627 -18.70 -47.42 -22.47
N LYS B 628 -19.02 -48.07 -21.31
CA LYS B 628 -19.01 -49.53 -21.12
C LYS B 628 -20.10 -50.13 -21.98
N LEU B 629 -21.20 -49.36 -22.19
CA LEU B 629 -22.31 -49.74 -23.08
C LEU B 629 -21.80 -49.69 -24.55
N GLN B 630 -20.77 -48.86 -24.81
CA GLN B 630 -20.15 -48.66 -26.13
C GLN B 630 -18.92 -49.58 -26.44
N TYR B 631 -18.52 -50.53 -25.54
CA TYR B 631 -17.35 -51.42 -25.78
C TYR B 631 -17.42 -52.83 -25.13
N LYS B 632 -18.36 -53.02 -24.19
CA LYS B 632 -18.47 -54.23 -23.38
C LYS B 632 -19.87 -54.89 -23.41
N TRP B 633 -20.91 -54.07 -23.16
CA TRP B 633 -22.29 -54.51 -23.11
C TRP B 633 -23.16 -53.87 -24.20
N THR B 634 -24.43 -54.22 -24.21
CA THR B 634 -25.42 -53.70 -25.15
C THR B 634 -26.71 -53.35 -24.40
N GLN B 635 -27.65 -52.71 -25.14
CA GLN B 635 -28.97 -52.24 -24.69
C GLN B 635 -29.75 -53.27 -23.85
N ALA B 636 -29.74 -54.55 -24.26
CA ALA B 636 -30.44 -55.65 -23.60
C ALA B 636 -29.85 -56.06 -22.24
N ASP B 637 -28.57 -55.71 -21.98
CA ASP B 637 -27.88 -56.05 -20.73
C ASP B 637 -28.18 -55.10 -19.58
N VAL B 638 -28.80 -53.96 -19.90
CA VAL B 638 -29.14 -52.89 -18.96
C VAL B 638 -30.64 -52.87 -18.66
N SER B 639 -31.03 -52.68 -17.37
CA SER B 639 -32.42 -52.58 -16.95
C SER B 639 -33.09 -51.46 -17.76
N ALA B 640 -34.36 -51.69 -18.18
CA ALA B 640 -35.14 -50.78 -19.01
C ALA B 640 -35.23 -49.37 -18.47
N ASN B 641 -35.48 -49.21 -17.14
CA ASN B 641 -35.56 -47.90 -16.49
C ASN B 641 -34.23 -47.12 -16.44
N ILE B 642 -33.10 -47.86 -16.53
CA ILE B 642 -31.75 -47.30 -16.54
C ILE B 642 -31.34 -46.87 -17.96
N HIS B 643 -31.68 -47.69 -18.98
CA HIS B 643 -31.41 -47.36 -20.37
C HIS B 643 -32.08 -46.03 -20.78
N GLU B 644 -33.31 -45.79 -20.27
CA GLU B 644 -34.08 -44.55 -20.48
C GLU B 644 -33.40 -43.31 -19.95
N VAL B 645 -32.55 -43.47 -18.89
CA VAL B 645 -31.80 -42.36 -18.25
C VAL B 645 -30.78 -41.82 -19.26
N LEU B 646 -30.13 -42.72 -20.00
CA LEU B 646 -29.05 -42.40 -20.93
C LEU B 646 -29.43 -42.19 -22.40
N MET B 647 -30.54 -42.80 -22.85
CA MET B 647 -30.98 -42.78 -24.25
C MET B 647 -32.43 -42.34 -24.42
N HIS B 648 -32.78 -42.00 -25.66
CA HIS B 648 -34.12 -41.62 -26.14
C HIS B 648 -34.27 -42.13 -27.59
N GLY B 649 -35.49 -42.41 -28.04
CA GLY B 649 -35.68 -42.93 -29.39
C GLY B 649 -36.72 -42.32 -30.30
N VAL B 650 -36.61 -42.65 -31.59
CA VAL B 650 -37.51 -42.31 -32.69
C VAL B 650 -38.49 -43.49 -32.68
N SER B 651 -39.80 -43.24 -32.85
CA SER B 651 -40.83 -44.30 -32.82
C SER B 651 -40.57 -45.49 -33.76
N VAL B 652 -40.95 -46.70 -33.31
CA VAL B 652 -40.82 -47.94 -34.09
C VAL B 652 -41.72 -47.90 -35.35
N GLU B 653 -42.75 -47.02 -35.33
CA GLU B 653 -43.70 -46.82 -36.44
C GLU B 653 -42.95 -46.22 -37.64
N LYS B 654 -42.09 -45.20 -37.38
CA LYS B 654 -41.28 -44.53 -38.38
C LYS B 654 -40.15 -45.42 -38.89
N THR B 655 -39.51 -46.19 -37.98
CA THR B 655 -38.40 -47.09 -38.34
C THR B 655 -38.89 -48.32 -39.09
N GLU B 656 -40.08 -48.84 -38.71
CA GLU B 656 -40.72 -49.99 -39.34
C GLU B 656 -40.99 -49.71 -40.81
N ARG B 657 -41.53 -48.51 -41.12
CA ARG B 657 -41.84 -48.08 -42.47
C ARG B 657 -40.55 -47.90 -43.28
N PHE B 658 -39.51 -47.35 -42.65
CA PHE B 658 -38.20 -47.15 -43.26
C PHE B 658 -37.58 -48.50 -43.62
N LEU B 659 -37.53 -49.43 -42.65
CA LEU B 659 -36.95 -50.76 -42.80
C LEU B 659 -37.59 -51.60 -43.91
N ARG B 660 -38.92 -51.47 -44.09
CA ARG B 660 -39.70 -52.16 -45.11
C ARG B 660 -39.20 -51.77 -46.52
N SER B 661 -38.86 -50.48 -46.71
CA SER B 661 -38.38 -49.91 -47.97
C SER B 661 -36.93 -50.30 -48.32
N VAL B 662 -36.11 -50.68 -47.31
CA VAL B 662 -34.69 -51.04 -47.45
C VAL B 662 -34.52 -52.50 -47.82
N MET B 663 -35.11 -53.36 -46.99
CA MET B 663 -35.03 -54.79 -47.02
C MET B 663 -35.62 -55.50 -48.24
N PRO B 664 -35.11 -56.71 -48.57
CA PRO B 664 -35.68 -57.45 -49.72
C PRO B 664 -37.12 -57.95 -49.52
N ARG B 665 -37.85 -58.12 -50.65
CA ARG B 665 -39.25 -58.60 -50.84
C ARG B 665 -40.25 -58.35 -49.69
N PRO C 2 -3.33 47.39 47.64
CA PRO C 2 -3.91 48.10 46.50
C PRO C 2 -3.74 47.33 45.17
N ARG C 3 -4.21 46.06 45.17
CA ARG C 3 -4.22 45.05 44.09
C ARG C 3 -2.88 44.43 43.72
N ARG C 4 -2.56 43.19 44.16
CA ARG C 4 -1.34 42.56 43.64
C ARG C 4 -1.76 41.92 42.33
N ALA C 5 -0.92 42.03 41.31
CA ALA C 5 -1.21 41.48 40.00
C ALA C 5 -1.12 39.95 40.07
N PRO C 6 -2.02 39.22 39.37
CA PRO C 6 -1.88 37.76 39.37
C PRO C 6 -0.66 37.34 38.57
N ALA C 7 0.05 36.30 39.02
CA ALA C 7 1.23 35.77 38.32
C ALA C 7 1.12 34.27 38.14
N PHE C 8 1.37 33.84 36.90
CA PHE C 8 1.23 32.46 36.52
C PHE C 8 2.57 31.89 36.07
N PRO C 9 3.00 30.71 36.62
CA PRO C 9 4.26 30.12 36.13
C PRO C 9 4.08 29.61 34.69
N LEU C 10 5.19 29.33 33.98
CA LEU C 10 5.13 28.83 32.59
C LEU C 10 4.27 27.58 32.48
N SER C 11 4.34 26.70 33.48
CA SER C 11 3.57 25.45 33.54
C SER C 11 2.04 25.66 33.54
N ASP C 12 1.56 26.84 33.98
CA ASP C 12 0.13 27.16 34.02
C ASP C 12 -0.43 27.26 32.62
N ILE C 13 -1.68 26.78 32.46
CA ILE C 13 -2.38 26.82 31.18
C ILE C 13 -2.44 28.23 30.57
N LYS C 14 -2.62 29.28 31.41
CA LYS C 14 -2.67 30.69 30.97
C LYS C 14 -1.38 31.13 30.28
N ALA C 15 -0.22 30.61 30.76
CA ALA C 15 1.10 30.92 30.18
C ALA C 15 1.36 30.05 28.95
N GLN C 16 0.96 28.76 29.03
CA GLN C 16 1.12 27.79 27.93
C GLN C 16 0.42 28.25 26.65
N MET C 17 -0.76 28.87 26.79
CA MET C 17 -1.61 29.37 25.70
C MET C 17 -0.96 30.50 24.92
N LEU C 18 0.13 31.10 25.44
CA LEU C 18 0.81 32.23 24.77
C LEU C 18 1.87 31.76 23.77
N PHE C 19 2.16 30.46 23.78
CA PHE C 19 3.18 29.89 22.92
C PHE C 19 2.60 28.78 22.06
N ALA C 20 2.61 29.01 20.73
CA ALA C 20 2.10 28.08 19.74
C ALA C 20 2.91 26.76 19.69
N ASN C 21 2.30 25.70 19.11
CA ASN C 21 2.91 24.38 19.00
C ASN C 21 3.97 24.29 17.88
N ASN C 22 5.07 25.04 18.06
CA ASN C 22 6.22 25.09 17.16
C ASN C 22 7.47 25.33 17.99
N ILE C 23 8.61 24.86 17.49
CA ILE C 23 9.92 24.92 18.14
C ILE C 23 10.32 26.33 18.54
N LYS C 24 10.19 27.31 17.64
CA LYS C 24 10.54 28.70 17.90
C LYS C 24 9.79 29.29 19.10
N ALA C 25 8.44 29.13 19.13
CA ALA C 25 7.56 29.63 20.20
C ALA C 25 7.87 28.92 21.52
N GLN C 26 8.05 27.58 21.47
CA GLN C 26 8.38 26.78 22.66
C GLN C 26 9.75 27.12 23.22
N GLN C 27 10.75 27.37 22.34
CA GLN C 27 12.08 27.77 22.77
C GLN C 27 12.03 29.13 23.45
N ALA C 28 11.22 30.07 22.91
CA ALA C 28 11.08 31.41 23.47
C ALA C 28 10.49 31.37 24.88
N SER C 29 9.51 30.48 25.11
CA SER C 29 8.88 30.32 26.41
C SER C 29 9.88 29.88 27.47
N LYS C 30 10.70 28.88 27.13
CA LYS C 30 11.68 28.20 27.98
C LYS C 30 13.07 28.82 28.08
N ARG C 31 13.49 29.66 27.11
CA ARG C 31 14.84 30.24 27.07
C ARG C 31 15.33 30.68 28.45
N SER C 32 16.41 30.04 28.94
CA SER C 32 17.01 30.35 30.25
C SER C 32 17.99 31.54 30.11
N PHE C 33 18.49 32.05 31.25
CA PHE C 33 19.44 33.16 31.27
C PHE C 33 20.69 32.75 30.48
N LYS C 34 21.11 33.61 29.55
CA LYS C 34 22.27 33.41 28.69
C LYS C 34 23.18 34.63 28.69
N GLU C 35 24.52 34.41 28.66
CA GLU C 35 25.53 35.47 28.61
C GLU C 35 26.80 34.98 27.93
N GLY C 36 27.53 35.91 27.31
CA GLY C 36 28.78 35.62 26.60
C GLY C 36 29.35 36.83 25.91
N ALA C 37 30.70 36.84 25.71
CA ALA C 37 31.42 37.95 25.06
C ALA C 37 30.91 38.13 23.65
N ILE C 38 30.74 39.39 23.24
CA ILE C 38 30.30 39.67 21.88
C ILE C 38 31.50 39.70 20.95
N GLU C 39 31.32 39.28 19.69
CA GLU C 39 32.39 39.34 18.72
C GLU C 39 32.31 40.76 18.20
N THR C 40 33.03 41.68 18.89
CA THR C 40 33.04 43.12 18.60
C THR C 40 33.25 43.38 17.11
N TYR C 41 34.27 42.71 16.51
CA TYR C 41 34.65 42.69 15.10
C TYR C 41 35.09 41.26 14.78
N GLU C 42 35.14 40.91 13.49
CA GLU C 42 35.53 39.58 13.00
C GLU C 42 36.83 39.14 13.70
N GLY C 43 36.74 38.05 14.45
CA GLY C 43 37.86 37.47 15.18
C GLY C 43 38.37 38.23 16.39
N LEU C 44 37.58 39.17 16.94
CA LEU C 44 37.93 39.95 18.13
C LEU C 44 36.79 39.97 19.14
N LEU C 45 37.02 39.40 20.32
CA LEU C 45 36.02 39.37 21.39
C LEU C 45 36.11 40.60 22.27
N SER C 46 34.97 41.05 22.82
CA SER C 46 34.87 42.22 23.70
C SER C 46 35.74 42.08 24.95
N VAL C 47 36.09 40.83 25.32
CA VAL C 47 36.90 40.54 26.50
C VAL C 47 38.37 40.18 26.20
N ASP C 48 38.78 40.31 24.93
CA ASP C 48 40.17 40.06 24.51
C ASP C 48 41.10 40.95 25.36
N PRO C 49 42.16 40.37 26.00
CA PRO C 49 43.04 41.18 26.86
C PRO C 49 43.66 42.41 26.21
N ARG C 50 44.02 42.32 24.90
CA ARG C 50 44.59 43.45 24.15
C ARG C 50 43.53 44.56 24.01
N PHE C 51 42.27 44.17 23.74
CA PHE C 51 41.14 45.09 23.58
C PHE C 51 40.80 45.80 24.90
N LEU C 52 40.79 45.07 26.02
CA LEU C 52 40.53 45.66 27.34
C LEU C 52 41.70 46.58 27.77
N SER C 53 42.96 46.23 27.39
CA SER C 53 44.15 47.05 27.66
C SER C 53 44.02 48.39 26.91
N PHE C 54 43.55 48.30 25.64
CA PHE C 54 43.30 49.44 24.75
C PHE C 54 42.25 50.35 25.37
N LYS C 55 41.11 49.77 25.79
CA LYS C 55 40.00 50.50 26.44
C LYS C 55 40.47 51.15 27.72
N ASN C 56 41.30 50.48 28.54
CA ASN C 56 41.84 51.07 29.77
C ASN C 56 42.69 52.31 29.44
N GLU C 57 43.68 52.17 28.53
CA GLU C 57 44.54 53.28 28.14
C GLU C 57 43.75 54.43 27.50
N LEU C 58 42.87 54.15 26.51
CA LEU C 58 42.09 55.17 25.80
C LEU C 58 41.11 55.94 26.69
N SER C 59 40.36 55.21 27.55
CA SER C 59 39.37 55.78 28.47
C SER C 59 40.01 56.73 29.48
N ARG C 60 41.20 56.36 29.97
CA ARG C 60 41.99 57.13 30.92
C ARG C 60 42.60 58.37 30.26
N TYR C 61 43.21 58.20 29.05
CA TYR C 61 43.84 59.27 28.28
C TYR C 61 42.85 60.35 27.88
N LEU C 62 41.74 59.96 27.24
CA LEU C 62 40.74 60.93 26.78
C LEU C 62 40.11 61.70 27.92
N THR C 63 39.78 61.03 29.05
CA THR C 63 39.20 61.71 30.22
C THR C 63 40.19 62.75 30.76
N ASP C 64 41.47 62.36 30.85
CA ASP C 64 42.55 63.19 31.35
C ASP C 64 42.73 64.47 30.51
N HIS C 65 42.88 64.31 29.19
CA HIS C 65 43.13 65.39 28.25
C HIS C 65 41.91 66.17 27.81
N PHE C 66 40.73 65.55 27.86
CA PHE C 66 39.50 66.23 27.44
C PHE C 66 38.41 66.19 28.53
N PRO C 67 38.60 66.95 29.64
CA PRO C 67 37.56 66.98 30.68
C PRO C 67 36.31 67.65 30.15
N ALA C 68 35.14 67.26 30.69
CA ALA C 68 33.86 67.81 30.28
C ALA C 68 33.82 69.35 30.33
N ASN C 69 33.20 69.97 29.31
CA ASN C 69 33.02 71.41 29.23
C ASN C 69 31.51 71.70 29.25
N VAL C 70 30.92 71.62 30.45
CA VAL C 70 29.49 71.85 30.68
C VAL C 70 29.35 72.88 31.81
N ASP C 71 28.66 73.99 31.55
CA ASP C 71 28.49 75.02 32.56
C ASP C 71 27.41 74.71 33.65
N GLU C 72 27.18 75.69 34.54
CA GLU C 72 26.22 75.71 35.66
C GLU C 72 24.78 75.50 35.21
N TYR C 73 24.48 75.80 33.93
CA TYR C 73 23.18 75.64 33.29
C TYR C 73 23.10 74.38 32.40
N GLY C 74 24.10 73.53 32.46
CA GLY C 74 24.14 72.33 31.65
C GLY C 74 24.38 72.60 30.17
N ARG C 75 24.88 73.81 29.84
CA ARG C 75 25.16 74.25 28.47
C ARG C 75 26.51 73.73 28.04
N VAL C 76 26.57 73.12 26.85
CA VAL C 76 27.83 72.57 26.34
C VAL C 76 28.66 73.61 25.57
N TYR C 77 29.94 73.81 25.99
CA TYR C 77 30.87 74.75 25.36
C TYR C 77 32.19 74.03 25.02
N GLY C 78 33.16 74.81 24.53
CA GLY C 78 34.51 74.39 24.21
C GLY C 78 34.67 73.11 23.41
N ASN C 79 35.27 72.08 24.05
CA ASN C 79 35.59 70.79 23.44
C ASN C 79 34.45 69.87 22.99
N GLY C 80 33.23 70.17 23.40
CA GLY C 80 32.04 69.38 23.06
C GLY C 80 31.95 68.07 23.81
N VAL C 81 32.57 68.02 24.99
CA VAL C 81 32.62 66.84 25.85
C VAL C 81 31.70 67.08 27.04
N ARG C 82 30.77 66.13 27.31
CA ARG C 82 29.84 66.25 28.44
C ARG C 82 30.12 65.40 29.68
N THR C 83 30.90 64.30 29.51
CA THR C 83 31.34 63.44 30.61
C THR C 83 32.65 62.80 30.29
N ASN C 84 33.14 61.99 31.25
CA ASN C 84 34.34 61.20 31.12
C ASN C 84 34.16 60.18 30.00
N PHE C 85 35.23 59.47 29.67
CA PHE C 85 35.21 58.46 28.62
C PHE C 85 35.23 57.03 29.18
N PHE C 86 34.96 56.89 30.50
CA PHE C 86 34.94 55.61 31.21
C PHE C 86 33.75 54.70 30.88
N GLY C 87 32.76 55.22 30.16
CA GLY C 87 31.58 54.48 29.73
C GLY C 87 31.90 53.25 28.89
N MET C 88 33.06 53.24 28.21
CA MET C 88 33.52 52.11 27.39
C MET C 88 34.01 50.92 28.22
N ARG C 89 34.29 51.13 29.52
CA ARG C 89 34.85 50.11 30.43
C ARG C 89 33.90 48.99 30.86
N HIS C 90 33.32 48.29 29.87
CA HIS C 90 32.36 47.21 30.10
C HIS C 90 32.79 45.90 29.46
N MET C 91 32.37 44.78 30.08
CA MET C 91 32.64 43.46 29.55
C MET C 91 31.40 43.16 28.72
N ASN C 92 31.35 43.73 27.49
CA ASN C 92 30.22 43.62 26.57
C ASN C 92 29.76 42.19 26.29
N GLY C 93 28.48 41.95 26.55
CA GLY C 93 27.86 40.64 26.40
C GLY C 93 27.55 40.00 27.74
N PHE C 94 28.10 40.56 28.84
CA PHE C 94 27.90 40.09 30.21
C PHE C 94 27.06 41.11 30.95
N PRO C 95 25.78 40.78 31.24
CA PRO C 95 24.89 41.76 31.84
C PRO C 95 24.99 41.87 33.35
N MET C 96 24.45 42.97 33.89
CA MET C 96 24.34 43.17 35.33
C MET C 96 23.34 42.10 35.80
N ILE C 97 23.46 41.65 37.05
CA ILE C 97 22.56 40.64 37.60
C ILE C 97 21.93 41.15 38.92
N PRO C 98 20.58 41.11 39.08
CA PRO C 98 19.59 40.66 38.10
C PRO C 98 19.09 41.83 37.25
N ALA C 99 18.30 41.55 36.21
CA ALA C 99 17.67 42.60 35.43
C ALA C 99 16.34 42.87 36.16
N THR C 100 15.69 44.00 35.90
CA THR C 100 14.46 44.31 36.63
C THR C 100 13.24 43.47 36.27
N TRP C 101 12.35 43.28 37.26
CA TRP C 101 11.06 42.65 36.99
C TRP C 101 10.18 43.83 36.63
N PRO C 102 9.50 43.85 35.47
CA PRO C 102 8.68 45.01 35.13
C PRO C 102 7.49 45.21 36.08
N LEU C 103 7.28 46.47 36.53
CA LEU C 103 6.23 46.86 37.43
C LEU C 103 4.90 46.64 36.77
N ALA C 104 4.02 45.89 37.45
CA ALA C 104 2.67 45.57 36.96
C ALA C 104 1.75 46.77 37.01
N SER C 105 1.98 47.70 37.98
CA SER C 105 1.19 48.92 38.17
C SER C 105 2.09 50.07 38.58
N ASN C 106 1.92 51.22 37.90
CA ASN C 106 2.71 52.42 38.16
C ASN C 106 1.93 53.46 38.98
N LEU C 107 0.72 53.10 39.41
CA LEU C 107 -0.15 54.01 40.13
C LEU C 107 0.47 54.57 41.40
N LYS C 108 0.99 53.69 42.30
CA LYS C 108 1.66 54.09 43.55
C LYS C 108 2.93 54.86 43.25
N LYS C 109 3.71 54.38 42.26
CA LYS C 109 4.96 55.02 41.81
C LYS C 109 4.71 56.51 41.49
N ARG C 110 3.65 56.82 40.69
CA ARG C 110 3.26 58.15 40.27
C ARG C 110 2.81 58.98 41.46
N ALA C 111 1.90 58.42 42.29
CA ALA C 111 1.34 59.07 43.49
C ALA C 111 2.43 59.43 44.49
N ASP C 112 3.36 58.50 44.78
CA ASP C 112 4.46 58.74 45.69
C ASP C 112 5.46 59.78 45.16
N ALA C 113 5.54 59.94 43.83
CA ALA C 113 6.41 60.92 43.19
C ALA C 113 5.68 62.26 43.06
N ASP C 114 4.49 62.36 43.64
CA ASP C 114 3.62 63.54 43.63
C ASP C 114 3.17 63.99 42.22
N LEU C 115 2.90 63.00 41.35
CA LEU C 115 2.44 63.23 40.00
C LEU C 115 0.92 62.99 39.93
N ALA C 116 0.22 63.81 39.12
CA ALA C 116 -1.24 63.82 38.97
C ALA C 116 -1.87 62.54 38.44
N ASP C 117 -3.10 62.24 38.89
CA ASP C 117 -3.88 61.06 38.50
C ASP C 117 -4.89 61.36 37.38
N GLY C 118 -4.74 62.53 36.77
CA GLY C 118 -5.56 63.01 35.67
C GLY C 118 -5.21 64.46 35.37
N PRO C 119 -5.79 65.08 34.30
CA PRO C 119 -5.51 66.50 34.03
C PRO C 119 -5.88 67.35 35.24
N VAL C 120 -4.99 68.28 35.63
CA VAL C 120 -5.15 69.11 36.82
C VAL C 120 -6.26 70.15 36.65
N SER C 121 -6.30 70.82 35.49
CA SER C 121 -7.26 71.86 35.14
C SER C 121 -7.98 71.55 33.84
N GLU C 122 -9.07 72.28 33.56
CA GLU C 122 -9.84 72.09 32.32
C GLU C 122 -9.01 72.48 31.11
N ARG C 123 -8.13 73.50 31.25
CA ARG C 123 -7.23 73.94 30.18
C ARG C 123 -6.37 72.76 29.73
N ASP C 124 -5.73 72.07 30.69
CA ASP C 124 -4.88 70.90 30.44
C ASP C 124 -5.66 69.80 29.78
N ASN C 125 -6.89 69.53 30.27
CA ASN C 125 -7.77 68.51 29.70
C ASN C 125 -8.08 68.83 28.22
N LEU C 126 -8.30 70.12 27.90
CA LEU C 126 -8.60 70.55 26.53
C LEU C 126 -7.39 70.49 25.62
N LEU C 127 -6.17 70.63 26.18
CA LEU C 127 -4.93 70.58 25.41
C LEU C 127 -4.57 69.14 25.06
N PHE C 128 -4.72 68.21 26.02
CA PHE C 128 -4.47 66.79 25.77
C PHE C 128 -5.46 66.28 24.71
N ARG C 129 -6.75 66.68 24.83
CA ARG C 129 -7.79 66.30 23.87
C ARG C 129 -7.59 66.95 22.49
N ALA C 130 -7.04 68.19 22.45
CA ALA C 130 -6.74 68.92 21.21
C ALA C 130 -5.62 68.20 20.48
N ALA C 131 -4.62 67.66 21.22
CA ALA C 131 -3.52 66.89 20.67
C ALA C 131 -4.04 65.67 19.94
N VAL C 132 -5.04 64.95 20.52
CA VAL C 132 -5.69 63.77 19.92
C VAL C 132 -6.40 64.17 18.62
N ARG C 133 -7.17 65.28 18.66
CA ARG C 133 -7.91 65.78 17.51
C ARG C 133 -6.97 66.20 16.37
N LEU C 134 -5.85 66.87 16.69
CA LEU C 134 -4.89 67.29 15.68
C LEU C 134 -4.08 66.14 15.11
N MET C 135 -3.71 65.15 15.94
CA MET C 135 -2.91 64.00 15.51
C MET C 135 -3.68 62.96 14.73
N PHE C 136 -4.93 62.67 15.12
CA PHE C 136 -5.75 61.61 14.53
C PHE C 136 -6.79 62.02 13.51
N SER C 137 -6.78 63.30 13.08
CA SER C 137 -7.75 63.78 12.10
C SER C 137 -7.63 63.31 10.66
N ASP C 138 -7.33 64.21 9.73
CA ASP C 138 -7.34 63.93 8.31
C ASP C 138 -6.18 63.09 7.81
N LEU C 139 -6.20 61.80 8.17
CA LEU C 139 -5.15 60.84 7.84
C LEU C 139 -5.28 60.24 6.46
N GLU C 140 -4.13 59.94 5.83
CA GLU C 140 -4.06 59.34 4.49
C GLU C 140 -3.54 57.91 4.60
N PRO C 141 -4.20 56.92 3.96
CA PRO C 141 -3.71 55.53 4.03
C PRO C 141 -2.41 55.29 3.27
N VAL C 142 -1.53 54.49 3.88
CA VAL C 142 -0.21 54.12 3.35
C VAL C 142 0.00 52.59 3.49
N PRO C 143 0.96 51.94 2.77
CA PRO C 143 1.18 50.51 3.02
C PRO C 143 1.68 50.26 4.44
N LEU C 144 1.29 49.13 5.04
CA LEU C 144 1.68 48.71 6.37
C LEU C 144 3.11 48.13 6.31
N LYS C 145 4.14 48.95 6.63
CA LYS C 145 5.54 48.51 6.57
C LYS C 145 5.93 47.66 7.77
N ILE C 146 6.59 46.51 7.49
CA ILE C 146 7.03 45.52 8.45
C ILE C 146 8.54 45.37 8.41
N ARG C 147 9.19 45.56 9.57
CA ARG C 147 10.61 45.40 9.79
C ARG C 147 10.99 43.95 9.39
N LYS C 148 12.12 43.79 8.63
CA LYS C 148 12.63 42.48 8.17
C LYS C 148 13.38 41.74 9.30
N GLY C 149 13.05 40.46 9.46
CA GLY C 149 13.67 39.63 10.48
C GLY C 149 13.13 39.80 11.88
N SER C 150 12.21 40.77 12.09
CA SER C 150 11.56 41.02 13.37
C SER C 150 10.54 39.92 13.62
N SER C 151 10.35 39.56 14.89
CA SER C 151 9.46 38.51 15.33
C SER C 151 7.98 38.92 15.38
N THR C 152 7.06 37.94 15.23
CA THR C 152 5.61 38.19 15.36
C THR C 152 5.25 38.00 16.84
N CYS C 153 6.22 37.54 17.66
CA CYS C 153 6.07 37.27 19.08
C CYS C 153 4.83 36.43 19.41
N ILE C 154 4.12 36.71 20.51
CA ILE C 154 2.99 35.88 20.91
C ILE C 154 1.83 35.77 19.88
N PRO C 155 1.44 34.53 19.48
CA PRO C 155 1.92 33.22 19.95
C PRO C 155 2.92 32.47 19.05
N TYR C 156 3.07 32.89 17.77
CA TYR C 156 3.85 32.20 16.74
C TYR C 156 5.34 32.33 16.72
N PHE C 157 5.88 33.49 17.12
CA PHE C 157 7.32 33.76 17.13
C PHE C 157 7.97 33.51 15.78
N SER C 158 7.26 33.89 14.69
CA SER C 158 7.74 33.78 13.32
C SER C 158 8.64 34.96 12.92
N ASN C 159 9.70 34.69 12.15
CA ASN C 159 10.66 35.68 11.63
C ASN C 159 10.57 35.75 10.10
N ASP C 160 9.65 34.96 9.51
CA ASP C 160 9.42 34.87 8.06
C ASP C 160 8.48 35.96 7.54
N MET C 161 8.94 36.77 6.58
CA MET C 161 8.17 37.86 5.98
C MET C 161 6.83 37.42 5.34
N GLY C 162 6.82 36.27 4.65
CA GLY C 162 5.62 35.75 4.00
C GLY C 162 4.52 35.49 5.00
N THR C 163 4.87 34.80 6.10
CA THR C 163 3.93 34.50 7.20
C THR C 163 3.53 35.79 7.92
N LYS C 164 4.49 36.72 8.13
CA LYS C 164 4.23 38.02 8.74
C LYS C 164 3.21 38.81 7.92
N ILE C 165 3.30 38.82 6.58
CA ILE C 165 2.33 39.50 5.69
C ILE C 165 0.96 38.84 5.82
N GLU C 166 0.90 37.50 5.82
CA GLU C 166 -0.35 36.73 5.98
C GLU C 166 -1.04 37.08 7.31
N ILE C 167 -0.27 37.06 8.43
CA ILE C 167 -0.75 37.37 9.78
C ILE C 167 -1.35 38.78 9.81
N ALA C 168 -0.60 39.77 9.22
CA ALA C 168 -0.98 41.19 9.14
C ALA C 168 -2.23 41.42 8.32
N GLU C 169 -2.37 40.75 7.16
CA GLU C 169 -3.54 40.86 6.29
C GLU C 169 -4.78 40.27 6.95
N ARG C 170 -4.61 39.10 7.60
CA ARG C 170 -5.68 38.42 8.33
C ARG C 170 -6.16 39.30 9.48
N ALA C 171 -5.20 39.93 10.22
CA ALA C 171 -5.46 40.85 11.33
C ALA C 171 -6.30 42.02 10.89
N LEU C 172 -5.97 42.64 9.73
CA LEU C 172 -6.74 43.77 9.16
C LEU C 172 -8.15 43.34 8.77
N GLU C 173 -8.32 42.08 8.35
CA GLU C 173 -9.61 41.51 7.98
C GLU C 173 -10.48 41.23 9.19
N LYS C 174 -9.88 40.71 10.27
CA LYS C 174 -10.59 40.28 11.48
C LYS C 174 -10.55 41.20 12.70
N ALA C 175 -9.88 42.38 12.60
CA ALA C 175 -9.77 43.35 13.69
C ALA C 175 -11.14 43.79 14.24
N GLU C 176 -12.11 44.03 13.34
CA GLU C 176 -13.46 44.45 13.71
C GLU C 176 -14.15 43.41 14.58
N GLU C 177 -14.10 42.14 14.16
CA GLU C 177 -14.69 41.00 14.87
C GLU C 177 -14.02 40.81 16.24
N ALA C 178 -12.67 40.99 16.31
CA ALA C 178 -11.87 40.86 17.52
C ALA C 178 -12.15 41.99 18.51
N GLY C 179 -12.18 43.22 18.01
CA GLY C 179 -12.49 44.40 18.80
C GLY C 179 -13.87 44.33 19.41
N ASN C 180 -14.87 43.85 18.63
CA ASN C 180 -16.25 43.68 19.10
C ASN C 180 -16.35 42.61 20.17
N LEU C 181 -15.51 41.55 20.08
CA LEU C 181 -15.48 40.50 21.10
C LEU C 181 -14.94 41.08 22.41
N MET C 182 -13.89 41.91 22.32
CA MET C 182 -13.28 42.57 23.48
C MET C 182 -14.29 43.55 24.11
N LEU C 183 -15.12 44.23 23.29
CA LEU C 183 -16.17 45.14 23.76
C LEU C 183 -17.20 44.38 24.60
N GLN C 184 -17.37 43.06 24.33
CA GLN C 184 -18.28 42.16 25.04
C GLN C 184 -17.58 41.53 26.25
N GLY C 185 -16.29 41.85 26.45
CA GLY C 185 -15.46 41.31 27.52
C GLY C 185 -14.94 39.92 27.24
N LYS C 186 -15.06 39.47 25.96
CA LYS C 186 -14.63 38.16 25.48
C LYS C 186 -13.20 38.20 24.94
N PHE C 187 -12.22 38.53 25.83
CA PHE C 187 -10.80 38.65 25.50
C PHE C 187 -10.19 37.32 25.11
N ASP C 188 -10.57 36.22 25.81
CA ASP C 188 -10.08 34.87 25.51
C ASP C 188 -10.49 34.44 24.12
N ASP C 189 -11.75 34.72 23.72
CA ASP C 189 -12.27 34.42 22.40
C ASP C 189 -11.52 35.19 21.31
N ALA C 190 -11.28 36.51 21.52
CA ALA C 190 -10.57 37.37 20.57
C ALA C 190 -9.15 36.85 20.36
N TYR C 191 -8.50 36.42 21.46
CA TYR C 191 -7.14 35.88 21.39
C TYR C 191 -7.12 34.54 20.72
N GLN C 192 -7.99 33.61 21.15
CA GLN C 192 -8.03 32.27 20.58
C GLN C 192 -8.33 32.25 19.10
N LEU C 193 -9.31 33.06 18.66
CA LEU C 193 -9.71 33.14 17.26
C LEU C 193 -8.78 33.96 16.42
N HIS C 194 -8.34 35.13 16.91
CA HIS C 194 -7.58 36.07 16.10
C HIS C 194 -6.19 36.45 16.57
N GLN C 195 -5.71 35.80 17.66
CA GLN C 195 -4.37 36.00 18.27
C GLN C 195 -4.12 37.46 18.69
N MET C 196 -5.22 38.19 19.00
CA MET C 196 -5.23 39.58 19.44
C MET C 196 -5.51 39.60 20.94
N GLY C 197 -4.43 39.75 21.68
CA GLY C 197 -4.41 39.73 23.13
C GLY C 197 -3.24 38.92 23.62
N GLY C 198 -3.43 38.25 24.75
CA GLY C 198 -2.39 37.43 25.35
C GLY C 198 -1.47 38.24 26.23
N ALA C 199 -0.23 38.51 25.77
CA ALA C 199 0.74 39.31 26.52
C ALA C 199 1.87 39.86 25.65
N TYR C 200 2.71 40.71 26.29
CA TYR C 200 3.93 41.30 25.75
C TYR C 200 5.03 40.37 26.18
N TYR C 201 5.94 40.04 25.27
CA TYR C 201 7.03 39.14 25.58
C TYR C 201 8.24 39.98 25.97
N VAL C 202 8.70 39.85 27.23
CA VAL C 202 9.81 40.63 27.75
C VAL C 202 11.15 40.18 27.24
N VAL C 203 11.78 41.09 26.44
CA VAL C 203 13.10 40.98 25.84
C VAL C 203 14.02 41.99 26.53
N TYR C 204 15.19 41.55 27.02
CA TYR C 204 16.13 42.46 27.67
C TYR C 204 17.18 42.90 26.64
N ARG C 205 17.36 44.23 26.47
CA ARG C 205 18.36 44.81 25.55
C ARG C 205 19.46 45.42 26.40
N ALA C 206 20.73 45.28 26.00
CA ALA C 206 21.82 45.79 26.82
C ALA C 206 22.35 47.18 26.47
N GLN C 207 22.38 48.11 27.45
CA GLN C 207 22.95 49.44 27.23
C GLN C 207 24.46 49.31 27.45
N SER C 208 25.16 49.00 26.33
CA SER C 208 26.60 48.73 26.22
C SER C 208 27.53 49.70 26.96
N THR C 209 27.10 50.97 27.12
CA THR C 209 27.85 51.99 27.83
C THR C 209 26.95 52.65 28.85
N ASP C 210 27.42 52.78 30.06
CA ASP C 210 26.70 53.44 31.14
C ASP C 210 27.73 54.20 31.95
N ALA C 211 27.28 55.11 32.82
CA ALA C 211 28.15 55.94 33.63
C ALA C 211 29.08 55.14 34.56
N ILE C 212 30.35 55.54 34.56
CA ILE C 212 31.43 55.03 35.41
C ILE C 212 32.22 56.27 35.81
N THR C 213 32.59 56.36 37.10
CA THR C 213 33.39 57.49 37.60
C THR C 213 34.66 56.94 38.26
N LEU C 214 35.69 57.77 38.33
CA LEU C 214 36.93 57.39 39.00
C LEU C 214 36.98 58.17 40.29
N ASP C 215 36.96 57.47 41.45
CA ASP C 215 37.02 58.10 42.77
C ASP C 215 38.47 58.55 43.03
N PRO C 216 38.77 59.88 43.07
CA PRO C 216 40.15 60.31 43.28
C PRO C 216 40.74 59.92 44.65
N LYS C 217 39.87 59.83 45.68
CA LYS C 217 40.23 59.45 47.05
C LYS C 217 40.84 58.04 47.08
N THR C 218 40.17 57.08 46.43
CA THR C 218 40.61 55.69 46.39
C THR C 218 41.40 55.25 45.13
N GLY C 219 41.22 55.97 44.03
CA GLY C 219 41.84 55.63 42.74
C GLY C 219 41.14 54.47 42.07
N LYS C 220 39.97 54.07 42.61
CA LYS C 220 39.15 52.97 42.16
C LYS C 220 37.91 53.46 41.38
N PHE C 221 37.47 52.66 40.39
CA PHE C 221 36.31 52.96 39.55
C PHE C 221 34.98 52.59 40.18
N VAL C 222 33.95 53.43 39.99
CA VAL C 222 32.61 53.20 40.53
C VAL C 222 31.57 53.23 39.40
N SER C 223 30.81 52.14 39.25
CA SER C 223 29.77 52.06 38.22
C SER C 223 28.47 52.70 38.72
N LYS C 224 27.69 53.31 37.79
CA LYS C 224 26.40 53.90 38.14
C LYS C 224 25.44 52.81 38.58
N ASP C 225 24.88 52.94 39.80
CA ASP C 225 23.93 51.98 40.33
C ASP C 225 22.63 52.04 39.57
N ARG C 226 22.14 50.87 39.17
CA ARG C 226 20.90 50.74 38.43
C ARG C 226 19.90 50.03 39.33
N MET C 227 18.82 50.71 39.67
CA MET C 227 17.82 50.16 40.58
C MET C 227 16.94 49.17 39.87
N VAL C 228 16.76 48.00 40.48
CA VAL C 228 15.93 46.93 39.95
C VAL C 228 14.88 46.49 40.97
N ALA C 229 13.71 46.08 40.49
CA ALA C 229 12.64 45.61 41.35
C ALA C 229 12.63 44.11 41.34
N ASP C 230 12.45 43.50 42.52
CA ASP C 230 12.35 42.04 42.59
C ASP C 230 10.90 41.66 42.24
N PHE C 231 10.60 40.37 42.06
CA PHE C 231 9.25 39.93 41.71
C PHE C 231 8.16 40.51 42.60
N GLU C 232 8.34 40.44 43.94
CA GLU C 232 7.38 40.95 44.93
C GLU C 232 7.08 42.41 44.74
N TYR C 233 8.12 43.22 44.52
CA TYR C 233 7.96 44.67 44.31
C TYR C 233 7.14 44.94 43.03
N ALA C 234 7.45 44.23 41.93
CA ALA C 234 6.79 44.37 40.63
C ALA C 234 5.30 44.08 40.66
N VAL C 235 4.90 42.95 41.27
CA VAL C 235 3.51 42.52 41.39
C VAL C 235 2.67 43.41 42.30
N THR C 236 3.28 43.94 43.37
CA THR C 236 2.60 44.78 44.37
C THR C 236 2.68 46.30 44.06
N GLY C 237 3.24 46.68 42.91
CA GLY C 237 3.38 48.08 42.51
C GLY C 237 4.29 48.88 43.43
N GLY C 238 5.12 48.17 44.22
CA GLY C 238 6.04 48.74 45.19
C GLY C 238 5.59 48.67 46.63
N GLU C 239 4.36 48.19 46.89
CA GLU C 239 3.78 48.08 48.25
C GLU C 239 4.60 47.14 49.13
N GLN C 240 5.08 46.02 48.54
CA GLN C 240 5.91 45.01 49.19
C GLN C 240 7.18 44.78 48.35
N GLY C 241 8.02 43.84 48.77
CA GLY C 241 9.26 43.53 48.08
C GLY C 241 10.30 44.64 48.16
N SER C 242 11.35 44.54 47.32
CA SER C 242 12.42 45.55 47.36
C SER C 242 12.90 46.09 46.01
N LEU C 243 13.38 47.33 46.04
CA LEU C 243 13.99 48.04 44.95
C LEU C 243 15.45 48.19 45.38
N PHE C 244 16.37 47.59 44.62
CA PHE C 244 17.79 47.54 44.97
C PHE C 244 18.70 47.72 43.76
N ALA C 245 19.99 48.01 43.98
CA ALA C 245 20.97 48.17 42.91
C ALA C 245 21.37 46.81 42.32
N ALA C 246 21.33 46.66 40.99
CA ALA C 246 21.75 45.43 40.33
C ALA C 246 23.28 45.32 40.42
N SER C 247 23.83 44.10 40.43
CA SER C 247 25.28 43.91 40.52
C SER C 247 25.98 43.96 39.16
N LYS C 248 26.80 45.00 38.98
CA LYS C 248 27.60 45.22 37.77
C LYS C 248 29.02 44.69 37.99
N ASP C 249 29.28 44.08 39.16
CA ASP C 249 30.59 43.50 39.49
C ASP C 249 30.92 42.36 38.54
N ALA C 250 32.03 42.51 37.79
CA ALA C 250 32.47 41.56 36.79
C ALA C 250 33.48 40.51 37.29
N SER C 251 33.85 40.55 38.60
CA SER C 251 34.79 39.61 39.25
C SER C 251 34.41 38.16 38.99
N ARG C 252 33.09 37.89 38.97
CA ARG C 252 32.47 36.59 38.74
C ARG C 252 32.91 35.89 37.44
N LEU C 253 33.28 36.69 36.40
CA LEU C 253 33.70 36.18 35.09
C LEU C 253 35.00 35.38 35.13
N LYS C 254 35.90 35.68 36.09
CA LYS C 254 37.14 34.91 36.26
C LYS C 254 36.82 33.51 36.78
N GLU C 255 36.03 33.44 37.86
CA GLU C 255 35.59 32.20 38.49
C GLU C 255 34.72 31.33 37.55
N GLN C 256 33.67 31.92 36.94
CA GLN C 256 32.71 31.22 36.07
C GLN C 256 33.24 30.85 34.69
N TYR C 257 33.92 31.79 34.03
CA TYR C 257 34.34 31.64 32.64
C TYR C 257 35.87 31.65 32.34
N GLY C 258 36.70 31.80 33.39
CA GLY C 258 38.16 31.86 33.25
C GLY C 258 38.64 33.10 32.53
N ILE C 259 37.80 34.16 32.47
CA ILE C 259 38.08 35.43 31.79
C ILE C 259 38.79 36.36 32.74
N ASP C 260 39.95 36.90 32.32
CA ASP C 260 40.67 37.86 33.14
C ASP C 260 39.92 39.18 33.09
N VAL C 261 39.59 39.72 34.27
CA VAL C 261 38.85 40.97 34.43
C VAL C 261 39.81 42.08 34.92
N PRO C 262 40.21 43.04 34.05
CA PRO C 262 41.07 44.13 34.52
C PRO C 262 40.32 45.03 35.50
N ASP C 263 41.07 45.80 36.30
CA ASP C 263 40.49 46.72 37.28
C ASP C 263 39.62 47.77 36.58
N GLY C 264 38.47 48.06 37.19
CA GLY C 264 37.54 49.06 36.70
C GLY C 264 36.76 48.72 35.45
N PHE C 265 36.49 47.40 35.25
CA PHE C 265 35.67 46.88 34.15
C PHE C 265 34.41 46.24 34.74
N PHE C 266 33.24 46.59 34.19
CA PHE C 266 31.97 46.16 34.74
C PHE C 266 31.04 45.45 33.78
N CYS C 267 30.00 44.81 34.34
CA CYS C 267 28.95 44.16 33.59
C CYS C 267 28.03 45.23 33.06
N GLU C 268 27.40 44.99 31.91
CA GLU C 268 26.55 45.97 31.22
C GLU C 268 25.19 46.15 31.87
N ARG C 269 24.64 47.36 31.69
CA ARG C 269 23.28 47.70 32.09
C ARG C 269 22.33 46.92 31.17
N ARG C 270 21.17 46.51 31.72
CA ARG C 270 20.13 45.80 30.95
C ARG C 270 18.75 46.48 31.03
N ARG C 271 18.30 46.98 29.87
CA ARG C 271 17.02 47.66 29.68
C ARG C 271 15.93 46.65 29.27
N THR C 272 14.74 46.69 29.92
CA THR C 272 13.62 45.84 29.51
C THR C 272 13.04 46.46 28.23
N ALA C 273 12.55 45.61 27.34
CA ALA C 273 11.91 45.98 26.08
C ALA C 273 10.82 44.96 25.95
N MET C 274 9.76 45.27 25.22
CA MET C 274 8.64 44.33 25.13
C MET C 274 8.21 44.10 23.71
N GLY C 275 7.91 42.86 23.39
CA GLY C 275 7.47 42.42 22.08
C GLY C 275 5.98 42.17 22.03
N GLY C 276 5.29 42.99 21.25
CA GLY C 276 3.85 42.89 21.13
C GLY C 276 3.34 41.71 20.32
N PRO C 277 2.13 41.19 20.66
CA PRO C 277 1.51 40.14 19.82
C PRO C 277 1.15 40.77 18.47
N PHE C 278 1.86 40.36 17.41
CA PHE C 278 1.72 40.95 16.08
C PHE C 278 0.31 41.13 15.50
N ALA C 279 -0.60 40.17 15.73
CA ALA C 279 -1.97 40.27 15.21
C ALA C 279 -2.69 41.46 15.81
N LEU C 280 -2.38 41.83 17.08
CA LEU C 280 -2.97 42.97 17.79
C LEU C 280 -2.30 44.26 17.32
N ASN C 281 -0.97 44.22 17.06
CA ASN C 281 -0.19 45.39 16.61
C ASN C 281 -0.47 45.84 15.18
N ALA C 282 -0.68 44.89 14.25
CA ALA C 282 -0.94 45.19 12.84
C ALA C 282 -2.09 46.24 12.68
N PRO C 283 -3.32 46.06 13.26
CA PRO C 283 -4.36 47.10 13.13
C PRO C 283 -4.02 48.47 13.76
N ILE C 284 -3.12 48.49 14.76
CA ILE C 284 -2.68 49.71 15.43
C ILE C 284 -1.67 50.44 14.55
N MET C 285 -0.71 49.71 13.99
CA MET C 285 0.32 50.22 13.08
C MET C 285 -0.31 50.86 11.83
N ALA C 286 -1.40 50.26 11.30
CA ALA C 286 -2.15 50.73 10.13
C ALA C 286 -2.73 52.14 10.32
N VAL C 287 -2.90 52.58 11.58
CA VAL C 287 -3.40 53.92 11.93
C VAL C 287 -2.21 54.77 12.38
N ALA C 288 -1.28 54.17 13.15
CA ALA C 288 -0.10 54.84 13.69
C ALA C 288 0.73 55.47 12.61
N GLN C 289 1.10 54.72 11.52
CA GLN C 289 1.91 55.25 10.41
C GLN C 289 1.28 56.47 9.74
N PRO C 290 0.00 56.45 9.30
CA PRO C 290 -0.63 57.69 8.79
C PRO C 290 -0.52 58.88 9.77
N VAL C 291 -0.62 58.64 11.12
CA VAL C 291 -0.51 59.67 12.17
C VAL C 291 0.88 60.30 12.14
N ARG C 292 1.94 59.46 12.05
CA ARG C 292 3.32 59.94 11.96
C ARG C 292 3.49 60.81 10.72
N ASN C 293 2.96 60.35 9.57
CA ASN C 293 3.03 61.09 8.30
C ASN C 293 2.38 62.46 8.42
N LYS C 294 1.25 62.56 9.16
CA LYS C 294 0.57 63.83 9.41
C LYS C 294 1.41 64.77 10.30
N ILE C 295 1.83 64.31 11.49
CA ILE C 295 2.63 65.11 12.42
C ILE C 295 4.01 65.50 11.88
N TYR C 296 4.64 64.64 11.05
CA TYR C 296 5.94 64.96 10.47
C TYR C 296 5.82 65.92 9.29
N SER C 297 4.63 66.06 8.72
CA SER C 297 4.39 66.96 7.61
C SER C 297 3.75 68.28 8.09
N LYS C 298 2.47 68.25 8.54
CA LYS C 298 1.76 69.44 9.02
C LYS C 298 2.46 70.10 10.22
N TYR C 299 2.97 69.29 11.15
CA TYR C 299 3.63 69.80 12.35
C TYR C 299 5.12 69.50 12.38
N ALA C 300 5.74 69.54 11.18
CA ALA C 300 7.17 69.28 10.97
C ALA C 300 8.07 70.11 11.86
N TYR C 301 7.67 71.35 12.18
CA TYR C 301 8.46 72.25 13.01
C TYR C 301 8.80 71.59 14.36
N THR C 302 7.76 71.13 15.06
CA THR C 302 7.90 70.52 16.38
C THR C 302 8.36 69.07 16.32
N PHE C 303 7.86 68.30 15.34
CA PHE C 303 8.07 66.86 15.26
C PHE C 303 9.03 66.21 14.27
N HIS C 304 9.26 66.83 13.09
CA HIS C 304 10.14 66.26 12.04
C HIS C 304 11.58 66.78 12.10
N HIS C 305 12.47 65.97 12.67
CA HIS C 305 13.88 66.31 12.84
C HIS C 305 14.74 65.43 11.96
N THR C 306 15.66 66.04 11.21
CA THR C 306 16.54 65.28 10.32
C THR C 306 18.02 65.50 10.66
N THR C 307 18.64 66.51 10.05
CA THR C 307 20.05 66.83 10.17
C THR C 307 20.37 67.76 11.34
N ARG C 308 21.68 67.87 11.70
CA ARG C 308 22.17 68.75 12.77
C ARG C 308 22.02 70.23 12.37
N LEU C 309 21.86 70.52 11.05
CA LEU C 309 21.62 71.86 10.52
C LEU C 309 20.14 72.17 10.48
N ASN C 310 19.27 71.17 10.20
CA ASN C 310 17.81 71.38 10.21
C ASN C 310 17.37 71.85 11.61
N LYS C 311 17.88 71.15 12.67
CA LYS C 311 17.64 71.46 14.09
C LYS C 311 18.16 72.87 14.39
N GLU C 312 19.40 73.17 13.97
CA GLU C 312 20.10 74.44 14.15
C GLU C 312 19.32 75.65 13.60
N GLU C 313 18.69 75.50 12.41
CA GLU C 313 17.89 76.56 11.76
C GLU C 313 16.78 77.08 12.67
N LYS C 314 16.05 76.16 13.32
CA LYS C 314 14.92 76.46 14.20
C LYS C 314 15.36 77.06 15.53
N VAL C 315 16.43 76.52 16.11
CA VAL C 315 16.96 76.95 17.42
C VAL C 315 17.64 78.32 17.40
N LYS C 316 18.40 78.64 16.33
CA LYS C 316 19.12 79.93 16.20
C LYS C 316 18.20 81.15 16.32
N GLU C 317 16.93 81.00 15.87
CA GLU C 317 15.88 82.03 15.90
C GLU C 317 15.37 82.32 17.33
N TRP C 318 15.71 81.46 18.30
CA TRP C 318 15.26 81.59 19.69
C TRP C 318 16.14 82.52 20.51
N SER C 319 15.52 83.18 21.50
CA SER C 319 16.24 84.05 22.43
C SER C 319 16.73 83.19 23.61
N LEU C 320 16.00 82.08 23.91
CA LEU C 320 16.32 81.13 24.98
C LEU C 320 16.00 79.71 24.52
N CYS C 321 16.89 78.77 24.85
CA CYS C 321 16.74 77.35 24.54
C CYS C 321 16.99 76.53 25.81
N VAL C 322 16.00 75.72 26.19
CA VAL C 322 16.09 74.89 27.39
C VAL C 322 16.02 73.41 27.00
N ALA C 323 17.09 72.67 27.30
CA ALA C 323 17.17 71.24 27.02
C ALA C 323 16.71 70.46 28.27
N THR C 324 15.53 69.83 28.16
CA THR C 324 14.91 69.11 29.27
C THR C 324 15.28 67.63 29.32
N ASP C 325 15.05 67.00 30.48
CA ASP C 325 15.26 65.58 30.72
C ASP C 325 14.20 65.07 31.68
N VAL C 326 13.55 64.01 31.24
CA VAL C 326 12.46 63.34 31.95
C VAL C 326 13.00 62.10 32.63
N SER C 327 12.67 61.95 33.92
CA SER C 327 13.07 60.78 34.69
C SER C 327 12.16 59.59 34.33
N ASP C 328 12.78 58.48 33.87
CA ASP C 328 12.12 57.19 33.61
C ASP C 328 10.75 57.32 32.90
N HIS C 329 10.73 57.91 31.70
CA HIS C 329 9.51 58.20 30.94
C HIS C 329 8.52 57.04 30.84
N ASP C 330 8.98 55.90 30.31
CA ASP C 330 8.15 54.73 30.02
C ASP C 330 7.44 54.13 31.22
N THR C 331 8.11 54.04 32.35
CA THR C 331 7.53 53.47 33.58
C THR C 331 6.56 54.46 34.27
N PHE C 332 6.79 55.79 34.10
CA PHE C 332 5.93 56.85 34.67
C PHE C 332 4.77 57.23 33.76
N TRP C 333 4.75 56.77 32.49
CA TRP C 333 3.69 57.14 31.53
C TRP C 333 2.33 56.80 32.10
N PRO C 334 1.38 57.79 32.17
CA PRO C 334 0.09 57.55 32.85
C PRO C 334 -1.02 56.86 32.08
N GLY C 335 -1.61 55.85 32.73
CA GLY C 335 -2.75 55.13 32.19
C GLY C 335 -3.95 56.02 31.97
N TRP C 336 -4.08 57.11 32.77
CA TRP C 336 -5.19 58.03 32.58
C TRP C 336 -5.11 58.70 31.22
N LEU C 337 -3.89 58.84 30.65
CA LEU C 337 -3.73 59.42 29.32
C LEU C 337 -4.24 58.45 28.25
N ARG C 338 -3.99 57.14 28.41
CA ARG C 338 -4.51 56.11 27.52
C ARG C 338 -6.03 56.23 27.49
N ASP C 339 -6.67 56.37 28.68
CA ASP C 339 -8.11 56.47 28.81
C ASP C 339 -8.69 57.76 28.25
N LEU C 340 -7.96 58.88 28.41
CA LEU C 340 -8.34 60.18 27.86
C LEU C 340 -8.26 60.11 26.32
N ILE C 341 -7.17 59.50 25.77
CA ILE C 341 -6.97 59.35 24.32
C ILE C 341 -8.12 58.54 23.72
N CYS C 342 -8.44 57.42 24.36
CA CYS C 342 -9.51 56.53 23.93
C CYS C 342 -10.85 57.21 23.93
N ASP C 343 -11.15 57.95 25.00
CA ASP C 343 -12.39 58.70 25.14
C ASP C 343 -12.52 59.74 24.04
N GLU C 344 -11.43 60.49 23.75
CA GLU C 344 -11.45 61.51 22.69
C GLU C 344 -11.59 60.93 21.31
N LEU C 345 -10.95 59.77 21.07
CA LEU C 345 -11.05 59.07 19.80
C LEU C 345 -12.51 58.73 19.55
N LEU C 346 -13.19 58.18 20.57
CA LEU C 346 -14.59 57.83 20.47
C LEU C 346 -15.46 59.05 20.15
N ASN C 347 -15.16 60.22 20.78
CA ASN C 347 -15.83 61.51 20.58
C ASN C 347 -15.65 62.03 19.15
N MET C 348 -14.51 61.72 18.53
CA MET C 348 -14.18 62.10 17.14
C MET C 348 -14.96 61.27 16.11
N GLY C 349 -15.43 60.10 16.53
CA GLY C 349 -16.18 59.17 15.69
C GLY C 349 -15.39 57.97 15.20
N TYR C 350 -14.28 57.63 15.88
CA TYR C 350 -13.46 56.45 15.56
C TYR C 350 -14.24 55.19 15.93
N ALA C 351 -14.07 54.13 15.12
CA ALA C 351 -14.72 52.83 15.32
C ALA C 351 -14.50 52.33 16.76
N PRO C 352 -15.58 52.07 17.54
CA PRO C 352 -15.41 51.60 18.94
C PRO C 352 -14.56 50.33 19.10
N TRP C 353 -14.68 49.35 18.16
CA TRP C 353 -13.87 48.12 18.14
C TRP C 353 -12.37 48.43 18.02
N TRP C 354 -11.99 49.41 17.17
CA TRP C 354 -10.60 49.79 16.97
C TRP C 354 -10.06 50.45 18.23
N VAL C 355 -10.86 51.35 18.84
CA VAL C 355 -10.47 52.04 20.07
C VAL C 355 -10.25 50.99 21.18
N LYS C 356 -11.14 49.96 21.24
CA LYS C 356 -11.01 48.89 22.22
C LYS C 356 -9.71 48.10 22.05
N LEU C 357 -9.30 47.82 20.79
CA LEU C 357 -8.05 47.11 20.48
C LEU C 357 -6.88 47.96 21.00
N PHE C 358 -6.91 49.28 20.68
CA PHE C 358 -5.90 50.26 21.07
C PHE C 358 -5.77 50.35 22.59
N GLU C 359 -6.93 50.47 23.31
CA GLU C 359 -6.99 50.51 24.76
C GLU C 359 -6.33 49.23 25.34
N THR C 360 -6.76 48.05 24.84
CA THR C 360 -6.27 46.74 25.27
C THR C 360 -4.77 46.59 25.13
N SER C 361 -4.20 47.10 24.03
CA SER C 361 -2.76 47.05 23.76
C SER C 361 -1.94 47.76 24.85
N LEU C 362 -2.57 48.70 25.59
CA LEU C 362 -1.89 49.46 26.64
C LEU C 362 -2.27 49.01 28.09
N LYS C 363 -2.94 47.84 28.21
CA LYS C 363 -3.35 47.23 29.49
C LYS C 363 -2.93 45.78 29.57
N LEU C 364 -2.25 45.31 28.53
CA LEU C 364 -1.89 43.91 28.34
C LEU C 364 -0.92 43.31 29.35
N PRO C 365 -1.17 42.03 29.80
CA PRO C 365 -0.19 41.32 30.65
C PRO C 365 1.21 41.25 30.01
N VAL C 366 2.24 40.80 30.79
CA VAL C 366 3.63 40.69 30.31
C VAL C 366 4.25 39.35 30.71
N TYR C 367 4.91 38.67 29.77
CA TYR C 367 5.60 37.41 30.04
C TYR C 367 7.08 37.68 30.25
N VAL C 368 7.56 37.39 31.47
CA VAL C 368 8.94 37.62 31.88
C VAL C 368 9.83 36.40 31.56
N GLY C 369 10.78 36.60 30.66
CA GLY C 369 11.73 35.58 30.21
C GLY C 369 12.71 35.12 31.27
N ALA C 370 13.94 35.66 31.23
CA ALA C 370 14.98 35.30 32.20
C ALA C 370 15.79 36.51 32.67
N PRO C 371 15.35 37.18 33.77
CA PRO C 371 16.08 38.36 34.27
C PRO C 371 17.43 38.01 34.90
N ALA C 372 17.56 36.75 35.39
CA ALA C 372 18.77 36.24 36.04
C ALA C 372 18.75 34.70 36.02
N PRO C 373 19.88 34.01 36.30
CA PRO C 373 19.83 32.52 36.37
C PRO C 373 18.86 32.05 37.46
N GLU C 374 18.11 30.95 37.19
CA GLU C 374 17.09 30.39 38.11
C GLU C 374 15.90 31.36 38.43
N GLN C 375 15.61 32.33 37.53
CA GLN C 375 14.53 33.31 37.68
C GLN C 375 13.79 33.53 36.35
N GLY C 376 12.54 33.95 36.47
CA GLY C 376 11.71 34.27 35.31
C GLY C 376 10.68 33.23 34.99
N HIS C 377 10.37 33.12 33.70
CA HIS C 377 9.38 32.20 33.14
C HIS C 377 8.05 32.33 33.85
N THR C 378 7.59 33.60 33.98
CA THR C 378 6.37 33.96 34.68
C THR C 378 5.57 34.97 33.87
N LEU C 379 4.25 34.75 33.79
CA LEU C 379 3.30 35.66 33.16
C LEU C 379 2.73 36.53 34.26
N LEU C 380 2.81 37.87 34.08
CA LEU C 380 2.25 38.85 35.03
C LEU C 380 0.97 39.38 34.42
N GLY C 381 -0.12 39.30 35.19
CA GLY C 381 -1.45 39.74 34.75
C GLY C 381 -2.23 38.62 34.10
N ASP C 382 -3.57 38.76 34.07
CA ASP C 382 -4.45 37.75 33.50
C ASP C 382 -4.90 38.15 32.10
N PRO C 383 -4.55 37.36 31.04
CA PRO C 383 -4.97 37.72 29.69
C PRO C 383 -6.48 37.71 29.44
N SER C 384 -7.28 37.08 30.34
CA SER C 384 -8.73 37.02 30.23
C SER C 384 -9.36 38.39 30.45
N ASN C 385 -8.69 39.25 31.24
CA ASN C 385 -9.13 40.60 31.53
C ASN C 385 -7.91 41.54 31.65
N PRO C 386 -7.36 42.05 30.50
CA PRO C 386 -6.19 42.94 30.57
C PRO C 386 -6.44 44.17 31.47
N ASP C 387 -5.61 44.30 32.53
CA ASP C 387 -5.76 45.37 33.51
C ASP C 387 -4.41 45.91 34.06
N LEU C 388 -3.31 45.71 33.29
CA LEU C 388 -1.97 46.14 33.70
C LEU C 388 -1.71 47.63 33.45
N GLU C 389 -1.03 48.29 34.44
CA GLU C 389 -0.64 49.70 34.41
C GLU C 389 0.87 49.80 34.37
N VAL C 390 1.48 49.15 33.36
CA VAL C 390 2.95 49.10 33.19
C VAL C 390 3.55 50.45 32.78
N GLY C 391 2.69 51.30 32.25
CA GLY C 391 3.05 52.58 31.66
C GLY C 391 3.15 52.31 30.17
N LEU C 392 4.21 52.76 29.55
CA LEU C 392 4.39 52.51 28.13
C LEU C 392 5.06 51.13 27.90
N SER C 393 4.49 50.33 26.96
CA SER C 393 4.93 48.99 26.50
C SER C 393 5.65 49.19 25.17
N SER C 394 6.99 49.29 25.21
CA SER C 394 7.87 49.58 24.08
C SER C 394 7.56 48.98 22.69
N GLY C 395 6.97 47.80 22.66
CA GLY C 395 6.63 47.15 21.39
C GLY C 395 5.25 47.42 20.83
N GLN C 396 4.47 48.31 21.48
CA GLN C 396 3.12 48.72 21.05
C GLN C 396 3.27 49.51 19.74
N GLY C 397 2.28 49.44 18.86
CA GLY C 397 2.29 50.08 17.54
C GLY C 397 2.47 51.58 17.49
N ALA C 398 2.14 52.29 18.59
CA ALA C 398 2.20 53.76 18.71
C ALA C 398 3.02 54.29 19.91
N THR C 399 3.96 53.50 20.48
CA THR C 399 4.78 53.93 21.64
C THR C 399 5.47 55.27 21.54
N ASP C 400 5.94 55.63 20.32
CA ASP C 400 6.59 56.91 20.02
C ASP C 400 5.53 58.02 20.10
N LEU C 401 4.35 57.77 19.49
CA LEU C 401 3.24 58.72 19.48
C LEU C 401 2.70 58.97 20.88
N MET C 402 2.60 57.93 21.73
CA MET C 402 2.12 58.03 23.10
C MET C 402 3.03 58.88 24.00
N GLY C 403 4.33 58.72 23.84
CA GLY C 403 5.31 59.53 24.56
C GLY C 403 5.33 60.95 24.05
N THR C 404 5.18 61.15 22.72
CA THR C 404 5.16 62.46 22.07
C THR C 404 3.96 63.26 22.55
N LEU C 405 2.76 62.66 22.47
CA LEU C 405 1.48 63.26 22.86
C LEU C 405 1.60 63.73 24.33
N LEU C 406 1.95 62.84 25.28
CA LEU C 406 2.12 63.19 26.69
C LEU C 406 3.10 64.33 26.86
N MET C 407 4.33 64.14 26.36
CA MET C 407 5.40 65.12 26.54
C MET C 407 5.20 66.47 25.87
N SER C 408 4.73 66.50 24.60
CA SER C 408 4.51 67.78 23.91
C SER C 408 3.59 68.68 24.71
N ILE C 409 2.47 68.12 25.24
CA ILE C 409 1.50 68.85 26.07
C ILE C 409 2.09 69.18 27.43
N THR C 410 2.82 68.23 28.07
CA THR C 410 3.47 68.46 29.36
C THR C 410 4.38 69.69 29.30
N TYR C 411 5.23 69.80 28.25
CA TYR C 411 6.14 70.94 28.05
C TYR C 411 5.39 72.23 27.77
N LEU C 412 4.32 72.17 26.94
CA LEU C 412 3.50 73.35 26.64
C LEU C 412 2.85 73.89 27.92
N VAL C 413 2.29 72.99 28.77
CA VAL C 413 1.68 73.34 30.06
C VAL C 413 2.70 74.03 31.00
N MET C 414 3.90 73.49 31.12
CA MET C 414 5.02 74.06 31.89
C MET C 414 5.45 75.46 31.34
N GLN C 415 5.32 75.69 29.99
CA GLN C 415 5.59 77.01 29.38
C GLN C 415 4.42 77.97 29.72
N LEU C 416 3.16 77.47 29.70
CA LEU C 416 1.97 78.26 30.03
C LEU C 416 1.97 78.66 31.51
N ASP C 417 2.14 77.69 32.42
CA ASP C 417 2.17 77.88 33.86
C ASP C 417 3.25 78.85 34.33
N HIS C 418 4.49 78.65 33.87
CA HIS C 418 5.63 79.42 34.35
C HIS C 418 6.05 80.64 33.55
N THR C 419 5.62 80.75 32.28
CA THR C 419 6.08 81.82 31.42
C THR C 419 5.02 82.59 30.64
N ALA C 420 3.95 81.91 30.15
CA ALA C 420 2.94 82.58 29.33
C ALA C 420 1.47 82.55 29.81
N PRO C 421 1.14 83.11 31.01
CA PRO C 421 -0.28 83.11 31.45
C PRO C 421 -1.20 83.95 30.57
N HIS C 422 -0.61 84.87 29.78
CA HIS C 422 -1.34 85.73 28.84
C HIS C 422 -1.92 84.97 27.67
N LEU C 423 -1.48 83.72 27.46
CA LEU C 423 -1.99 82.89 26.37
C LEU C 423 -3.17 82.02 26.83
N ASN C 424 -3.40 81.89 28.16
CA ASN C 424 -4.49 81.10 28.73
C ASN C 424 -5.87 81.46 28.18
N SER C 425 -6.11 82.77 27.89
CA SER C 425 -7.35 83.30 27.33
C SER C 425 -7.66 82.73 25.93
N ARG C 426 -6.63 82.23 25.22
CA ARG C 426 -6.79 81.63 23.89
C ARG C 426 -7.32 80.18 23.96
N ILE C 427 -7.37 79.58 25.17
CA ILE C 427 -7.80 78.19 25.40
C ILE C 427 -9.05 78.21 26.28
N LYS C 428 -10.21 78.44 25.66
CA LYS C 428 -11.52 78.58 26.32
C LYS C 428 -12.43 77.35 26.17
N ASP C 429 -12.33 76.67 25.01
CA ASP C 429 -13.13 75.50 24.64
C ASP C 429 -12.32 74.57 23.72
N MET C 430 -12.93 73.51 23.17
CA MET C 430 -12.22 72.63 22.24
C MET C 430 -11.74 73.33 20.95
N PRO C 431 -12.59 74.10 20.20
CA PRO C 431 -12.10 74.77 19.00
C PRO C 431 -10.91 75.71 19.21
N SER C 432 -10.93 76.54 20.29
CA SER C 432 -9.84 77.47 20.66
C SER C 432 -8.55 76.71 21.07
N ALA C 433 -8.71 75.53 21.71
CA ALA C 433 -7.62 74.68 22.15
C ALA C 433 -6.91 74.08 20.92
N CYS C 434 -7.69 73.65 19.90
CA CYS C 434 -7.18 73.07 18.66
C CYS C 434 -6.48 74.10 17.80
N ARG C 435 -7.04 75.36 17.73
CA ARG C 435 -6.47 76.47 16.96
C ARG C 435 -5.13 76.93 17.54
N PHE C 436 -5.03 77.08 18.88
CA PHE C 436 -3.82 77.49 19.60
C PHE C 436 -2.72 76.45 19.43
N LEU C 437 -3.06 75.15 19.60
CA LEU C 437 -2.12 74.05 19.48
C LEU C 437 -1.60 73.91 18.06
N ASP C 438 -2.50 74.12 17.05
CA ASP C 438 -2.16 74.09 15.61
C ASP C 438 -1.12 75.13 15.31
N SER C 439 -1.28 76.33 15.89
CA SER C 439 -0.35 77.43 15.73
C SER C 439 0.99 77.15 16.44
N TYR C 440 0.92 76.69 17.70
CA TYR C 440 2.08 76.38 18.55
C TYR C 440 2.97 75.31 17.92
N TRP C 441 2.34 74.20 17.46
CA TRP C 441 3.03 73.08 16.84
C TRP C 441 3.72 73.42 15.51
N GLN C 442 3.24 74.48 14.80
CA GLN C 442 3.82 74.97 13.55
C GLN C 442 4.96 75.97 13.80
N GLY C 443 5.22 76.27 15.06
CA GLY C 443 6.25 77.22 15.49
C GLY C 443 5.87 78.66 15.27
N HIS C 444 4.56 78.97 15.31
CA HIS C 444 4.04 80.32 15.09
C HIS C 444 3.85 81.17 16.36
N GLU C 445 4.23 80.66 17.56
CA GLU C 445 4.06 81.43 18.81
C GLU C 445 5.36 81.86 19.49
N GLU C 446 5.25 82.76 20.51
CA GLU C 446 6.40 83.26 21.26
C GLU C 446 6.98 82.25 22.26
N ILE C 447 6.35 81.06 22.28
CA ILE C 447 6.77 79.86 23.01
C ILE C 447 6.79 78.75 21.96
N ARG C 448 7.92 78.03 21.88
CA ARG C 448 8.14 76.99 20.88
C ARG C 448 8.80 75.77 21.50
N GLN C 449 8.84 74.67 20.72
CA GLN C 449 9.49 73.42 21.12
C GLN C 449 9.81 72.53 19.92
N ILE C 450 10.84 71.71 20.09
CA ILE C 450 11.25 70.67 19.15
C ILE C 450 11.31 69.44 20.03
N SER C 451 10.54 68.39 19.70
CA SER C 451 10.50 67.22 20.57
C SER C 451 10.31 65.91 19.83
N LYS C 452 10.59 64.81 20.53
CA LYS C 452 10.33 63.42 20.15
C LYS C 452 10.42 62.63 21.46
N SER C 453 9.23 62.18 21.95
CA SER C 453 9.04 61.45 23.21
C SER C 453 9.62 62.24 24.41
N ASP C 454 10.60 61.68 25.13
CA ASP C 454 11.24 62.28 26.30
C ASP C 454 12.44 63.21 26.01
N ASP C 455 12.77 63.44 24.71
CA ASP C 455 13.84 64.35 24.33
C ASP C 455 13.21 65.58 23.72
N ALA C 456 13.60 66.76 24.23
CA ALA C 456 13.08 68.03 23.77
C ALA C 456 13.96 69.21 24.08
N MET C 457 13.72 70.30 23.36
CA MET C 457 14.34 71.60 23.54
C MET C 457 13.21 72.61 23.44
N LEU C 458 13.06 73.41 24.51
CA LEU C 458 11.99 74.41 24.66
C LEU C 458 12.52 75.80 24.34
N GLY C 459 11.78 76.52 23.51
CA GLY C 459 12.19 77.85 23.08
C GLY C 459 11.26 79.00 23.36
N TRP C 460 11.88 80.18 23.51
CA TRP C 460 11.24 81.47 23.73
C TRP C 460 11.85 82.48 22.76
N THR C 461 10.99 83.21 22.03
CA THR C 461 11.44 84.28 21.15
C THR C 461 11.31 85.55 22.00
N LYS C 462 11.48 86.74 21.39
CA LYS C 462 11.29 88.00 22.11
C LYS C 462 9.78 88.14 22.39
N GLY C 463 9.48 88.71 23.54
CA GLY C 463 8.09 88.91 23.95
C GLY C 463 7.89 88.84 25.44
N ARG C 464 6.59 88.81 25.82
CA ARG C 464 6.14 88.78 27.22
C ARG C 464 6.54 87.53 27.99
N ALA C 465 6.61 86.35 27.31
CA ALA C 465 6.96 85.07 27.92
C ALA C 465 8.44 84.91 28.22
N LEU C 466 9.33 85.60 27.47
CA LEU C 466 10.80 85.52 27.60
C LEU C 466 11.35 85.67 29.02
N VAL C 467 10.87 86.66 29.78
CA VAL C 467 11.29 86.87 31.17
C VAL C 467 10.97 85.65 32.04
N GLY C 468 9.78 85.06 31.84
CA GLY C 468 9.30 83.87 32.51
C GLY C 468 10.13 82.64 32.17
N GLY C 469 10.55 82.55 30.89
CA GLY C 469 11.40 81.50 30.38
C GLY C 469 12.71 81.40 31.12
N HIS C 470 13.30 82.57 31.45
CA HIS C 470 14.54 82.66 32.22
C HIS C 470 14.32 82.27 33.69
N ARG C 471 13.14 82.62 34.25
CA ARG C 471 12.74 82.29 35.63
C ARG C 471 12.58 80.77 35.80
N LEU C 472 11.96 80.10 34.80
CA LEU C 472 11.73 78.65 34.75
C LEU C 472 13.09 77.91 34.78
N PHE C 473 14.09 78.43 34.05
CA PHE C 473 15.44 77.88 33.99
C PHE C 473 16.09 77.95 35.36
N GLU C 474 15.90 79.10 36.04
CA GLU C 474 16.37 79.44 37.37
C GLU C 474 15.45 78.81 38.43
N MET C 475 14.71 77.77 37.99
CA MET C 475 13.80 76.94 38.80
C MET C 475 14.18 75.47 38.54
N LEU C 476 14.96 75.26 37.46
CA LEU C 476 15.49 73.96 37.04
C LEU C 476 16.95 73.79 37.49
N LYS C 477 17.73 74.91 37.54
CA LYS C 477 19.14 74.95 37.91
C LYS C 477 19.38 74.43 39.33
N GLU C 478 18.89 75.13 40.35
CA GLU C 478 18.93 74.74 41.77
C GLU C 478 18.08 73.48 42.00
N GLY C 479 17.07 73.30 41.15
CA GLY C 479 16.18 72.14 41.11
C GLY C 479 15.67 71.63 42.44
N LYS C 480 14.75 72.39 43.08
CA LYS C 480 14.11 71.97 44.33
C LYS C 480 12.62 71.74 44.13
N VAL C 481 12.07 72.35 43.05
CA VAL C 481 10.65 72.29 42.70
C VAL C 481 10.45 71.73 41.29
N ASN C 482 9.56 70.72 41.18
CA ASN C 482 9.25 70.11 39.90
C ASN C 482 8.31 71.06 39.16
N PRO C 483 8.68 71.50 37.93
CA PRO C 483 7.82 72.43 37.17
C PRO C 483 6.55 71.83 36.58
N SER C 484 6.38 70.51 36.63
CA SER C 484 5.22 69.85 36.06
C SER C 484 4.43 69.01 37.07
N PRO C 485 3.08 68.99 36.99
CA PRO C 485 2.33 68.05 37.83
C PRO C 485 2.25 66.62 37.22
N TYR C 486 2.66 66.46 35.94
CA TYR C 486 2.53 65.23 35.17
C TYR C 486 3.70 64.27 35.14
N MET C 487 4.93 64.79 34.99
CA MET C 487 6.15 63.99 34.93
C MET C 487 7.26 64.66 35.75
N LYS C 488 8.36 63.93 36.07
CA LYS C 488 9.50 64.46 36.81
C LYS C 488 10.44 65.10 35.80
N ILE C 489 10.44 66.45 35.76
CA ILE C 489 11.24 67.23 34.81
C ILE C 489 12.42 67.93 35.49
N SER C 490 13.55 67.96 34.77
CA SER C 490 14.81 68.60 35.13
C SER C 490 15.48 69.07 33.82
N TYR C 491 16.65 69.69 33.94
CA TYR C 491 17.40 70.12 32.75
C TYR C 491 18.44 69.05 32.47
N GLU C 492 18.79 68.87 31.19
CA GLU C 492 19.81 67.92 30.78
C GLU C 492 21.20 68.50 31.15
N HIS C 493 22.04 67.74 31.89
CA HIS C 493 23.39 68.20 32.23
C HIS C 493 24.32 67.87 31.03
N GLY C 494 24.33 68.79 30.08
CA GLY C 494 25.01 68.67 28.80
C GLY C 494 23.98 68.54 27.71
N GLY C 495 23.26 69.63 27.45
CA GLY C 495 22.17 69.71 26.48
C GLY C 495 22.44 69.11 25.12
N ALA C 496 21.55 68.20 24.69
CA ALA C 496 21.60 67.56 23.38
C ALA C 496 20.18 67.23 22.90
N PHE C 497 20.00 67.19 21.58
CA PHE C 497 18.71 66.85 21.00
C PHE C 497 18.88 65.85 19.90
N LEU C 498 18.32 64.63 20.11
CA LEU C 498 18.35 63.52 19.19
C LEU C 498 19.78 63.20 18.66
N GLY C 499 20.70 63.00 19.61
CA GLY C 499 22.11 62.64 19.35
C GLY C 499 23.11 63.76 19.11
N ASP C 500 22.58 64.97 18.77
CA ASP C 500 23.40 66.16 18.49
C ASP C 500 23.49 67.10 19.67
N ILE C 501 24.73 67.37 20.10
CA ILE C 501 25.00 68.26 21.21
C ILE C 501 24.86 69.72 20.77
N LEU C 502 24.22 70.56 21.61
CA LEU C 502 24.08 71.99 21.33
C LEU C 502 25.25 72.73 21.97
N LEU C 503 26.16 73.24 21.09
CA LEU C 503 27.38 73.97 21.48
C LEU C 503 27.27 75.50 21.42
N TYR C 504 27.13 76.11 22.60
CA TYR C 504 27.10 77.56 22.76
C TYR C 504 28.56 78.04 22.90
N ASP C 505 28.84 79.32 22.59
CA ASP C 505 30.19 79.89 22.75
C ASP C 505 30.25 80.71 24.04
N SER C 506 31.09 81.77 24.08
CA SER C 506 31.24 82.65 25.26
C SER C 506 29.95 83.40 25.62
N ARG C 507 29.11 83.70 24.61
CA ARG C 507 27.85 84.41 24.76
C ARG C 507 26.76 83.59 25.45
N ARG C 508 26.81 82.24 25.31
CA ARG C 508 25.83 81.28 25.86
C ARG C 508 24.39 81.63 25.42
N GLU C 509 24.22 81.90 24.12
CA GLU C 509 22.94 82.28 23.50
C GLU C 509 22.66 81.36 22.31
N PRO C 510 21.36 80.99 22.07
CA PRO C 510 21.04 80.10 20.93
C PRO C 510 21.43 80.60 19.54
N GLY C 511 21.41 81.91 19.36
CA GLY C 511 21.75 82.57 18.09
C GLY C 511 23.15 82.26 17.59
N SER C 512 24.12 82.17 18.52
CA SER C 512 25.52 81.90 18.20
C SER C 512 25.96 80.46 18.53
N ALA C 513 24.98 79.60 18.88
CA ALA C 513 25.22 78.19 19.20
C ALA C 513 25.25 77.33 17.92
N ILE C 514 25.65 76.06 18.03
CA ILE C 514 25.74 75.12 16.90
C ILE C 514 25.47 73.68 17.32
N PHE C 515 24.80 72.89 16.45
CA PHE C 515 24.56 71.46 16.71
C PHE C 515 25.72 70.66 16.14
N VAL C 516 26.35 69.88 17.00
CA VAL C 516 27.51 69.05 16.65
C VAL C 516 27.32 67.61 17.11
N GLY C 517 27.91 66.67 16.36
CA GLY C 517 27.83 65.26 16.70
C GLY C 517 28.47 64.97 18.04
N ASN C 518 27.96 63.94 18.75
CA ASN C 518 28.53 63.56 20.05
C ASN C 518 29.73 62.59 19.83
N ILE C 519 30.97 63.04 20.16
CA ILE C 519 32.19 62.22 19.98
C ILE C 519 32.16 60.96 20.85
N ASN C 520 31.50 61.03 22.03
CA ASN C 520 31.37 59.88 22.90
C ASN C 520 30.52 58.81 22.22
N SER C 521 29.51 59.20 21.41
CA SER C 521 28.66 58.27 20.65
C SER C 521 29.49 57.55 19.59
N MET C 522 30.51 58.24 18.99
CA MET C 522 31.40 57.62 18.01
C MET C 522 32.17 56.47 18.67
N LEU C 523 32.71 56.74 19.87
CA LEU C 523 33.44 55.76 20.66
C LEU C 523 32.56 54.60 21.15
N ASN C 524 31.30 54.93 21.55
CA ASN C 524 30.30 53.94 21.94
C ASN C 524 30.04 52.99 20.77
N ASN C 525 29.76 53.55 19.59
CA ASN C 525 29.47 52.78 18.39
C ASN C 525 30.64 51.94 17.90
N GLN C 526 31.86 52.48 17.95
CA GLN C 526 33.02 51.73 17.46
C GLN C 526 33.50 50.67 18.42
N PHE C 527 33.67 51.00 19.71
CA PHE C 527 34.25 50.07 20.66
C PHE C 527 33.31 49.34 21.61
N SER C 528 32.06 49.81 21.73
CA SER C 528 31.06 49.15 22.57
C SER C 528 29.75 48.92 21.78
N PRO C 529 29.75 48.16 20.65
CA PRO C 529 28.49 47.93 19.94
C PRO C 529 27.52 47.12 20.81
N GLU C 530 26.20 47.26 20.60
CA GLU C 530 25.24 46.51 21.40
C GLU C 530 25.26 45.01 21.04
N TYR C 531 25.46 44.72 19.74
CA TYR C 531 25.49 43.36 19.24
C TYR C 531 26.86 42.97 18.66
N GLY C 532 27.13 41.66 18.59
CA GLY C 532 28.39 41.14 18.04
C GLY C 532 28.48 41.35 16.54
N VAL C 533 28.97 40.35 15.82
CA VAL C 533 29.03 40.47 14.37
C VAL C 533 28.12 39.45 13.70
N GLN C 534 27.77 38.37 14.47
CA GLN C 534 26.92 37.25 14.05
C GLN C 534 27.46 36.63 12.75
N SER C 535 28.77 36.33 12.72
CA SER C 535 29.45 35.77 11.55
C SER C 535 28.85 34.46 11.01
N GLY C 536 28.11 33.75 11.87
CA GLY C 536 27.40 32.51 11.54
C GLY C 536 26.08 32.69 10.81
N VAL C 537 25.51 33.91 10.85
CA VAL C 537 24.25 34.26 10.17
C VAL C 537 24.59 34.63 8.73
N ARG C 538 24.10 33.82 7.76
CA ARG C 538 24.35 34.01 6.34
C ARG C 538 23.79 35.33 5.80
N ASP C 539 22.48 35.56 5.99
CA ASP C 539 21.81 36.78 5.54
C ASP C 539 22.26 38.02 6.32
N ARG C 540 22.08 39.23 5.74
CA ARG C 540 22.48 40.53 6.33
C ARG C 540 21.37 41.58 6.55
N SER C 541 20.30 41.60 5.72
CA SER C 541 19.17 42.57 5.82
C SER C 541 18.31 42.40 7.10
N LYS C 542 18.37 41.19 7.71
CA LYS C 542 17.68 40.73 8.92
C LYS C 542 18.57 40.80 10.19
N ARG C 543 19.92 40.68 9.97
CA ARG C 543 21.01 40.71 10.97
C ARG C 543 21.00 42.02 11.76
N LYS C 544 21.33 41.94 13.07
CA LYS C 544 21.32 43.10 13.96
C LYS C 544 22.36 44.17 13.57
N ARG C 545 23.59 43.73 13.24
CA ARG C 545 24.65 44.60 12.71
C ARG C 545 24.92 44.09 11.30
N PRO C 546 24.23 44.67 10.29
CA PRO C 546 24.37 44.17 8.92
C PRO C 546 25.77 44.27 8.36
N PHE C 547 26.26 45.51 8.18
CA PHE C 547 27.57 45.84 7.60
C PHE C 547 28.50 46.64 8.57
N PRO C 548 29.66 46.08 9.04
CA PRO C 548 30.52 46.86 9.96
C PRO C 548 31.30 48.01 9.29
N GLY C 549 32.02 47.71 8.20
CA GLY C 549 32.84 48.65 7.43
C GLY C 549 32.24 49.96 6.98
N LEU C 550 30.90 50.03 6.79
CA LEU C 550 30.19 51.24 6.36
C LEU C 550 30.14 52.37 7.39
N ALA C 551 30.41 52.07 8.68
CA ALA C 551 30.46 53.06 9.75
C ALA C 551 31.60 54.05 9.46
N TRP C 552 32.67 53.54 8.83
CA TRP C 552 33.86 54.26 8.38
C TRP C 552 33.43 55.19 7.23
N ALA C 553 32.87 54.59 6.15
CA ALA C 553 32.38 55.25 4.93
C ALA C 553 31.57 56.54 5.13
N SER C 554 30.96 56.73 6.32
CA SER C 554 30.19 57.93 6.66
C SER C 554 30.53 58.46 8.08
N MET C 555 31.84 58.52 8.40
CA MET C 555 32.32 58.96 9.72
C MET C 555 32.52 60.48 9.83
N LYS C 556 33.18 61.10 8.81
CA LYS C 556 33.47 62.54 8.78
C LYS C 556 32.23 63.40 8.90
N ASP C 557 31.20 63.18 8.04
CA ASP C 557 29.96 63.97 8.07
C ASP C 557 29.21 63.83 9.38
N THR C 558 29.32 62.67 10.03
CA THR C 558 28.67 62.39 11.29
C THR C 558 29.36 63.14 12.46
N TYR C 559 30.56 62.66 12.85
CA TYR C 559 31.33 63.14 14.00
C TYR C 559 32.38 64.25 13.78
N GLY C 560 32.72 64.50 12.52
CA GLY C 560 33.71 65.50 12.09
C GLY C 560 33.58 66.88 12.72
N ALA C 561 32.33 67.37 12.87
CA ALA C 561 32.00 68.68 13.47
C ALA C 561 32.39 68.81 14.94
N CYS C 562 32.65 67.68 15.64
CA CYS C 562 33.06 67.75 17.03
C CYS C 562 34.44 68.41 17.15
N PRO C 563 34.61 69.41 18.05
CA PRO C 563 35.90 70.10 18.20
C PRO C 563 37.14 69.20 18.33
N ILE C 564 37.01 68.05 19.02
CA ILE C 564 38.12 67.12 19.27
C ILE C 564 38.16 65.89 18.36
N TYR C 565 37.49 65.93 17.19
CA TYR C 565 37.41 64.83 16.21
C TYR C 565 38.76 64.22 15.79
N SER C 566 39.74 65.07 15.43
CA SER C 566 41.09 64.67 15.01
C SER C 566 41.93 64.12 16.16
N ASP C 567 41.82 64.78 17.34
CA ASP C 567 42.51 64.41 18.58
C ASP C 567 42.15 62.99 19.01
N VAL C 568 40.86 62.63 18.91
CA VAL C 568 40.31 61.33 19.27
C VAL C 568 40.85 60.25 18.32
N LEU C 569 40.83 60.52 17.00
CA LEU C 569 41.33 59.55 16.01
C LEU C 569 42.82 59.24 16.18
N GLU C 570 43.62 60.27 16.56
CA GLU C 570 45.06 60.14 16.83
C GLU C 570 45.26 59.31 18.09
N ALA C 571 44.47 59.59 19.17
CA ALA C 571 44.53 58.87 20.44
C ALA C 571 44.17 57.40 20.24
N ILE C 572 43.16 57.11 19.39
CA ILE C 572 42.74 55.75 19.06
C ILE C 572 43.92 55.03 18.39
N GLU C 573 44.49 55.66 17.34
CA GLU C 573 45.58 55.10 16.53
C GLU C 573 46.81 54.75 17.37
N ARG C 574 47.19 55.64 18.31
CA ARG C 574 48.28 55.47 19.26
C ARG C 574 48.01 54.29 20.23
N CYS C 575 46.83 54.25 20.88
CA CYS C 575 46.47 53.16 21.82
C CYS C 575 46.30 51.81 21.13
N TRP C 576 45.92 51.82 19.84
CA TRP C 576 45.80 50.60 19.02
C TRP C 576 47.21 50.11 18.68
N TRP C 577 48.18 51.02 18.35
CA TRP C 577 49.58 50.63 18.08
C TRP C 577 50.11 49.90 19.29
N ASN C 578 49.85 50.46 20.49
CA ASN C 578 50.30 49.96 21.79
C ASN C 578 49.77 48.57 22.10
N ALA C 579 48.45 48.42 22.06
CA ALA C 579 47.72 47.20 22.39
C ALA C 579 47.91 46.03 21.43
N PHE C 580 47.81 46.27 20.11
CA PHE C 580 47.86 45.23 19.08
C PHE C 580 49.12 45.21 18.25
N GLY C 581 49.52 46.38 17.76
CA GLY C 581 50.67 46.53 16.90
C GLY C 581 50.24 46.83 15.49
N GLU C 582 48.91 46.95 15.30
CA GLU C 582 48.25 47.23 14.02
C GLU C 582 47.93 48.73 13.92
N SER C 583 47.74 49.24 12.70
CA SER C 583 47.32 50.63 12.49
C SER C 583 45.80 50.54 12.41
N TYR C 584 45.07 51.10 13.42
CA TYR C 584 43.61 51.04 13.46
C TYR C 584 42.97 51.53 12.18
N ARG C 585 43.44 52.67 11.67
CA ARG C 585 42.96 53.25 10.41
C ARG C 585 43.08 52.25 9.26
N ALA C 586 44.25 51.60 9.12
CA ALA C 586 44.48 50.59 8.09
C ALA C 586 43.55 49.37 8.25
N TYR C 587 43.36 48.92 9.51
CA TYR C 587 42.49 47.80 9.90
C TYR C 587 41.06 48.06 9.43
N ARG C 588 40.56 49.28 9.68
CA ARG C 588 39.23 49.68 9.27
C ARG C 588 39.11 49.81 7.76
N GLU C 589 40.17 50.31 7.10
CA GLU C 589 40.20 50.47 5.65
C GLU C 589 40.16 49.14 4.92
N ASP C 590 40.80 48.09 5.48
CA ASP C 590 40.74 46.73 4.94
C ASP C 590 39.31 46.18 5.11
N MET C 591 38.72 46.40 6.31
CA MET C 591 37.35 46.02 6.67
C MET C 591 36.39 46.64 5.67
N LEU C 592 36.54 47.98 5.46
CA LEU C 592 35.77 48.83 4.56
C LEU C 592 35.81 48.32 3.12
N LYS C 593 36.97 47.84 2.65
CA LYS C 593 37.13 47.28 1.30
C LYS C 593 36.21 46.09 1.05
N ARG C 594 36.29 45.03 1.90
CA ARG C 594 35.48 43.80 1.76
C ARG C 594 33.98 44.08 1.93
N ASP C 595 33.66 45.12 2.75
CA ASP C 595 32.33 45.62 3.08
C ASP C 595 31.66 46.39 1.93
N THR C 596 32.47 47.19 1.19
CA THR C 596 32.07 47.96 0.00
C THR C 596 31.73 46.98 -1.12
N LEU C 597 32.55 45.92 -1.29
CA LEU C 597 32.36 44.89 -2.30
C LEU C 597 31.09 44.07 -2.08
N GLU C 598 30.74 43.79 -0.82
CA GLU C 598 29.56 42.99 -0.45
C GLU C 598 28.19 43.67 -0.58
N LEU C 599 28.09 44.99 -0.30
CA LEU C 599 26.85 45.78 -0.36
C LEU C 599 26.13 45.76 -1.72
N SER C 600 26.86 45.47 -2.82
CA SER C 600 26.29 45.39 -4.19
C SER C 600 25.34 44.19 -4.47
N ARG C 601 25.24 43.22 -3.51
CA ARG C 601 24.38 42.01 -3.59
C ARG C 601 22.95 42.23 -3.01
N TYR C 602 22.77 43.21 -2.08
CA TYR C 602 21.51 43.54 -1.39
C TYR C 602 20.83 44.88 -1.82
N VAL C 603 21.26 45.48 -2.96
CA VAL C 603 20.71 46.70 -3.56
C VAL C 603 20.56 46.47 -5.08
N ALA C 604 19.36 46.69 -5.64
CA ALA C 604 19.07 46.48 -7.06
C ALA C 604 19.53 47.64 -7.97
N SER C 605 19.38 48.89 -7.47
CA SER C 605 19.74 50.13 -8.18
C SER C 605 21.24 50.36 -8.39
N MET C 606 22.08 50.03 -7.38
CA MET C 606 23.53 50.21 -7.44
C MET C 606 24.18 48.98 -8.11
N ALA C 607 24.92 49.21 -9.22
CA ALA C 607 25.59 48.17 -10.02
C ALA C 607 26.67 47.41 -9.24
N ALA C 613 27.58 56.57 -4.06
CA ALA C 613 27.81 58.00 -4.23
C ALA C 613 26.59 58.83 -3.85
N GLU C 614 25.39 58.42 -4.31
CA GLU C 614 24.13 59.11 -4.02
C GLU C 614 23.64 58.90 -2.57
N LEU C 615 24.40 58.09 -1.78
CA LEU C 615 24.13 57.76 -0.37
C LEU C 615 24.34 58.94 0.58
N THR C 616 23.27 59.34 1.31
CA THR C 616 23.27 60.44 2.28
C THR C 616 23.91 59.98 3.63
N PRO C 617 24.38 60.92 4.52
CA PRO C 617 25.03 60.47 5.78
C PRO C 617 24.11 59.78 6.79
N ILE C 618 22.80 60.07 6.72
CA ILE C 618 21.74 59.53 7.59
C ILE C 618 21.51 58.03 7.33
N ASP C 619 21.43 57.62 6.04
CA ASP C 619 21.21 56.25 5.56
C ASP C 619 22.31 55.24 5.91
N LEU C 620 23.60 55.64 5.82
CA LEU C 620 24.75 54.77 6.09
C LEU C 620 25.04 54.47 7.58
N GLU C 621 24.46 55.30 8.49
CA GLU C 621 24.54 55.14 9.96
C GLU C 621 23.47 54.12 10.37
N VAL C 622 22.32 54.16 9.67
CA VAL C 622 21.19 53.24 9.81
C VAL C 622 21.60 51.87 9.21
N LEU C 623 22.42 51.89 8.12
CA LEU C 623 22.96 50.71 7.42
C LEU C 623 23.96 49.95 8.31
N ALA C 624 24.63 50.66 9.22
CA ALA C 624 25.60 50.10 10.16
C ALA C 624 24.91 49.73 11.48
N ASP C 625 23.85 50.49 11.85
CA ASP C 625 23.08 50.32 13.09
C ASP C 625 21.57 50.66 12.91
N PRO C 626 20.70 49.70 12.49
CA PRO C 626 19.27 50.03 12.32
C PRO C 626 18.48 50.49 13.56
N ASN C 627 19.16 50.66 14.72
CA ASN C 627 18.62 51.22 15.95
C ASN C 627 18.85 52.74 15.92
N LYS C 628 19.19 53.28 14.73
CA LYS C 628 19.34 54.72 14.51
C LYS C 628 17.95 55.26 14.20
N LEU C 629 17.03 54.38 13.72
CA LEU C 629 15.61 54.70 13.52
C LEU C 629 14.93 54.48 14.92
N GLN C 630 15.72 54.59 16.02
CA GLN C 630 15.30 54.35 17.42
C GLN C 630 15.77 55.46 18.39
N TYR C 631 15.00 55.69 19.49
CA TYR C 631 15.20 56.63 20.62
C TYR C 631 15.73 58.06 20.29
N VAL C 645 15.69 48.10 2.16
CA VAL C 645 16.64 47.06 2.59
C VAL C 645 16.18 46.47 3.92
N LEU C 646 15.70 47.36 4.82
CA LEU C 646 15.28 47.01 6.16
C LEU C 646 13.78 46.68 6.36
N MET C 647 12.87 47.00 5.38
CA MET C 647 11.41 46.71 5.49
C MET C 647 10.55 46.54 4.20
N HIS C 648 9.59 45.57 4.23
CA HIS C 648 8.59 45.24 3.17
C HIS C 648 7.14 45.49 3.71
N GLY C 649 6.17 45.70 2.81
CA GLY C 649 4.81 46.02 3.20
C GLY C 649 3.64 45.22 2.67
N VAL C 650 2.47 45.45 3.31
CA VAL C 650 1.14 44.93 2.98
C VAL C 650 0.60 45.99 2.03
N SER C 651 -0.08 45.60 0.93
CA SER C 651 -0.60 46.54 -0.08
C SER C 651 -1.47 47.66 0.48
N VAL C 652 -1.36 48.86 -0.12
CA VAL C 652 -2.15 50.06 0.27
C VAL C 652 -3.65 49.83 0.00
N GLU C 653 -3.99 48.88 -0.88
CA GLU C 653 -5.37 48.51 -1.23
C GLU C 653 -6.06 47.88 0.00
N LYS C 654 -5.34 46.98 0.70
CA LYS C 654 -5.82 46.29 1.91
C LYS C 654 -5.88 47.26 3.09
N THR C 655 -4.86 48.15 3.24
CA THR C 655 -4.81 49.12 4.35
C THR C 655 -5.84 50.23 4.17
N GLU C 656 -6.06 50.68 2.91
CA GLU C 656 -7.01 51.72 2.54
C GLU C 656 -8.43 51.31 2.95
N ARG C 657 -8.80 50.04 2.66
CA ARG C 657 -10.11 49.48 3.00
C ARG C 657 -10.25 49.35 4.52
N PHE C 658 -9.16 48.94 5.21
CA PHE C 658 -9.14 48.81 6.66
C PHE C 658 -9.34 50.19 7.31
N LEU C 659 -8.53 51.19 6.89
CA LEU C 659 -8.56 52.55 7.41
C LEU C 659 -9.92 53.24 7.26
N ARG C 660 -10.63 52.99 6.14
CA ARG C 660 -11.96 53.52 5.86
C ARG C 660 -12.97 53.08 6.93
N SER C 661 -12.85 51.82 7.39
CA SER C 661 -13.71 51.21 8.40
C SER C 661 -13.45 51.69 9.84
N VAL C 662 -12.25 52.22 10.11
CA VAL C 662 -11.80 52.69 11.44
C VAL C 662 -12.20 54.15 11.67
N MET C 663 -11.78 54.98 10.74
CA MET C 663 -11.88 56.41 10.75
C MET C 663 -13.27 57.00 10.72
N PRO C 664 -13.42 58.23 11.30
CA PRO C 664 -14.73 58.86 11.31
C PRO C 664 -15.18 59.30 9.93
N ARG C 665 -16.40 58.86 9.61
CA ARG C 665 -17.28 59.12 8.47
C ARG C 665 -16.59 59.63 7.18
#